data_5GSN
#
_entry.id   5GSN
#
_cell.length_a   60.849
_cell.length_b   207.578
_cell.length_c   72.517
_cell.angle_alpha   90.00
_cell.angle_beta   90.31
_cell.angle_gamma   90.00
#
_symmetry.space_group_name_H-M   'P 1 21 1'
#
loop_
_entity.id
_entity.type
_entity.pdbx_description
1 polymer 'Flavin-containing monooxygenase'
2 non-polymer 'NADP NICOTINAMIDE-ADENINE-DINUCLEOTIDE PHOSPHATE'
3 non-polymer 'FLAVIN-ADENINE DINUCLEOTIDE'
4 non-polymer 1-METHYL-1,3-DIHYDRO-2H-IMIDAZOLE-2-THIONE
5 water water
#
_entity_poly.entity_id   1
_entity_poly.type   'polypeptide(L)'
_entity_poly.pdbx_seq_one_letter_code
;MTKRVAVIGAGPSGLAQLRAFQSAADQGAEIPEIVCFEKQANWGGLWNYTWRTGLDENGEPVHCSMYRYLWSNGPKEGLE
FADYSFEEHFGKQIASYPPRAVLFDYIEGRVHKADVRKWIRFNSPVRWVSYDAETAKFTVTAHNHETDSTYSAAFDHVIC
ASGHFSTPNVPFYEGFDTFNGRIVHAHDFRDAREFEGKDVLVMGASSSAEDIGSQCWKYGAKSITSCYRSAPMGYAWPDN
WEEKPALEKLTGKTAHFADGSTRDVDAIILCTGYKHFFSFLPDDLRLKTANRLATADLYKGVAYVHNPAMFYLGMQDQWF
TFNMFDAQAWWVRDAILGRITLPKDKAAMLADVAERETREEASDDVKYAIRYQADYVKELVAETDYPSFDIDGACDAFFE
WKKHKAKDIMAFRDNSYKSVITGTMAPVHHTPWKEALDDSMEAYLQNHHHHHH
;
_entity_poly.pdbx_strand_id   A,B,C,D
#
# COMPACT_ATOMS: atom_id res chain seq x y z
N THR A 2 -1.23 -13.09 11.35
CA THR A 2 -2.30 -13.34 10.39
C THR A 2 -2.49 -14.83 10.10
N LYS A 3 -3.66 -15.18 9.56
CA LYS A 3 -3.93 -16.52 9.06
C LYS A 3 -3.16 -16.73 7.78
N ARG A 4 -2.98 -17.99 7.39
CA ARG A 4 -2.35 -18.28 6.11
C ARG A 4 -3.16 -19.34 5.40
N VAL A 5 -3.23 -19.20 4.08
CA VAL A 5 -3.96 -20.14 3.26
C VAL A 5 -2.99 -20.66 2.21
N ALA A 6 -3.01 -21.98 2.01
CA ALA A 6 -2.21 -22.62 0.96
C ALA A 6 -3.09 -23.06 -0.21
N VAL A 7 -2.74 -22.63 -1.41
CA VAL A 7 -3.48 -23.01 -2.61
C VAL A 7 -2.68 -24.01 -3.45
N ILE A 8 -3.27 -25.19 -3.68
CA ILE A 8 -2.60 -26.23 -4.46
C ILE A 8 -3.03 -26.21 -5.93
N GLY A 9 -2.19 -25.65 -6.77
CA GLY A 9 -2.48 -25.61 -8.19
C GLY A 9 -2.62 -24.17 -8.65
N ALA A 10 -2.02 -23.88 -9.81
CA ALA A 10 -2.10 -22.59 -10.46
C ALA A 10 -2.64 -22.77 -11.90
N GLY A 11 -3.60 -23.66 -12.06
CA GLY A 11 -4.41 -23.69 -13.28
C GLY A 11 -5.57 -22.71 -13.13
N PRO A 12 -6.55 -22.74 -14.03
CA PRO A 12 -7.71 -21.84 -13.92
C PRO A 12 -8.40 -21.77 -12.54
N SER A 13 -8.57 -22.89 -11.83
CA SER A 13 -9.21 -22.81 -10.53
C SER A 13 -8.31 -22.13 -9.50
N GLY A 14 -7.10 -22.63 -9.36
CA GLY A 14 -6.15 -22.00 -8.46
C GLY A 14 -5.94 -20.52 -8.78
N LEU A 15 -5.89 -20.17 -10.08
CA LEU A 15 -5.71 -18.78 -10.48
C LEU A 15 -6.94 -17.94 -10.13
N ALA A 16 -8.11 -18.53 -10.35
CA ALA A 16 -9.35 -17.86 -9.97
C ALA A 16 -9.34 -17.57 -8.48
N GLN A 17 -8.82 -18.51 -7.69
CA GLN A 17 -8.76 -18.38 -6.24
C GLN A 17 -7.83 -17.24 -5.84
N LEU A 18 -6.76 -17.03 -6.60
CA LEU A 18 -5.82 -15.98 -6.25
C LEU A 18 -6.42 -14.61 -6.59
N ARG A 19 -7.06 -14.53 -7.75
CA ARG A 19 -7.79 -13.35 -8.18
C ARG A 19 -8.83 -12.95 -7.13
N ALA A 20 -9.66 -13.90 -6.73
CA ALA A 20 -10.63 -13.68 -5.67
C ALA A 20 -9.99 -12.94 -4.50
N PHE A 21 -8.96 -13.53 -3.93
CA PHE A 21 -8.31 -12.93 -2.78
C PHE A 21 -7.70 -11.55 -3.07
N GLN A 22 -7.21 -11.34 -4.28
N GLN A 22 -7.20 -11.36 -4.29
CA GLN A 22 -6.61 -10.05 -4.61
CA GLN A 22 -6.62 -10.08 -4.69
C GLN A 22 -7.71 -8.98 -4.78
C GLN A 22 -7.70 -9.01 -4.77
N SER A 23 -8.83 -9.36 -5.38
CA SER A 23 -9.96 -8.44 -5.57
C SER A 23 -10.47 -7.93 -4.24
N ALA A 24 -10.59 -8.83 -3.28
CA ALA A 24 -11.02 -8.47 -1.92
C ALA A 24 -10.08 -7.47 -1.25
N ALA A 25 -8.78 -7.71 -1.38
CA ALA A 25 -7.79 -6.90 -0.68
C ALA A 25 -7.62 -5.52 -1.32
N ASP A 26 -7.74 -5.47 -2.64
CA ASP A 26 -7.73 -4.21 -3.37
C ASP A 26 -8.86 -3.31 -2.85
N GLN A 27 -10.00 -3.91 -2.55
CA GLN A 27 -11.14 -3.18 -2.02
C GLN A 27 -10.98 -2.87 -0.53
N GLY A 28 -9.92 -3.38 0.06
CA GLY A 28 -9.56 -2.96 1.41
C GLY A 28 -9.97 -3.88 2.55
N ALA A 29 -10.41 -5.08 2.23
CA ALA A 29 -10.58 -6.13 3.24
C ALA A 29 -9.21 -6.68 3.62
N GLU A 30 -9.03 -6.95 4.90
CA GLU A 30 -7.88 -7.70 5.36
C GLU A 30 -7.94 -9.09 4.73
N ILE A 31 -6.80 -9.60 4.26
CA ILE A 31 -6.76 -10.98 3.81
C ILE A 31 -5.63 -11.79 4.47
N PRO A 32 -5.82 -13.11 4.63
CA PRO A 32 -4.70 -13.95 5.10
C PRO A 32 -3.55 -13.91 4.11
N GLU A 33 -2.38 -14.40 4.51
CA GLU A 33 -1.29 -14.60 3.56
C GLU A 33 -1.66 -15.73 2.63
N ILE A 34 -1.22 -15.64 1.39
CA ILE A 34 -1.55 -16.63 0.38
C ILE A 34 -0.29 -17.26 -0.19
N VAL A 35 -0.23 -18.59 -0.16
CA VAL A 35 0.86 -19.32 -0.78
C VAL A 35 0.29 -20.35 -1.74
N CYS A 36 0.64 -20.23 -3.00
CA CYS A 36 0.11 -21.15 -3.99
C CYS A 36 1.27 -22.00 -4.50
N PHE A 37 1.14 -23.31 -4.34
CA PHE A 37 2.17 -24.23 -4.77
C PHE A 37 1.81 -24.78 -6.14
N GLU A 38 2.75 -24.68 -7.08
CA GLU A 38 2.52 -25.15 -8.44
C GLU A 38 3.62 -26.14 -8.88
N LYS A 39 3.19 -27.31 -9.30
CA LYS A 39 4.10 -28.36 -9.74
C LYS A 39 4.91 -27.92 -10.95
N GLN A 40 4.23 -27.37 -11.95
CA GLN A 40 4.82 -27.04 -13.25
C GLN A 40 5.76 -25.86 -13.16
N ALA A 41 6.40 -25.53 -14.28
CA ALA A 41 7.29 -24.37 -14.38
C ALA A 41 6.51 -23.07 -14.51
N ASN A 42 5.30 -23.18 -15.06
CA ASN A 42 4.46 -22.02 -15.30
C ASN A 42 3.02 -22.29 -14.88
N TRP A 43 2.22 -21.22 -14.77
CA TRP A 43 0.79 -21.32 -14.50
C TRP A 43 0.04 -21.72 -15.79
N GLY A 44 -1.24 -22.04 -15.66
CA GLY A 44 -2.00 -22.49 -16.82
C GLY A 44 -2.73 -23.80 -16.62
N GLY A 45 -2.27 -24.62 -15.67
CA GLY A 45 -2.82 -25.94 -15.45
C GLY A 45 -2.84 -26.73 -16.74
N LEU A 46 -4.00 -27.26 -17.10
CA LEU A 46 -4.15 -28.04 -18.33
C LEU A 46 -3.80 -27.26 -19.63
N TRP A 47 -3.78 -25.94 -19.55
CA TRP A 47 -3.66 -25.12 -20.76
C TRP A 47 -2.21 -24.78 -21.10
N ASN A 48 -1.33 -24.95 -20.13
CA ASN A 48 0.11 -24.92 -20.32
C ASN A 48 0.54 -26.21 -21.01
N TYR A 49 0.73 -26.17 -22.33
CA TYR A 49 1.08 -27.33 -23.13
C TYR A 49 2.54 -27.76 -23.01
N THR A 50 2.79 -29.06 -22.98
CA THR A 50 4.14 -29.57 -23.21
C THR A 50 4.13 -30.77 -24.11
N TRP A 51 5.28 -31.02 -24.74
CA TRP A 51 5.45 -32.17 -25.62
C TRP A 51 5.65 -33.42 -24.79
N ARG A 52 6.03 -33.24 -23.52
CA ARG A 52 6.36 -34.38 -22.67
C ARG A 52 5.14 -35.19 -22.28
N THR A 53 5.35 -36.49 -22.11
CA THR A 53 4.33 -37.38 -21.59
C THR A 53 4.98 -38.33 -20.58
N GLY A 54 4.19 -38.85 -19.65
CA GLY A 54 4.72 -39.63 -18.54
C GLY A 54 5.27 -38.78 -17.38
N LEU A 55 6.59 -38.81 -17.18
CA LEU A 55 7.21 -37.98 -16.15
C LEU A 55 7.90 -36.75 -16.76
N ASP A 56 7.86 -35.63 -16.04
CA ASP A 56 8.41 -34.37 -16.54
C ASP A 56 9.93 -34.26 -16.31
N GLU A 57 10.53 -33.17 -16.76
CA GLU A 57 11.97 -33.03 -16.63
C GLU A 57 12.44 -33.19 -15.18
N ASN A 58 11.54 -33.03 -14.22
CA ASN A 58 11.93 -33.14 -12.82
C ASN A 58 11.57 -34.46 -12.15
N GLY A 59 10.93 -35.34 -12.90
CA GLY A 59 10.51 -36.62 -12.36
C GLY A 59 9.09 -36.63 -11.82
N GLU A 60 8.38 -35.53 -11.95
CA GLU A 60 7.01 -35.48 -11.48
C GLU A 60 6.10 -35.87 -12.65
N PRO A 61 4.92 -36.45 -12.35
CA PRO A 61 4.06 -36.87 -13.45
C PRO A 61 3.61 -35.67 -14.28
N VAL A 62 3.63 -35.83 -15.60
CA VAL A 62 3.19 -34.78 -16.51
C VAL A 62 1.74 -34.51 -16.25
N HIS A 63 1.42 -33.25 -15.96
CA HIS A 63 0.04 -32.90 -15.67
C HIS A 63 -0.76 -32.74 -16.94
N CYS A 64 -0.09 -32.28 -17.99
CA CYS A 64 -0.78 -31.88 -19.21
C CYS A 64 -1.59 -33.05 -19.74
N SER A 65 -2.82 -32.77 -20.16
CA SER A 65 -3.56 -33.74 -20.93
C SER A 65 -3.94 -33.20 -22.31
N MET A 66 -3.37 -32.06 -22.70
CA MET A 66 -3.76 -31.47 -23.98
C MET A 66 -2.81 -31.86 -25.09
N TYR A 67 -3.22 -31.64 -26.33
CA TYR A 67 -2.44 -32.04 -27.50
C TYR A 67 -2.26 -30.88 -28.46
N ARG A 68 -1.45 -31.09 -29.49
CA ARG A 68 -1.35 -30.13 -30.60
C ARG A 68 -2.66 -30.00 -31.38
N TYR A 69 -2.93 -28.79 -31.87
CA TYR A 69 -4.10 -28.52 -32.71
C TYR A 69 -5.42 -28.57 -31.93
N LEU A 70 -5.34 -28.56 -30.61
CA LEU A 70 -6.53 -28.51 -29.78
C LEU A 70 -7.20 -27.14 -29.88
N TRP A 71 -8.52 -27.12 -30.02
CA TRP A 71 -9.29 -25.88 -29.91
C TRP A 71 -10.37 -26.02 -28.86
N SER A 72 -10.61 -24.94 -28.14
CA SER A 72 -11.81 -24.77 -27.33
C SER A 72 -12.95 -25.63 -27.85
N ASN A 73 -13.42 -26.56 -27.03
CA ASN A 73 -14.44 -27.46 -27.51
C ASN A 73 -15.84 -26.92 -27.27
N GLY A 74 -15.90 -25.75 -26.62
CA GLY A 74 -17.15 -25.06 -26.36
C GLY A 74 -17.10 -23.60 -26.80
N PRO A 75 -18.25 -22.89 -26.73
CA PRO A 75 -18.22 -21.51 -27.20
C PRO A 75 -17.50 -20.68 -26.16
N LYS A 76 -16.58 -19.82 -26.58
CA LYS A 76 -15.82 -19.03 -25.62
C LYS A 76 -16.77 -18.20 -24.77
N GLU A 77 -17.98 -18.00 -25.29
CA GLU A 77 -19.03 -17.22 -24.65
C GLU A 77 -19.49 -17.80 -23.29
N GLY A 78 -19.36 -19.12 -23.13
CA GLY A 78 -19.81 -19.78 -21.91
C GLY A 78 -18.79 -19.80 -20.79
N LEU A 79 -17.62 -19.23 -21.03
CA LEU A 79 -16.52 -19.31 -20.07
C LEU A 79 -15.89 -17.96 -19.73
N GLU A 80 -16.30 -16.92 -20.45
CA GLU A 80 -15.73 -15.59 -20.30
C GLU A 80 -15.69 -15.10 -18.85
N PHE A 81 -14.54 -14.56 -18.43
CA PHE A 81 -14.41 -14.03 -17.07
C PHE A 81 -15.37 -12.86 -16.89
N ALA A 82 -16.22 -12.93 -15.86
CA ALA A 82 -17.18 -11.85 -15.62
C ALA A 82 -16.49 -10.54 -15.20
N ASP A 83 -15.22 -10.63 -14.81
CA ASP A 83 -14.45 -9.47 -14.36
C ASP A 83 -13.31 -9.10 -15.31
N TYR A 84 -13.36 -9.64 -16.53
CA TYR A 84 -12.26 -9.52 -17.49
C TYR A 84 -12.70 -10.11 -18.85
N SER A 85 -13.37 -9.28 -19.63
CA SER A 85 -13.96 -9.72 -20.89
C SER A 85 -12.90 -10.04 -21.93
N PHE A 86 -13.29 -10.84 -22.91
CA PHE A 86 -12.41 -11.17 -24.03
C PHE A 86 -12.06 -9.91 -24.79
N GLU A 87 -12.95 -8.93 -24.77
CA GLU A 87 -12.73 -7.67 -25.44
C GLU A 87 -11.66 -6.87 -24.71
N GLU A 88 -11.78 -6.79 -23.39
CA GLU A 88 -10.81 -6.09 -22.58
C GLU A 88 -9.41 -6.62 -22.86
N HIS A 89 -9.29 -7.94 -22.97
CA HIS A 89 -7.99 -8.55 -23.20
C HIS A 89 -7.50 -8.39 -24.65
N PHE A 90 -8.25 -8.95 -25.59
CA PHE A 90 -7.76 -8.97 -26.96
C PHE A 90 -8.01 -7.69 -27.73
N GLY A 91 -8.93 -6.87 -27.23
CA GLY A 91 -9.16 -5.56 -27.81
C GLY A 91 -10.15 -5.52 -28.96
N LYS A 92 -10.20 -6.60 -29.74
CA LYS A 92 -11.17 -6.67 -30.82
C LYS A 92 -12.21 -7.72 -30.47
N GLN A 93 -12.81 -8.30 -31.50
CA GLN A 93 -13.78 -9.36 -31.31
C GLN A 93 -13.40 -10.60 -32.11
N ILE A 94 -13.00 -11.65 -31.42
CA ILE A 94 -12.48 -12.84 -32.09
C ILE A 94 -13.58 -13.90 -32.23
N ALA A 95 -13.33 -14.93 -33.03
CA ALA A 95 -14.31 -16.01 -33.21
C ALA A 95 -14.64 -16.75 -31.91
N SER A 96 -15.46 -17.79 -32.00
CA SER A 96 -16.07 -18.41 -30.81
C SER A 96 -15.32 -19.62 -30.25
N TYR A 97 -14.45 -20.20 -31.07
CA TYR A 97 -13.69 -21.38 -30.67
C TYR A 97 -12.19 -21.15 -30.81
N PRO A 98 -11.58 -20.47 -29.85
CA PRO A 98 -10.15 -20.16 -29.91
C PRO A 98 -9.27 -21.38 -29.68
N PRO A 99 -8.12 -21.45 -30.36
CA PRO A 99 -7.13 -22.50 -30.08
C PRO A 99 -6.55 -22.34 -28.69
N ARG A 100 -5.96 -23.43 -28.18
CA ARG A 100 -5.36 -23.50 -26.86
C ARG A 100 -4.52 -22.27 -26.53
N ALA A 101 -3.54 -21.98 -27.40
CA ALA A 101 -2.61 -20.89 -27.18
C ALA A 101 -3.35 -19.59 -26.93
N VAL A 102 -4.44 -19.37 -27.66
CA VAL A 102 -5.24 -18.16 -27.54
C VAL A 102 -5.96 -18.05 -26.19
N LEU A 103 -6.66 -19.10 -25.80
CA LEU A 103 -7.32 -19.06 -24.49
C LEU A 103 -6.28 -19.01 -23.37
N PHE A 104 -5.12 -19.63 -23.59
CA PHE A 104 -4.06 -19.59 -22.59
C PHE A 104 -3.66 -18.15 -22.33
N ASP A 105 -3.47 -17.40 -23.42
CA ASP A 105 -3.08 -16.00 -23.31
C ASP A 105 -4.14 -15.20 -22.55
N TYR A 106 -5.40 -15.58 -22.74
CA TYR A 106 -6.51 -14.94 -22.04
C TYR A 106 -6.49 -15.22 -20.54
N ILE A 107 -6.19 -16.46 -20.16
CA ILE A 107 -6.09 -16.81 -18.76
C ILE A 107 -4.97 -16.03 -18.11
N GLU A 108 -3.84 -15.95 -18.81
CA GLU A 108 -2.64 -15.27 -18.33
C GLU A 108 -2.87 -13.78 -18.23
N GLY A 109 -3.47 -13.20 -19.27
CA GLY A 109 -3.90 -11.81 -19.24
C GLY A 109 -4.55 -11.42 -17.92
N ARG A 110 -5.53 -12.19 -17.48
CA ARG A 110 -6.21 -11.82 -16.25
C ARG A 110 -5.28 -11.82 -15.02
N VAL A 111 -4.52 -12.88 -14.81
CA VAL A 111 -3.65 -12.97 -13.62
C VAL A 111 -2.45 -12.02 -13.72
N HIS A 112 -2.05 -11.70 -14.95
CA HIS A 112 -1.13 -10.60 -15.19
C HIS A 112 -1.61 -9.34 -14.49
N LYS A 113 -2.77 -8.86 -14.87
CA LYS A 113 -3.32 -7.65 -14.30
C LYS A 113 -3.51 -7.78 -12.80
N ALA A 114 -3.83 -8.98 -12.34
CA ALA A 114 -4.06 -9.22 -10.91
C ALA A 114 -2.79 -9.15 -10.04
N ASP A 115 -1.62 -9.15 -10.66
CA ASP A 115 -0.36 -9.04 -9.88
C ASP A 115 -0.23 -10.09 -8.79
N VAL A 116 -0.73 -11.30 -9.03
CA VAL A 116 -0.79 -12.32 -7.98
C VAL A 116 0.30 -13.38 -8.12
N ARG A 117 1.02 -13.33 -9.23
CA ARG A 117 2.08 -14.26 -9.50
C ARG A 117 3.12 -14.27 -8.35
N LYS A 118 3.27 -13.15 -7.67
CA LYS A 118 4.23 -13.09 -6.58
C LYS A 118 3.80 -14.04 -5.47
N TRP A 119 2.57 -14.53 -5.54
CA TRP A 119 2.06 -15.46 -4.54
C TRP A 119 2.39 -16.93 -4.88
N ILE A 120 2.84 -17.19 -6.11
CA ILE A 120 2.98 -18.55 -6.60
C ILE A 120 4.42 -19.09 -6.46
N ARG A 121 4.55 -20.33 -6.00
CA ARG A 121 5.86 -21.01 -6.00
C ARG A 121 5.83 -22.09 -7.07
N PHE A 122 6.55 -21.86 -8.16
CA PHE A 122 6.56 -22.83 -9.25
C PHE A 122 7.57 -23.94 -8.98
N ASN A 123 7.54 -24.99 -9.80
CA ASN A 123 8.42 -26.14 -9.62
C ASN A 123 8.42 -26.61 -8.17
N SER A 124 7.26 -26.62 -7.54
CA SER A 124 7.17 -26.88 -6.11
C SER A 124 5.94 -27.73 -5.79
N PRO A 125 5.91 -28.96 -6.29
CA PRO A 125 4.73 -29.79 -6.07
C PRO A 125 4.53 -30.00 -4.58
N VAL A 126 3.28 -30.10 -4.15
CA VAL A 126 3.00 -30.45 -2.77
C VAL A 126 3.27 -31.96 -2.58
N ARG A 127 3.89 -32.33 -1.48
CA ARG A 127 4.15 -33.74 -1.18
C ARG A 127 3.10 -34.31 -0.23
N TRP A 128 2.61 -33.50 0.69
CA TRP A 128 1.69 -34.02 1.69
C TRP A 128 0.89 -32.91 2.34
N VAL A 129 -0.30 -33.26 2.81
CA VAL A 129 -1.06 -32.33 3.63
C VAL A 129 -1.61 -33.13 4.76
N SER A 130 -1.32 -32.72 5.99
CA SER A 130 -1.91 -33.34 7.16
C SER A 130 -2.57 -32.28 8.01
N TYR A 131 -3.61 -32.66 8.72
CA TYR A 131 -4.24 -31.77 9.67
C TYR A 131 -3.94 -32.25 11.07
N ASP A 132 -3.67 -31.32 11.98
CA ASP A 132 -3.50 -31.63 13.41
C ASP A 132 -4.57 -30.88 14.16
N ALA A 133 -5.46 -31.63 14.82
CA ALA A 133 -6.65 -31.00 15.39
C ALA A 133 -6.32 -30.14 16.62
N GLU A 134 -5.23 -30.48 17.28
CA GLU A 134 -4.85 -29.83 18.54
C GLU A 134 -4.17 -28.48 18.33
N THR A 135 -3.70 -28.23 17.12
CA THR A 135 -3.16 -26.92 16.77
C THR A 135 -4.12 -26.26 15.80
N ALA A 136 -5.01 -27.09 15.26
CA ALA A 136 -6.04 -26.64 14.31
C ALA A 136 -5.42 -26.05 13.07
N LYS A 137 -4.31 -26.66 12.65
CA LYS A 137 -3.61 -26.19 11.46
C LYS A 137 -3.23 -27.35 10.58
N PHE A 138 -3.17 -27.09 9.27
CA PHE A 138 -2.73 -28.11 8.33
C PHE A 138 -1.20 -28.05 8.24
N THR A 139 -0.58 -29.17 7.89
CA THR A 139 0.85 -29.17 7.62
C THR A 139 1.07 -29.53 6.16
N VAL A 140 1.67 -28.58 5.43
CA VAL A 140 1.94 -28.76 4.01
C VAL A 140 3.41 -29.00 3.71
N THR A 141 3.71 -30.17 3.20
CA THR A 141 5.06 -30.50 2.81
C THR A 141 5.12 -30.35 1.32
N ALA A 142 6.07 -29.54 0.85
CA ALA A 142 6.21 -29.29 -0.57
C ALA A 142 7.66 -29.45 -0.92
N HIS A 143 7.92 -29.81 -2.18
CA HIS A 143 9.29 -29.97 -2.65
C HIS A 143 9.65 -28.96 -3.72
N ASN A 144 10.74 -28.23 -3.49
CA ASN A 144 11.21 -27.18 -4.40
C ASN A 144 12.29 -27.68 -5.32
N HIS A 145 11.95 -27.93 -6.59
CA HIS A 145 12.92 -28.53 -7.51
C HIS A 145 14.01 -27.57 -7.99
N GLU A 146 13.85 -26.27 -7.76
CA GLU A 146 14.93 -25.34 -8.13
C GLU A 146 16.06 -25.44 -7.10
N THR A 147 15.74 -25.67 -5.84
CA THR A 147 16.76 -25.86 -4.82
C THR A 147 16.89 -27.34 -4.42
N ASP A 148 16.10 -28.19 -5.06
CA ASP A 148 16.01 -29.59 -4.71
C ASP A 148 15.92 -29.71 -3.20
N SER A 149 14.99 -28.95 -2.62
CA SER A 149 14.78 -28.95 -1.19
C SER A 149 13.30 -29.04 -0.82
N THR A 150 12.99 -30.02 0.01
CA THR A 150 11.68 -30.19 0.61
C THR A 150 11.60 -29.38 1.90
N TYR A 151 10.41 -28.86 2.18
CA TYR A 151 10.12 -28.22 3.46
C TYR A 151 8.63 -28.35 3.81
N SER A 152 8.30 -27.92 5.02
CA SER A 152 7.00 -28.09 5.63
C SER A 152 6.63 -26.78 6.27
N ALA A 153 5.37 -26.39 6.12
CA ALA A 153 4.87 -25.18 6.77
C ALA A 153 3.38 -25.28 7.10
N ALA A 154 2.96 -24.54 8.14
CA ALA A 154 1.60 -24.60 8.66
C ALA A 154 0.68 -23.55 8.02
N PHE A 155 -0.59 -23.90 7.88
CA PHE A 155 -1.58 -23.05 7.24
C PHE A 155 -2.89 -23.28 7.93
N ASP A 156 -3.71 -22.25 7.99
CA ASP A 156 -5.00 -22.34 8.67
C ASP A 156 -6.07 -22.87 7.75
N HIS A 157 -5.85 -22.74 6.44
CA HIS A 157 -6.76 -23.29 5.45
C HIS A 157 -5.99 -23.85 4.30
N VAL A 158 -6.56 -24.82 3.62
CA VAL A 158 -5.93 -25.37 2.44
C VAL A 158 -6.95 -25.49 1.34
N ILE A 159 -6.67 -24.90 0.20
CA ILE A 159 -7.58 -24.94 -0.91
C ILE A 159 -6.96 -25.76 -2.05
N CYS A 160 -7.37 -27.02 -2.19
CA CYS A 160 -6.80 -27.91 -3.19
C CYS A 160 -7.47 -27.72 -4.54
N ALA A 161 -6.65 -27.31 -5.51
CA ALA A 161 -7.13 -27.06 -6.86
C ALA A 161 -6.29 -27.86 -7.84
N SER A 162 -6.12 -29.15 -7.61
CA SER A 162 -5.12 -29.88 -8.36
C SER A 162 -5.68 -30.53 -9.61
N GLY A 163 -6.96 -30.33 -9.85
CA GLY A 163 -7.63 -30.88 -11.02
C GLY A 163 -7.85 -32.39 -10.96
N HIS A 164 -8.62 -32.91 -11.91
CA HIS A 164 -8.92 -34.33 -11.96
C HIS A 164 -9.07 -34.85 -13.39
N PHE A 165 -8.35 -34.26 -14.34
CA PHE A 165 -8.28 -34.85 -15.69
C PHE A 165 -6.82 -35.12 -16.06
N SER A 166 -6.02 -35.54 -15.09
CA SER A 166 -4.61 -35.76 -15.38
C SER A 166 -4.13 -37.17 -15.07
N THR A 167 -4.76 -37.82 -14.10
CA THR A 167 -4.43 -39.20 -13.75
C THR A 167 -5.41 -40.15 -14.43
N PRO A 168 -4.95 -40.83 -15.49
CA PRO A 168 -5.90 -41.56 -16.34
C PRO A 168 -6.42 -42.88 -15.77
N ASN A 169 -7.57 -43.28 -16.30
CA ASN A 169 -8.12 -44.59 -16.08
C ASN A 169 -7.70 -45.43 -17.29
N VAL A 170 -6.89 -46.46 -17.08
CA VAL A 170 -6.30 -47.18 -18.19
C VAL A 170 -6.59 -48.67 -18.04
N PRO A 171 -7.70 -49.15 -18.62
CA PRO A 171 -8.05 -50.55 -18.36
C PRO A 171 -7.21 -51.53 -19.17
N PHE A 172 -7.16 -52.77 -18.71
CA PHE A 172 -6.53 -53.81 -19.51
C PHE A 172 -7.61 -54.56 -20.27
N TYR A 173 -7.39 -54.69 -21.56
CA TYR A 173 -8.18 -55.60 -22.35
C TYR A 173 -7.25 -56.66 -22.89
N GLU A 174 -7.72 -57.90 -22.88
CA GLU A 174 -7.03 -59.03 -23.51
C GLU A 174 -6.41 -58.61 -24.84
N GLY A 175 -5.12 -58.94 -25.01
CA GLY A 175 -4.44 -58.62 -26.25
C GLY A 175 -3.70 -57.27 -26.27
N PHE A 176 -3.86 -56.51 -25.20
CA PHE A 176 -3.15 -55.22 -25.12
C PHE A 176 -1.66 -55.47 -24.91
N ASP A 177 -1.33 -56.40 -24.03
CA ASP A 177 0.06 -56.82 -23.83
C ASP A 177 0.80 -57.20 -25.10
N THR A 178 0.08 -57.56 -26.17
CA THR A 178 0.71 -58.14 -27.38
C THR A 178 0.40 -57.48 -28.71
N PHE A 179 -0.37 -56.40 -28.68
CA PHE A 179 -0.75 -55.68 -29.90
C PHE A 179 0.45 -55.09 -30.64
N ASN A 180 0.56 -55.36 -31.95
CA ASN A 180 1.66 -54.81 -32.72
C ASN A 180 1.35 -53.38 -33.22
N GLY A 181 1.34 -52.43 -32.29
CA GLY A 181 0.97 -51.08 -32.62
C GLY A 181 0.85 -50.19 -31.41
N ARG A 182 0.44 -48.95 -31.64
CA ARG A 182 0.48 -47.98 -30.58
C ARG A 182 -0.78 -48.04 -29.74
N ILE A 183 -0.60 -48.18 -28.44
CA ILE A 183 -1.68 -48.07 -27.50
C ILE A 183 -1.35 -46.93 -26.55
N VAL A 184 -2.10 -45.84 -26.67
CA VAL A 184 -1.80 -44.65 -25.90
C VAL A 184 -3.11 -44.13 -25.33
N HIS A 185 -3.10 -43.82 -24.05
CA HIS A 185 -4.23 -43.16 -23.41
C HIS A 185 -4.26 -41.71 -23.87
N ALA A 186 -5.43 -41.11 -23.92
CA ALA A 186 -5.59 -39.72 -24.37
C ALA A 186 -4.67 -38.72 -23.65
N HIS A 187 -4.39 -38.99 -22.38
CA HIS A 187 -3.54 -38.13 -21.56
C HIS A 187 -2.12 -38.00 -22.08
N ASP A 188 -1.69 -38.96 -22.91
CA ASP A 188 -0.33 -39.02 -23.44
C ASP A 188 -0.30 -38.70 -24.92
N PHE A 189 -1.47 -38.50 -25.48
CA PHE A 189 -1.66 -38.18 -26.88
C PHE A 189 -1.20 -36.74 -27.06
N ARG A 190 -0.48 -36.47 -28.16
CA ARG A 190 0.03 -35.12 -28.39
C ARG A 190 -0.14 -34.68 -29.84
N ASP A 191 0.17 -35.55 -30.79
CA ASP A 191 0.12 -35.14 -32.20
C ASP A 191 -0.62 -36.09 -33.14
N ALA A 192 -1.72 -35.60 -33.70
CA ALA A 192 -2.58 -36.40 -34.58
C ALA A 192 -1.90 -36.80 -35.87
N ARG A 193 -0.93 -35.99 -36.30
CA ARG A 193 -0.20 -36.29 -37.54
C ARG A 193 0.38 -37.69 -37.52
N GLU A 194 0.71 -38.19 -36.32
CA GLU A 194 1.28 -39.52 -36.15
C GLU A 194 0.33 -40.60 -36.69
N PHE A 195 -0.94 -40.27 -36.82
CA PHE A 195 -1.93 -41.27 -37.15
C PHE A 195 -2.41 -41.12 -38.57
N GLU A 196 -1.80 -40.19 -39.28
CA GLU A 196 -2.06 -39.99 -40.70
C GLU A 196 -1.87 -41.33 -41.43
N GLY A 197 -2.88 -41.74 -42.19
CA GLY A 197 -2.79 -42.96 -42.96
C GLY A 197 -3.19 -44.25 -42.26
N LYS A 198 -3.49 -44.18 -40.97
CA LYS A 198 -3.79 -45.40 -40.19
C LYS A 198 -5.26 -45.69 -39.85
N ASP A 199 -5.54 -46.97 -39.62
CA ASP A 199 -6.84 -47.38 -39.11
C ASP A 199 -6.82 -47.25 -37.60
N VAL A 200 -7.34 -46.15 -37.07
CA VAL A 200 -7.29 -45.88 -35.63
C VAL A 200 -8.46 -46.49 -34.85
N LEU A 201 -8.19 -47.01 -33.66
CA LEU A 201 -9.26 -47.43 -32.75
C LEU A 201 -9.35 -46.44 -31.59
N VAL A 202 -10.51 -45.81 -31.43
CA VAL A 202 -10.74 -44.84 -30.37
C VAL A 202 -11.74 -45.42 -29.37
N MET A 203 -11.26 -45.84 -28.21
CA MET A 203 -12.15 -46.36 -27.18
C MET A 203 -12.73 -45.25 -26.30
N GLY A 204 -14.06 -45.21 -26.22
CA GLY A 204 -14.72 -44.20 -25.43
C GLY A 204 -15.80 -43.50 -26.23
N ALA A 205 -16.67 -42.79 -25.51
CA ALA A 205 -17.86 -42.18 -26.10
C ALA A 205 -18.12 -40.82 -25.50
N SER A 206 -17.09 -40.22 -24.92
CA SER A 206 -17.24 -38.97 -24.22
C SER A 206 -16.46 -37.86 -24.93
N SER A 207 -16.26 -36.74 -24.27
CA SER A 207 -15.64 -35.58 -24.93
C SER A 207 -14.33 -35.95 -25.59
N SER A 208 -13.52 -36.76 -24.92
CA SER A 208 -12.17 -37.08 -25.39
C SER A 208 -12.17 -37.86 -26.71
N ALA A 209 -13.00 -38.89 -26.78
CA ALA A 209 -13.09 -39.74 -27.96
C ALA A 209 -13.67 -38.93 -29.12
N GLU A 210 -14.54 -37.99 -28.79
CA GLU A 210 -15.13 -37.08 -29.77
C GLU A 210 -14.02 -36.27 -30.43
N ASP A 211 -13.26 -35.56 -29.60
CA ASP A 211 -12.30 -34.61 -30.09
C ASP A 211 -11.05 -35.26 -30.68
N ILE A 212 -10.43 -36.14 -29.90
CA ILE A 212 -9.24 -36.84 -30.36
C ILE A 212 -9.51 -37.60 -31.66
N GLY A 213 -10.62 -38.33 -31.72
CA GLY A 213 -11.04 -38.97 -32.95
C GLY A 213 -11.15 -37.95 -34.09
N SER A 214 -11.66 -36.75 -33.79
CA SER A 214 -11.79 -35.72 -34.83
C SER A 214 -10.45 -35.17 -35.25
N GLN A 215 -9.54 -35.00 -34.30
CA GLN A 215 -8.20 -34.57 -34.66
C GLN A 215 -7.55 -35.59 -35.61
N CYS A 216 -7.59 -36.87 -35.22
CA CYS A 216 -7.04 -37.94 -36.05
C CYS A 216 -7.60 -37.90 -37.45
N TRP A 217 -8.89 -37.59 -37.55
CA TRP A 217 -9.55 -37.61 -38.84
C TRP A 217 -9.20 -36.35 -39.65
N LYS A 218 -9.23 -35.20 -38.99
CA LYS A 218 -8.84 -33.97 -39.65
C LYS A 218 -7.42 -34.06 -40.18
N TYR A 219 -6.53 -34.67 -39.39
CA TYR A 219 -5.12 -34.76 -39.77
C TYR A 219 -4.78 -36.00 -40.58
N GLY A 220 -5.81 -36.67 -41.09
CA GLY A 220 -5.63 -37.67 -42.12
C GLY A 220 -5.61 -39.15 -41.74
N ALA A 221 -6.12 -39.50 -40.57
CA ALA A 221 -6.21 -40.92 -40.23
C ALA A 221 -6.92 -41.67 -41.35
N LYS A 222 -6.47 -42.89 -41.68
CA LYS A 222 -7.07 -43.60 -42.81
C LYS A 222 -8.50 -43.99 -42.47
N SER A 223 -8.72 -44.40 -41.24
CA SER A 223 -10.08 -44.67 -40.79
C SER A 223 -10.16 -44.56 -39.27
N ILE A 224 -11.33 -44.20 -38.80
CA ILE A 224 -11.57 -44.15 -37.38
C ILE A 224 -12.65 -45.12 -36.98
N THR A 225 -12.36 -45.94 -35.98
CA THR A 225 -13.38 -46.75 -35.34
C THR A 225 -13.43 -46.34 -33.88
N SER A 226 -14.63 -46.09 -33.37
CA SER A 226 -14.79 -45.68 -31.99
C SER A 226 -15.73 -46.68 -31.35
N CYS A 227 -15.41 -47.11 -30.12
CA CYS A 227 -16.27 -48.08 -29.45
C CYS A 227 -16.77 -47.61 -28.08
N TYR A 228 -18.02 -47.95 -27.80
CA TYR A 228 -18.68 -47.58 -26.56
C TYR A 228 -19.02 -48.84 -25.79
N ARG A 229 -19.20 -48.71 -24.49
CA ARG A 229 -19.62 -49.81 -23.65
C ARG A 229 -21.03 -49.58 -23.13
N SER A 230 -21.50 -48.35 -23.23
CA SER A 230 -22.86 -48.00 -22.82
C SER A 230 -23.68 -47.37 -23.93
N ALA A 231 -23.63 -46.04 -24.01
CA ALA A 231 -24.39 -45.31 -25.02
C ALA A 231 -23.49 -44.73 -26.10
N PRO A 232 -23.76 -45.11 -27.34
CA PRO A 232 -23.01 -44.60 -28.50
C PRO A 232 -23.03 -43.09 -28.51
N MET A 233 -22.02 -42.48 -29.12
CA MET A 233 -21.90 -41.05 -29.20
C MET A 233 -23.05 -40.48 -30.03
N GLY A 234 -23.47 -41.24 -31.04
CA GLY A 234 -24.67 -40.97 -31.79
C GLY A 234 -24.61 -39.87 -32.83
N TYR A 235 -23.41 -39.49 -33.24
CA TYR A 235 -23.31 -38.39 -34.19
C TYR A 235 -23.28 -38.89 -35.63
N ALA A 236 -23.66 -38.02 -36.56
CA ALA A 236 -23.58 -38.35 -37.98
C ALA A 236 -22.13 -38.28 -38.40
N TRP A 237 -21.45 -39.42 -38.40
CA TRP A 237 -20.00 -39.45 -38.63
C TRP A 237 -19.67 -39.42 -40.11
N PRO A 238 -18.44 -39.02 -40.43
CA PRO A 238 -17.92 -39.10 -41.81
C PRO A 238 -17.94 -40.55 -42.27
N ASP A 239 -17.71 -40.78 -43.57
CA ASP A 239 -17.81 -42.12 -44.15
C ASP A 239 -16.68 -43.09 -43.77
N ASN A 240 -15.55 -42.55 -43.34
CA ASN A 240 -14.44 -43.40 -42.89
C ASN A 240 -14.45 -43.58 -41.38
N TRP A 241 -15.56 -43.19 -40.75
CA TRP A 241 -15.69 -43.31 -39.30
C TRP A 241 -16.91 -44.15 -38.87
N GLU A 242 -16.72 -45.00 -37.86
CA GLU A 242 -17.77 -45.93 -37.47
C GLU A 242 -17.74 -46.27 -35.98
N GLU A 243 -18.91 -46.34 -35.35
CA GLU A 243 -19.03 -46.74 -33.94
C GLU A 243 -19.38 -48.21 -33.76
N LYS A 244 -18.66 -48.91 -32.89
CA LYS A 244 -18.97 -50.30 -32.59
C LYS A 244 -19.21 -50.46 -31.11
N PRO A 245 -19.96 -51.49 -30.71
CA PRO A 245 -20.21 -51.79 -29.29
C PRO A 245 -18.92 -52.19 -28.56
N ALA A 246 -19.05 -52.75 -27.36
CA ALA A 246 -17.90 -52.96 -26.49
C ALA A 246 -16.83 -53.90 -27.05
N LEU A 247 -15.59 -53.43 -27.07
CA LEU A 247 -14.46 -54.32 -27.37
C LEU A 247 -14.45 -55.51 -26.41
N GLU A 248 -14.22 -56.70 -26.95
CA GLU A 248 -13.99 -57.89 -26.11
C GLU A 248 -12.49 -58.20 -25.95
N LYS A 249 -11.74 -58.16 -27.06
CA LYS A 249 -10.32 -58.51 -27.04
C LYS A 249 -9.63 -58.16 -28.34
N LEU A 250 -8.32 -58.40 -28.36
CA LEU A 250 -7.52 -58.25 -29.57
C LEU A 250 -6.87 -59.58 -29.91
N THR A 251 -6.77 -59.85 -31.21
CA THR A 251 -6.01 -61.00 -31.71
C THR A 251 -5.10 -60.44 -32.79
N GLY A 252 -3.81 -60.40 -32.49
CA GLY A 252 -2.89 -59.67 -33.33
C GLY A 252 -3.45 -58.27 -33.48
N LYS A 253 -3.61 -57.81 -34.72
CA LYS A 253 -4.04 -56.45 -34.99
C LYS A 253 -5.56 -56.30 -35.10
N THR A 254 -6.29 -57.38 -34.89
CA THR A 254 -7.72 -57.37 -35.13
C THR A 254 -8.53 -57.21 -33.85
N ALA A 255 -9.46 -56.27 -33.87
CA ALA A 255 -10.33 -55.98 -32.75
C ALA A 255 -11.61 -56.81 -32.86
N HIS A 256 -12.16 -57.20 -31.70
CA HIS A 256 -13.41 -57.95 -31.66
C HIS A 256 -14.40 -57.22 -30.78
N PHE A 257 -15.61 -56.99 -31.28
CA PHE A 257 -16.58 -56.23 -30.52
C PHE A 257 -17.75 -57.07 -30.01
N ALA A 258 -18.63 -56.44 -29.23
CA ALA A 258 -19.72 -57.17 -28.60
C ALA A 258 -20.66 -57.76 -29.64
N ASP A 259 -20.87 -57.02 -30.73
CA ASP A 259 -21.79 -57.47 -31.76
C ASP A 259 -21.19 -58.58 -32.60
N GLY A 260 -20.07 -59.13 -32.14
CA GLY A 260 -19.40 -60.22 -32.83
C GLY A 260 -18.68 -59.84 -34.11
N SER A 261 -18.60 -58.55 -34.37
CA SER A 261 -17.96 -58.07 -35.59
C SER A 261 -16.45 -57.96 -35.39
N THR A 262 -15.77 -57.50 -36.43
CA THR A 262 -14.31 -57.57 -36.44
C THR A 262 -13.69 -56.46 -37.27
N ARG A 263 -12.56 -55.95 -36.78
CA ARG A 263 -11.84 -54.91 -37.50
C ARG A 263 -10.37 -54.94 -37.14
N ASP A 264 -9.51 -54.76 -38.14
CA ASP A 264 -8.08 -54.61 -37.91
C ASP A 264 -7.72 -53.13 -37.74
N VAL A 265 -6.88 -52.84 -36.76
CA VAL A 265 -6.55 -51.46 -36.44
C VAL A 265 -5.06 -51.31 -36.20
N ASP A 266 -4.52 -50.14 -36.54
CA ASP A 266 -3.08 -49.86 -36.46
C ASP A 266 -2.67 -49.29 -35.13
N ALA A 267 -3.62 -48.64 -34.46
CA ALA A 267 -3.34 -47.97 -33.19
C ALA A 267 -4.62 -47.79 -32.35
N ILE A 268 -4.45 -47.71 -31.04
CA ILE A 268 -5.56 -47.62 -30.13
C ILE A 268 -5.34 -46.45 -29.22
N ILE A 269 -6.33 -45.59 -29.14
CA ILE A 269 -6.26 -44.44 -28.26
C ILE A 269 -7.31 -44.63 -27.19
N LEU A 270 -6.85 -44.80 -25.95
CA LEU A 270 -7.75 -45.02 -24.84
C LEU A 270 -8.27 -43.70 -24.32
N CYS A 271 -9.45 -43.31 -24.77
CA CYS A 271 -10.12 -42.10 -24.30
C CYS A 271 -11.09 -42.52 -23.22
N THR A 272 -10.58 -43.22 -22.21
CA THR A 272 -11.43 -43.84 -21.21
C THR A 272 -11.48 -43.01 -19.94
N GLY A 273 -10.95 -41.80 -20.03
CA GLY A 273 -11.06 -40.84 -18.94
C GLY A 273 -10.02 -40.86 -17.83
N TYR A 274 -10.43 -40.33 -16.68
CA TYR A 274 -9.51 -39.97 -15.61
C TYR A 274 -10.06 -40.32 -14.23
N LYS A 275 -9.19 -40.31 -13.22
CA LYS A 275 -9.67 -40.44 -11.86
C LYS A 275 -9.37 -39.23 -11.01
N HIS A 276 -10.17 -39.04 -9.97
CA HIS A 276 -9.83 -38.06 -8.95
C HIS A 276 -8.75 -38.69 -8.11
N PHE A 277 -7.54 -38.16 -8.22
CA PHE A 277 -6.41 -38.79 -7.57
C PHE A 277 -5.54 -37.77 -6.87
N PHE A 278 -5.29 -38.00 -5.60
CA PHE A 278 -4.47 -37.10 -4.82
C PHE A 278 -3.41 -37.92 -4.11
N SER A 279 -2.19 -37.91 -4.64
CA SER A 279 -1.12 -38.75 -4.14
C SER A 279 -0.60 -38.18 -2.84
N PHE A 280 -1.05 -36.97 -2.52
CA PHE A 280 -0.48 -36.18 -1.45
C PHE A 280 -1.42 -36.00 -0.24
N LEU A 281 -2.53 -36.75 -0.18
CA LEU A 281 -3.43 -36.61 0.97
C LEU A 281 -3.70 -37.89 1.77
N PRO A 282 -3.77 -37.76 3.11
CA PRO A 282 -4.20 -38.88 3.95
C PRO A 282 -5.71 -39.17 3.87
N ASP A 283 -6.10 -40.39 4.23
CA ASP A 283 -7.50 -40.78 4.25
C ASP A 283 -8.43 -39.65 4.74
N ASP A 284 -8.06 -38.96 5.81
CA ASP A 284 -9.02 -38.07 6.46
C ASP A 284 -9.19 -36.70 5.76
N LEU A 285 -8.44 -36.47 4.70
CA LEU A 285 -8.58 -35.24 3.93
C LEU A 285 -8.76 -35.50 2.44
N ARG A 286 -8.65 -36.77 2.04
CA ARG A 286 -8.66 -37.13 0.62
C ARG A 286 -10.04 -37.35 0.01
N LEU A 287 -10.49 -36.35 -0.72
CA LEU A 287 -11.76 -36.43 -1.45
C LEU A 287 -11.80 -37.70 -2.27
N LYS A 288 -12.88 -38.43 -2.15
CA LYS A 288 -13.12 -39.60 -2.98
C LYS A 288 -14.49 -39.40 -3.62
N THR A 289 -14.55 -39.48 -4.94
CA THR A 289 -15.76 -39.13 -5.68
C THR A 289 -15.66 -39.53 -7.13
N ALA A 290 -16.81 -39.79 -7.71
CA ALA A 290 -16.93 -40.03 -9.12
C ALA A 290 -16.94 -38.68 -9.82
N ASN A 291 -16.74 -38.71 -11.14
CA ASN A 291 -16.78 -37.52 -11.96
C ASN A 291 -18.22 -37.24 -12.38
N ARG A 292 -18.79 -36.17 -11.85
CA ARG A 292 -20.19 -35.81 -12.11
C ARG A 292 -20.39 -34.38 -11.65
N LEU A 293 -21.64 -33.91 -11.69
CA LEU A 293 -21.97 -32.51 -11.40
C LEU A 293 -22.21 -32.32 -9.92
N ALA A 294 -22.59 -33.38 -9.23
CA ALA A 294 -22.83 -33.32 -7.80
C ALA A 294 -21.70 -34.02 -7.04
N THR A 295 -20.59 -33.32 -6.81
CA THR A 295 -19.40 -33.98 -6.26
C THR A 295 -19.60 -34.40 -4.81
N ALA A 296 -19.19 -35.62 -4.48
CA ALA A 296 -19.33 -36.18 -3.13
C ALA A 296 -18.54 -35.47 -2.05
N ASP A 297 -19.09 -35.52 -0.83
CA ASP A 297 -18.45 -34.97 0.37
C ASP A 297 -17.96 -33.51 0.25
N LEU A 298 -18.49 -32.76 -0.72
CA LEU A 298 -18.18 -31.32 -0.84
C LEU A 298 -19.40 -30.41 -0.61
N TYR A 299 -19.51 -29.85 0.59
CA TYR A 299 -20.53 -28.88 0.88
C TYR A 299 -20.43 -27.77 -0.15
N LYS A 300 -21.57 -27.26 -0.60
CA LYS A 300 -21.62 -26.20 -1.60
C LYS A 300 -20.69 -26.48 -2.76
N GLY A 301 -20.43 -27.76 -2.96
CA GLY A 301 -19.52 -28.19 -4.01
C GLY A 301 -18.04 -27.89 -3.75
N VAL A 302 -17.70 -27.29 -2.61
CA VAL A 302 -16.35 -26.80 -2.39
C VAL A 302 -15.69 -27.14 -1.04
N ALA A 303 -16.47 -27.45 0.00
CA ALA A 303 -15.88 -27.65 1.32
C ALA A 303 -15.92 -29.08 1.83
N TYR A 304 -14.74 -29.70 1.98
CA TYR A 304 -14.64 -31.07 2.48
C TYR A 304 -15.43 -31.17 3.78
N VAL A 305 -16.43 -32.04 3.79
CA VAL A 305 -17.38 -32.07 4.91
C VAL A 305 -16.79 -32.68 6.19
N HIS A 306 -15.72 -33.46 6.08
CA HIS A 306 -15.10 -34.05 7.27
C HIS A 306 -14.05 -33.14 7.86
N ASN A 307 -13.79 -32.01 7.18
CA ASN A 307 -12.95 -30.94 7.72
C ASN A 307 -13.10 -29.73 6.83
N PRO A 308 -14.13 -28.90 7.10
CA PRO A 308 -14.53 -27.79 6.23
C PRO A 308 -13.54 -26.61 6.20
N ALA A 309 -12.39 -26.75 6.87
CA ALA A 309 -11.30 -25.78 6.74
C ALA A 309 -10.50 -26.07 5.48
N MET A 310 -10.73 -27.26 4.94
CA MET A 310 -10.16 -27.67 3.66
C MET A 310 -11.19 -27.55 2.57
N PHE A 311 -10.81 -26.93 1.46
CA PHE A 311 -11.73 -26.72 0.33
C PHE A 311 -11.14 -27.34 -0.93
N TYR A 312 -12.01 -27.53 -1.93
CA TYR A 312 -11.62 -28.13 -3.20
C TYR A 312 -12.27 -27.35 -4.34
N LEU A 313 -11.52 -27.10 -5.40
CA LEU A 313 -12.03 -26.36 -6.55
C LEU A 313 -11.97 -27.20 -7.83
N GLY A 314 -12.94 -27.01 -8.72
CA GLY A 314 -12.97 -27.66 -10.02
C GLY A 314 -13.18 -29.17 -10.06
N MET A 315 -13.60 -29.76 -8.95
CA MET A 315 -13.68 -31.21 -8.91
C MET A 315 -14.91 -31.78 -9.60
N GLN A 316 -15.85 -30.91 -9.92
CA GLN A 316 -17.05 -31.34 -10.63
C GLN A 316 -16.81 -31.60 -12.10
N ASP A 317 -17.70 -32.37 -12.71
CA ASP A 317 -17.65 -32.53 -14.15
C ASP A 317 -17.90 -31.15 -14.72
N GLN A 318 -17.53 -30.91 -15.97
CA GLN A 318 -17.57 -29.55 -16.47
C GLN A 318 -18.29 -29.32 -17.80
N TRP A 319 -19.42 -28.63 -17.72
CA TRP A 319 -20.00 -27.96 -18.88
C TRP A 319 -19.53 -26.51 -18.80
N PHE A 320 -19.94 -25.84 -17.72
CA PHE A 320 -19.39 -24.58 -17.32
C PHE A 320 -17.99 -24.82 -16.77
N THR A 321 -17.07 -23.92 -17.09
CA THR A 321 -15.71 -24.04 -16.64
C THR A 321 -15.21 -22.75 -15.96
N PHE A 322 -14.70 -21.80 -16.72
CA PHE A 322 -13.93 -20.73 -16.09
C PHE A 322 -14.72 -19.97 -15.04
N ASN A 323 -15.92 -19.53 -15.40
CA ASN A 323 -16.72 -18.74 -14.46
C ASN A 323 -17.32 -19.54 -13.28
N MET A 324 -17.43 -20.85 -13.44
CA MET A 324 -17.75 -21.69 -12.31
C MET A 324 -16.60 -21.68 -11.32
N PHE A 325 -15.40 -21.85 -11.83
CA PHE A 325 -14.20 -21.80 -10.99
C PHE A 325 -14.17 -20.50 -10.19
N ASP A 326 -14.61 -19.40 -10.84
CA ASP A 326 -14.71 -18.09 -10.19
C ASP A 326 -15.74 -18.09 -9.05
N ALA A 327 -16.95 -18.54 -9.37
CA ALA A 327 -17.99 -18.56 -8.38
C ALA A 327 -17.45 -19.32 -7.18
N GLN A 328 -16.89 -20.50 -7.43
CA GLN A 328 -16.32 -21.30 -6.34
C GLN A 328 -15.25 -20.54 -5.58
N ALA A 329 -14.35 -19.89 -6.33
CA ALA A 329 -13.24 -19.17 -5.71
C ALA A 329 -13.74 -18.03 -4.80
N TRP A 330 -14.73 -17.25 -5.27
CA TRP A 330 -15.29 -16.18 -4.44
C TRP A 330 -15.95 -16.71 -3.20
N TRP A 331 -16.61 -17.86 -3.35
CA TRP A 331 -17.33 -18.45 -2.24
C TRP A 331 -16.34 -18.84 -1.15
N VAL A 332 -15.39 -19.69 -1.53
CA VAL A 332 -14.32 -20.13 -0.63
C VAL A 332 -13.61 -18.95 0.03
N ARG A 333 -13.31 -17.93 -0.77
CA ARG A 333 -12.71 -16.72 -0.21
C ARG A 333 -13.59 -16.15 0.89
N ASP A 334 -14.87 -15.98 0.58
CA ASP A 334 -15.79 -15.34 1.52
C ASP A 334 -15.96 -16.21 2.76
N ALA A 335 -15.94 -17.53 2.59
CA ALA A 335 -16.03 -18.43 3.75
C ALA A 335 -14.78 -18.29 4.63
N ILE A 336 -13.63 -18.10 4.00
CA ILE A 336 -12.41 -17.92 4.79
C ILE A 336 -12.33 -16.56 5.44
N LEU A 337 -12.87 -15.53 4.78
CA LEU A 337 -12.86 -14.18 5.34
C LEU A 337 -13.90 -14.03 6.44
N GLY A 338 -14.93 -14.86 6.37
CA GLY A 338 -15.99 -14.87 7.37
C GLY A 338 -17.28 -14.26 6.87
N ARG A 339 -17.35 -13.92 5.59
CA ARG A 339 -18.55 -13.29 5.03
C ARG A 339 -19.61 -14.35 4.81
N ILE A 340 -19.22 -15.60 5.00
CA ILE A 340 -20.11 -16.75 4.91
C ILE A 340 -19.77 -17.67 6.09
N THR A 341 -20.77 -18.24 6.72
CA THR A 341 -20.51 -19.13 7.84
C THR A 341 -20.95 -20.54 7.52
N LEU A 342 -20.06 -21.50 7.80
CA LEU A 342 -20.36 -22.90 7.57
C LEU A 342 -21.20 -23.45 8.69
N PRO A 343 -22.16 -24.32 8.32
CA PRO A 343 -23.08 -24.93 9.27
C PRO A 343 -22.32 -25.67 10.37
N LYS A 344 -22.72 -25.48 11.61
CA LYS A 344 -22.02 -26.06 12.76
C LYS A 344 -22.25 -27.57 12.80
N ASP A 345 -23.29 -28.00 12.12
CA ASP A 345 -23.79 -29.35 12.13
C ASP A 345 -23.29 -30.07 10.87
N LYS A 346 -22.45 -31.09 11.02
CA LYS A 346 -21.98 -31.80 9.83
C LYS A 346 -23.18 -32.38 9.06
N ALA A 347 -24.19 -32.85 9.79
CA ALA A 347 -25.39 -33.41 9.13
C ALA A 347 -25.89 -32.48 8.04
N ALA A 348 -25.83 -31.18 8.33
CA ALA A 348 -26.26 -30.15 7.40
C ALA A 348 -25.45 -30.11 6.12
N MET A 349 -24.13 -30.08 6.24
CA MET A 349 -23.28 -30.20 5.05
C MET A 349 -23.57 -31.47 4.26
N LEU A 350 -23.66 -32.59 4.95
CA LEU A 350 -23.95 -33.87 4.30
C LEU A 350 -25.34 -33.87 3.67
N ALA A 351 -26.31 -33.34 4.38
CA ALA A 351 -27.62 -33.09 3.78
C ALA A 351 -27.53 -32.30 2.47
N ASP A 352 -26.67 -31.29 2.43
CA ASP A 352 -26.58 -30.41 1.25
C ASP A 352 -26.05 -31.16 0.02
N VAL A 353 -25.15 -32.11 0.26
CA VAL A 353 -24.54 -32.85 -0.83
C VAL A 353 -25.52 -33.89 -1.37
N ALA A 354 -26.31 -34.50 -0.49
CA ALA A 354 -27.35 -35.45 -0.89
C ALA A 354 -28.43 -34.84 -1.78
N GLU A 355 -28.87 -33.62 -1.47
CA GLU A 355 -29.87 -32.94 -2.32
C GLU A 355 -29.30 -32.61 -3.70
N ARG A 356 -28.00 -32.36 -3.77
CA ARG A 356 -27.38 -32.07 -5.05
C ARG A 356 -27.30 -33.34 -5.92
N GLU A 357 -26.93 -34.46 -5.28
CA GLU A 357 -26.83 -35.73 -6.00
C GLU A 357 -28.18 -36.09 -6.58
N THR A 358 -29.14 -36.19 -5.68
CA THR A 358 -30.53 -36.48 -6.01
C THR A 358 -31.10 -35.62 -7.15
N ARG A 359 -30.83 -34.31 -7.12
CA ARG A 359 -31.31 -33.43 -8.19
C ARG A 359 -30.56 -33.63 -9.53
N GLU A 360 -29.28 -34.02 -9.46
CA GLU A 360 -28.51 -34.35 -10.67
C GLU A 360 -29.08 -35.61 -11.30
N GLU A 361 -29.62 -36.47 -10.46
CA GLU A 361 -30.09 -37.79 -10.88
C GLU A 361 -31.55 -37.77 -11.31
N ALA A 362 -32.27 -36.70 -10.98
CA ALA A 362 -33.68 -36.57 -11.30
C ALA A 362 -33.96 -36.76 -12.78
N SER A 363 -33.00 -36.42 -13.63
CA SER A 363 -33.14 -36.61 -15.08
C SER A 363 -31.80 -36.81 -15.79
N ASP A 364 -31.81 -37.59 -16.86
CA ASP A 364 -30.59 -37.90 -17.58
C ASP A 364 -30.45 -37.12 -18.91
N ASP A 365 -31.37 -36.19 -19.15
CA ASP A 365 -31.34 -35.38 -20.38
C ASP A 365 -30.27 -34.29 -20.37
N VAL A 366 -29.64 -34.09 -21.53
CA VAL A 366 -28.47 -33.21 -21.64
C VAL A 366 -28.75 -31.74 -21.31
N LYS A 367 -29.85 -31.19 -21.80
CA LYS A 367 -30.19 -29.81 -21.51
C LYS A 367 -30.39 -29.62 -20.03
N TYR A 368 -30.93 -30.63 -19.35
CA TYR A 368 -31.19 -30.57 -17.91
C TYR A 368 -29.91 -30.57 -17.07
N ALA A 369 -28.87 -31.26 -17.55
CA ALA A 369 -27.58 -31.30 -16.89
C ALA A 369 -26.94 -29.92 -16.98
N ILE A 370 -27.04 -29.31 -18.16
CA ILE A 370 -26.50 -27.99 -18.40
C ILE A 370 -27.12 -26.95 -17.48
N ARG A 371 -28.44 -26.97 -17.43
CA ARG A 371 -29.21 -26.09 -16.55
C ARG A 371 -28.81 -26.37 -15.09
N TYR A 372 -28.64 -27.66 -14.75
CA TYR A 372 -28.25 -28.02 -13.38
C TYR A 372 -26.93 -27.36 -13.00
N GLN A 373 -25.95 -27.37 -13.88
CA GLN A 373 -24.69 -26.74 -13.53
C GLN A 373 -24.82 -25.22 -13.56
N ALA A 374 -25.66 -24.72 -14.47
CA ALA A 374 -26.00 -23.32 -14.49
C ALA A 374 -26.57 -22.90 -13.14
N ASP A 375 -27.50 -23.68 -12.60
CA ASP A 375 -28.09 -23.36 -11.31
C ASP A 375 -27.03 -23.34 -10.20
N TYR A 376 -26.08 -24.26 -10.25
CA TYR A 376 -25.02 -24.25 -9.24
C TYR A 376 -24.27 -22.91 -9.28
N VAL A 377 -23.96 -22.44 -10.48
CA VAL A 377 -23.22 -21.18 -10.63
C VAL A 377 -24.04 -19.99 -10.12
N LYS A 378 -25.30 -19.92 -10.52
CA LYS A 378 -26.23 -18.95 -9.93
C LYS A 378 -26.27 -19.07 -8.41
N GLU A 379 -26.56 -20.26 -7.88
CA GLU A 379 -26.55 -20.46 -6.43
C GLU A 379 -25.31 -19.82 -5.77
N LEU A 380 -24.12 -20.23 -6.22
CA LEU A 380 -22.86 -19.71 -5.67
C LEU A 380 -22.69 -18.20 -5.84
N VAL A 381 -22.98 -17.71 -7.05
CA VAL A 381 -22.77 -16.31 -7.37
C VAL A 381 -23.63 -15.38 -6.51
N ALA A 382 -24.86 -15.79 -6.24
CA ALA A 382 -25.76 -15.00 -5.39
C ALA A 382 -25.23 -14.78 -3.96
N GLU A 383 -24.23 -15.55 -3.53
CA GLU A 383 -23.79 -15.48 -2.13
C GLU A 383 -22.53 -14.63 -1.91
N THR A 384 -21.91 -14.19 -2.99
CA THR A 384 -20.71 -13.35 -2.91
C THR A 384 -20.94 -12.07 -3.69
N ASP A 385 -19.90 -11.25 -3.79
CA ASP A 385 -19.94 -10.04 -4.55
C ASP A 385 -19.25 -10.22 -5.89
N TYR A 386 -19.28 -11.46 -6.38
CA TYR A 386 -18.86 -11.73 -7.75
C TYR A 386 -19.75 -10.97 -8.73
N PRO A 387 -19.14 -10.29 -9.71
CA PRO A 387 -19.93 -9.54 -10.69
C PRO A 387 -21.06 -10.41 -11.22
N SER A 388 -22.24 -9.84 -11.38
CA SER A 388 -23.32 -10.58 -12.03
C SER A 388 -23.06 -10.68 -13.53
N PHE A 389 -23.58 -11.74 -14.15
CA PHE A 389 -23.41 -11.92 -15.59
C PHE A 389 -24.52 -12.81 -16.10
N ASP A 390 -24.77 -12.75 -17.40
CA ASP A 390 -25.97 -13.37 -17.94
C ASP A 390 -25.83 -14.89 -18.04
N ILE A 391 -26.13 -15.57 -16.94
CA ILE A 391 -26.03 -17.03 -16.85
C ILE A 391 -26.99 -17.74 -17.81
N ASP A 392 -28.22 -17.26 -17.88
CA ASP A 392 -29.20 -17.84 -18.79
C ASP A 392 -28.66 -17.79 -20.20
N GLY A 393 -28.07 -16.65 -20.55
CA GLY A 393 -27.50 -16.45 -21.87
C GLY A 393 -26.39 -17.43 -22.14
N ALA A 394 -25.52 -17.61 -21.15
CA ALA A 394 -24.42 -18.55 -21.27
C ALA A 394 -25.03 -19.93 -21.50
N CYS A 395 -26.11 -20.21 -20.79
CA CYS A 395 -26.75 -21.49 -20.91
C CYS A 395 -27.32 -21.66 -22.33
N ASP A 396 -27.90 -20.60 -22.87
CA ASP A 396 -28.46 -20.69 -24.22
C ASP A 396 -27.35 -20.93 -25.24
N ALA A 397 -26.14 -20.47 -24.91
CA ALA A 397 -25.01 -20.68 -25.79
C ALA A 397 -24.66 -22.16 -25.89
N PHE A 398 -24.65 -22.86 -24.76
CA PHE A 398 -24.44 -24.31 -24.75
C PHE A 398 -25.56 -25.06 -25.46
N PHE A 399 -26.81 -24.60 -25.27
CA PHE A 399 -27.94 -25.19 -25.96
C PHE A 399 -27.77 -25.12 -27.48
N GLU A 400 -27.23 -24.02 -27.98
CA GLU A 400 -27.00 -23.84 -29.42
C GLU A 400 -25.78 -24.64 -29.86
N TRP A 401 -24.75 -24.62 -29.02
CA TRP A 401 -23.57 -25.43 -29.21
C TRP A 401 -23.93 -26.90 -29.39
N LYS A 402 -24.71 -27.45 -28.45
CA LYS A 402 -25.22 -28.81 -28.57
C LYS A 402 -26.00 -29.03 -29.87
N LYS A 403 -26.82 -28.05 -30.24
CA LYS A 403 -27.59 -28.14 -31.48
C LYS A 403 -26.64 -28.26 -32.66
N HIS A 404 -25.67 -27.36 -32.71
CA HIS A 404 -24.70 -27.35 -33.80
C HIS A 404 -23.91 -28.66 -33.86
N LYS A 405 -23.68 -29.31 -32.73
CA LYS A 405 -22.92 -30.57 -32.72
C LYS A 405 -23.72 -31.74 -33.27
N ALA A 406 -25.01 -31.80 -32.96
CA ALA A 406 -25.85 -32.86 -33.48
C ALA A 406 -26.06 -32.67 -34.98
N LYS A 407 -26.05 -31.40 -35.41
CA LYS A 407 -26.26 -31.06 -36.82
C LYS A 407 -25.07 -31.48 -37.69
N ASP A 408 -23.88 -31.31 -37.15
CA ASP A 408 -22.65 -31.53 -37.92
C ASP A 408 -21.48 -31.68 -36.95
N ILE A 409 -21.20 -32.90 -36.56
CA ILE A 409 -20.22 -33.15 -35.52
C ILE A 409 -18.83 -32.68 -35.94
N MET A 410 -18.59 -32.57 -37.25
CA MET A 410 -17.27 -32.23 -37.77
C MET A 410 -17.08 -30.76 -38.12
N ALA A 411 -18.15 -29.96 -38.01
CA ALA A 411 -18.07 -28.57 -38.44
C ALA A 411 -18.60 -27.63 -37.37
N PHE A 412 -19.02 -28.20 -36.26
CA PHE A 412 -19.70 -27.45 -35.24
C PHE A 412 -18.90 -26.22 -34.83
N ARG A 413 -17.58 -26.26 -35.06
CA ARG A 413 -16.71 -25.16 -34.66
C ARG A 413 -16.68 -23.98 -35.64
N ASP A 414 -17.32 -24.15 -36.79
CA ASP A 414 -17.48 -23.05 -37.72
C ASP A 414 -18.79 -22.33 -37.38
N ASN A 415 -18.87 -21.81 -36.16
CA ASN A 415 -20.07 -21.14 -35.65
C ASN A 415 -19.77 -19.98 -34.71
N SER A 416 -20.77 -19.12 -34.53
CA SER A 416 -20.67 -17.96 -33.64
C SER A 416 -21.81 -17.92 -32.63
N TYR A 417 -21.61 -17.14 -31.57
CA TYR A 417 -22.61 -17.03 -30.52
C TYR A 417 -22.67 -15.61 -29.97
N LYS A 418 -23.77 -15.33 -29.28
CA LYS A 418 -23.99 -14.01 -28.69
C LYS A 418 -23.17 -13.83 -27.43
N SER A 419 -22.44 -12.72 -27.37
CA SER A 419 -21.74 -12.33 -26.15
C SER A 419 -22.73 -12.11 -25.02
N VAL A 420 -22.42 -12.68 -23.86
CA VAL A 420 -23.23 -12.51 -22.66
C VAL A 420 -23.32 -11.04 -22.26
N ILE A 421 -22.33 -10.23 -22.65
CA ILE A 421 -22.38 -8.80 -22.35
C ILE A 421 -23.03 -7.94 -23.45
N THR A 422 -22.69 -8.20 -24.72
CA THR A 422 -23.23 -7.40 -25.83
C THR A 422 -24.52 -7.97 -26.43
N GLY A 423 -24.57 -9.28 -26.63
CA GLY A 423 -25.72 -9.94 -27.23
C GLY A 423 -25.58 -10.23 -28.71
N THR A 424 -24.43 -9.90 -29.29
CA THR A 424 -24.23 -9.99 -30.73
C THR A 424 -23.22 -11.07 -31.20
N MET A 425 -23.57 -11.73 -32.30
CA MET A 425 -22.80 -12.87 -32.82
C MET A 425 -21.33 -12.53 -33.11
N ALA A 426 -20.43 -13.31 -32.51
CA ALA A 426 -19.01 -13.20 -32.81
C ALA A 426 -18.78 -13.27 -34.32
N PRO A 427 -17.65 -12.70 -34.78
CA PRO A 427 -17.28 -12.71 -36.20
C PRO A 427 -16.93 -14.12 -36.61
N VAL A 428 -17.14 -14.47 -37.88
CA VAL A 428 -16.72 -15.77 -38.37
C VAL A 428 -15.20 -15.81 -38.48
N HIS A 429 -14.60 -16.94 -38.13
CA HIS A 429 -13.15 -17.08 -38.28
C HIS A 429 -12.79 -17.21 -39.75
N HIS A 430 -11.53 -16.92 -40.08
CA HIS A 430 -11.12 -16.72 -41.47
C HIS A 430 -10.90 -18.02 -42.20
N THR A 431 -11.18 -19.12 -41.53
CA THR A 431 -10.95 -20.44 -42.09
C THR A 431 -11.86 -21.48 -41.44
N PRO A 432 -12.45 -22.35 -42.27
CA PRO A 432 -13.18 -23.50 -41.75
C PRO A 432 -12.25 -24.30 -40.83
N TRP A 433 -12.78 -24.80 -39.72
CA TRP A 433 -11.97 -25.59 -38.78
C TRP A 433 -11.16 -26.66 -39.49
N LYS A 434 -11.82 -27.51 -40.26
CA LYS A 434 -11.17 -28.68 -40.84
C LYS A 434 -10.03 -28.29 -41.77
N GLU A 435 -9.94 -27.02 -42.15
CA GLU A 435 -8.80 -26.54 -42.95
C GLU A 435 -7.77 -25.78 -42.13
N ALA A 436 -8.17 -25.28 -40.97
CA ALA A 436 -7.26 -24.52 -40.12
C ALA A 436 -6.24 -25.44 -39.48
N LEU A 437 -5.23 -25.82 -40.26
CA LEU A 437 -4.18 -26.72 -39.78
C LEU A 437 -3.17 -26.02 -38.86
N ASP A 438 -3.07 -24.70 -38.96
CA ASP A 438 -2.18 -23.99 -38.05
C ASP A 438 -2.92 -23.46 -36.82
N ASP A 439 -2.44 -23.91 -35.65
CA ASP A 439 -3.09 -23.68 -34.37
C ASP A 439 -2.44 -22.55 -33.55
N SER A 440 -1.50 -21.85 -34.17
CA SER A 440 -0.77 -20.78 -33.49
C SER A 440 -1.67 -19.56 -33.19
N MET A 441 -1.33 -18.83 -32.14
CA MET A 441 -2.05 -17.61 -31.79
C MET A 441 -1.88 -16.50 -32.83
N GLU A 442 -0.80 -16.56 -33.62
CA GLU A 442 -0.57 -15.53 -34.65
C GLU A 442 -1.43 -15.77 -35.89
N ALA A 443 -1.52 -17.03 -36.33
CA ALA A 443 -2.36 -17.36 -37.47
C ALA A 443 -3.82 -17.08 -37.14
N TYR A 444 -4.20 -17.38 -35.89
CA TYR A 444 -5.57 -17.15 -35.46
C TYR A 444 -5.95 -15.67 -35.51
N LEU A 445 -5.08 -14.82 -34.99
CA LEU A 445 -5.38 -13.40 -34.92
C LEU A 445 -4.89 -12.64 -36.15
N GLN A 446 -4.37 -13.39 -37.12
CA GLN A 446 -3.87 -12.81 -38.35
C GLN A 446 -2.77 -11.77 -38.11
N THR B 2 -29.72 15.26 -11.89
CA THR B 2 -28.65 15.78 -11.06
C THR B 2 -28.14 14.75 -10.05
N LYS B 3 -26.98 15.05 -9.46
CA LYS B 3 -26.38 14.25 -8.39
C LYS B 3 -27.12 14.41 -7.07
N ARG B 4 -26.97 13.43 -6.19
CA ARG B 4 -27.55 13.53 -4.86
C ARG B 4 -26.54 13.17 -3.79
N VAL B 5 -26.58 13.93 -2.70
CA VAL B 5 -25.78 13.66 -1.54
C VAL B 5 -26.72 13.44 -0.38
N ALA B 6 -26.42 12.44 0.44
CA ALA B 6 -27.13 12.23 1.70
C ALA B 6 -26.24 12.62 2.87
N VAL B 7 -26.73 13.48 3.76
CA VAL B 7 -25.98 13.86 4.95
C VAL B 7 -26.62 13.15 6.14
N ILE B 8 -25.82 12.39 6.90
CA ILE B 8 -26.34 11.71 8.10
C ILE B 8 -26.04 12.51 9.37
N GLY B 9 -27.02 13.24 9.84
CA GLY B 9 -26.87 13.99 11.06
C GLY B 9 -26.97 15.48 10.85
N ALA B 10 -27.62 16.13 11.81
CA ALA B 10 -27.82 17.57 11.79
C ALA B 10 -27.38 18.22 13.10
N GLY B 11 -26.26 17.76 13.64
CA GLY B 11 -25.55 18.50 14.68
C GLY B 11 -24.64 19.53 14.01
N PRO B 12 -23.84 20.24 14.80
CA PRO B 12 -22.83 21.16 14.24
C PRO B 12 -22.20 20.67 12.92
N SER B 13 -21.81 19.40 12.85
CA SER B 13 -21.15 18.97 11.62
C SER B 13 -22.08 18.92 10.39
N GLY B 14 -23.18 18.18 10.50
CA GLY B 14 -24.18 18.15 9.44
C GLY B 14 -24.66 19.54 9.02
N LEU B 15 -24.90 20.42 10.00
CA LEU B 15 -25.36 21.79 9.71
C LEU B 15 -24.30 22.55 8.95
N ALA B 16 -23.06 22.38 9.35
CA ALA B 16 -21.96 23.04 8.67
C ALA B 16 -21.94 22.58 7.22
N GLN B 17 -22.21 21.29 7.03
CA GLN B 17 -22.14 20.70 5.70
C GLN B 17 -23.27 21.24 4.86
N LEU B 18 -24.45 21.36 5.45
CA LEU B 18 -25.56 21.95 4.73
C LEU B 18 -25.19 23.40 4.38
N ARG B 19 -24.78 24.16 5.39
CA ARG B 19 -24.39 25.55 5.21
C ARG B 19 -23.36 25.70 4.08
N ALA B 20 -22.35 24.84 4.08
CA ALA B 20 -21.37 24.80 3.04
C ALA B 20 -22.03 24.79 1.66
N PHE B 21 -22.99 23.90 1.47
CA PHE B 21 -23.58 23.75 0.16
C PHE B 21 -24.43 24.95 -0.23
N GLN B 22 -25.11 25.54 0.74
N GLN B 22 -25.11 25.51 0.76
CA GLN B 22 -25.97 26.68 0.46
CA GLN B 22 -25.96 26.68 0.58
C GLN B 22 -25.14 27.91 0.07
C GLN B 22 -25.15 27.89 0.10
N SER B 23 -24.01 28.11 0.75
CA SER B 23 -23.17 29.27 0.46
C SER B 23 -22.61 29.21 -0.93
N ALA B 24 -22.42 27.99 -1.43
CA ALA B 24 -21.88 27.83 -2.76
C ALA B 24 -22.99 27.98 -3.79
N ALA B 25 -24.15 27.43 -3.48
CA ALA B 25 -25.31 27.55 -4.35
C ALA B 25 -25.69 29.00 -4.55
N ASP B 26 -25.65 29.76 -3.45
CA ASP B 26 -26.01 31.18 -3.45
C ASP B 26 -25.05 32.07 -4.26
N GLN B 27 -23.78 31.71 -4.32
CA GLN B 27 -22.80 32.43 -5.16
C GLN B 27 -22.90 32.03 -6.63
N GLY B 28 -23.66 30.98 -6.91
CA GLY B 28 -23.95 30.62 -8.29
C GLY B 28 -23.48 29.27 -8.77
N ALA B 29 -22.85 28.51 -7.90
CA ALA B 29 -22.44 27.15 -8.26
C ALA B 29 -23.65 26.25 -8.34
N GLU B 30 -23.69 25.37 -9.33
CA GLU B 30 -24.72 24.34 -9.35
C GLU B 30 -24.35 23.27 -8.33
N ILE B 31 -25.19 23.06 -7.35
CA ILE B 31 -24.95 22.00 -6.40
C ILE B 31 -25.85 20.81 -6.70
N PRO B 32 -25.48 19.63 -6.14
CA PRO B 32 -26.36 18.45 -6.19
C PRO B 32 -27.55 18.60 -5.24
N GLU B 33 -28.49 17.66 -5.34
CA GLU B 33 -29.59 17.59 -4.38
C GLU B 33 -29.06 17.17 -3.02
N ILE B 34 -29.43 17.92 -1.98
CA ILE B 34 -29.03 17.60 -0.62
C ILE B 34 -30.18 17.03 0.22
N VAL B 35 -29.92 15.90 0.89
CA VAL B 35 -30.88 15.31 1.83
C VAL B 35 -30.17 15.01 3.14
N CYS B 36 -30.58 15.68 4.22
CA CYS B 36 -30.02 15.40 5.53
C CYS B 36 -30.99 14.52 6.31
N PHE B 37 -30.49 13.48 6.97
CA PHE B 37 -31.33 12.57 7.74
C PHE B 37 -31.04 12.76 9.21
N GLU B 38 -32.06 13.02 10.02
CA GLU B 38 -31.82 13.33 11.41
C GLU B 38 -32.78 12.59 12.33
N LYS B 39 -32.18 11.87 13.28
CA LYS B 39 -32.84 10.99 14.22
C LYS B 39 -33.76 11.74 15.19
N GLN B 40 -33.28 12.87 15.69
CA GLN B 40 -34.01 13.63 16.70
C GLN B 40 -35.16 14.46 16.13
N ALA B 41 -35.93 15.08 17.01
CA ALA B 41 -37.01 15.95 16.58
C ALA B 41 -36.48 17.24 15.95
N ASN B 42 -35.26 17.61 16.31
CA ASN B 42 -34.73 18.94 16.01
C ASN B 42 -33.21 18.87 15.74
N TRP B 43 -32.65 19.89 15.09
CA TRP B 43 -31.21 19.96 14.83
C TRP B 43 -30.45 20.43 16.07
N GLY B 44 -29.13 20.50 15.99
CA GLY B 44 -28.32 20.84 17.15
C GLY B 44 -27.45 19.71 17.71
N GLY B 45 -27.82 18.47 17.40
CA GLY B 45 -27.04 17.30 17.78
C GLY B 45 -26.83 17.18 19.29
N LEU B 46 -25.57 17.12 19.70
CA LEU B 46 -25.24 17.03 21.11
C LEU B 46 -25.73 18.23 21.90
N TRP B 47 -26.16 19.27 21.20
CA TRP B 47 -26.54 20.50 21.87
C TRP B 47 -27.99 20.58 22.31
N ASN B 48 -28.84 19.72 21.74
CA ASN B 48 -30.16 19.47 22.33
C ASN B 48 -29.99 18.94 23.71
N TYR B 49 -30.77 19.46 24.63
CA TYR B 49 -30.83 18.83 25.92
C TYR B 49 -32.06 17.94 25.94
N THR B 50 -31.97 16.83 26.65
CA THR B 50 -33.15 16.04 26.91
C THR B 50 -33.00 15.29 28.20
N TRP B 51 -34.07 15.35 29.01
CA TRP B 51 -34.15 14.69 30.30
C TRP B 51 -34.14 13.18 30.10
N ARG B 52 -34.44 12.74 28.88
CA ARG B 52 -34.51 11.32 28.59
C ARG B 52 -33.10 10.73 28.52
N THR B 53 -32.92 9.52 29.07
CA THR B 53 -31.67 8.75 28.92
C THR B 53 -31.98 7.30 28.55
N GLY B 54 -31.07 6.65 27.83
CA GLY B 54 -31.32 5.31 27.33
C GLY B 54 -31.94 5.34 25.93
N LEU B 55 -33.23 5.02 25.84
CA LEU B 55 -33.96 5.11 24.59
C LEU B 55 -34.83 6.35 24.58
N ASP B 56 -34.98 7.00 23.42
CA ASP B 56 -35.86 8.16 23.32
C ASP B 56 -37.32 7.76 23.17
N GLU B 57 -38.16 8.75 22.90
CA GLU B 57 -39.59 8.55 22.72
C GLU B 57 -39.92 7.56 21.59
N ASN B 58 -39.08 7.50 20.56
CA ASN B 58 -39.37 6.60 19.44
C ASN B 58 -38.76 5.22 19.64
N GLY B 59 -38.04 5.05 20.75
CA GLY B 59 -37.32 3.83 21.04
C GLY B 59 -35.93 3.75 20.43
N GLU B 60 -35.45 4.85 19.87
CA GLU B 60 -34.11 4.92 19.35
C GLU B 60 -33.25 5.36 20.52
N PRO B 61 -31.97 4.99 20.50
CA PRO B 61 -31.01 5.37 21.55
C PRO B 61 -30.93 6.89 21.70
N VAL B 62 -30.89 7.39 22.94
CA VAL B 62 -30.75 8.80 23.18
C VAL B 62 -29.37 9.24 22.71
N HIS B 63 -29.33 10.22 21.83
CA HIS B 63 -28.04 10.71 21.34
C HIS B 63 -27.38 11.64 22.34
N CYS B 64 -28.19 12.48 22.98
CA CYS B 64 -27.70 13.52 23.89
C CYS B 64 -26.76 12.99 24.96
N SER B 65 -25.62 13.65 25.13
CA SER B 65 -24.73 13.30 26.23
C SER B 65 -24.46 14.53 27.11
N MET B 66 -25.27 15.57 26.94
CA MET B 66 -25.11 16.75 27.77
C MET B 66 -26.04 16.69 28.97
N TYR B 67 -25.74 17.48 29.99
CA TYR B 67 -26.52 17.47 31.22
C TYR B 67 -26.96 18.89 31.53
N ARG B 68 -27.72 19.04 32.61
CA ARG B 68 -28.11 20.37 33.08
C ARG B 68 -26.90 21.14 33.60
N TYR B 69 -26.94 22.46 33.46
CA TYR B 69 -25.94 23.37 34.01
C TYR B 69 -24.62 23.36 33.24
N LEU B 70 -24.64 22.71 32.08
CA LEU B 70 -23.46 22.65 31.24
C LEU B 70 -23.15 24.00 30.58
N TRP B 71 -21.94 24.50 30.79
CA TRP B 71 -21.43 25.67 30.09
C TRP B 71 -20.28 25.25 29.19
N SER B 72 -20.04 26.03 28.15
CA SER B 72 -18.89 25.89 27.26
C SER B 72 -17.63 25.56 28.04
N ASN B 73 -16.88 24.55 27.60
CA ASN B 73 -15.67 24.19 28.36
C ASN B 73 -14.44 24.92 27.87
N GLY B 74 -14.57 25.57 26.71
CA GLY B 74 -13.49 26.37 26.16
C GLY B 74 -13.95 27.78 25.85
N PRO B 75 -13.01 28.68 25.49
CA PRO B 75 -13.42 30.04 25.13
C PRO B 75 -14.16 30.01 23.79
N LYS B 76 -15.27 30.74 23.69
CA LYS B 76 -16.07 30.73 22.47
C LYS B 76 -15.28 31.31 21.30
N GLU B 77 -14.26 32.10 21.62
CA GLU B 77 -13.45 32.77 20.60
C GLU B 77 -12.76 31.72 19.76
N GLY B 78 -12.61 30.53 20.32
CA GLY B 78 -12.00 29.42 19.60
C GLY B 78 -13.00 28.74 18.69
N LEU B 79 -14.28 29.02 18.89
CA LEU B 79 -15.33 28.28 18.21
C LEU B 79 -16.23 29.17 17.35
N GLU B 80 -15.91 30.46 17.29
CA GLU B 80 -16.74 31.38 16.49
C GLU B 80 -16.71 30.98 15.02
N PHE B 81 -17.89 30.96 14.38
CA PHE B 81 -17.96 30.75 12.94
C PHE B 81 -17.22 31.91 12.27
N ALA B 82 -16.49 31.61 11.20
CA ALA B 82 -15.80 32.65 10.44
C ALA B 82 -16.81 33.38 9.56
N ASP B 83 -17.94 32.74 9.28
CA ASP B 83 -18.97 33.31 8.42
C ASP B 83 -20.22 33.78 9.19
N TYR B 84 -20.12 33.80 10.52
CA TYR B 84 -21.25 34.16 11.36
C TYR B 84 -20.76 34.47 12.77
N SER B 85 -20.49 35.74 13.03
CA SER B 85 -19.91 36.14 14.31
C SER B 85 -20.94 36.10 15.43
N PHE B 86 -20.45 36.09 16.66
CA PHE B 86 -21.31 36.19 17.84
C PHE B 86 -21.96 37.55 17.91
N GLU B 87 -21.30 38.55 17.34
CA GLU B 87 -21.79 39.91 17.39
C GLU B 87 -22.93 40.10 16.41
N GLU B 88 -22.79 39.57 15.21
CA GLU B 88 -23.88 39.61 14.25
C GLU B 88 -25.12 39.01 14.89
N HIS B 89 -24.92 37.91 15.62
CA HIS B 89 -26.01 37.12 16.16
C HIS B 89 -26.61 37.62 17.48
N PHE B 90 -25.75 38.03 18.41
CA PHE B 90 -26.25 38.47 19.71
C PHE B 90 -26.33 39.98 19.88
N GLY B 91 -25.78 40.71 18.91
CA GLY B 91 -25.81 42.17 18.91
C GLY B 91 -24.82 42.82 19.86
N LYS B 92 -24.55 42.18 20.99
CA LYS B 92 -23.65 42.76 21.98
C LYS B 92 -22.43 41.87 22.20
N GLN B 93 -21.91 41.94 23.42
CA GLN B 93 -20.75 41.18 23.79
C GLN B 93 -21.03 40.32 25.01
N ILE B 94 -21.06 39.01 24.80
CA ILE B 94 -21.27 38.07 25.88
C ILE B 94 -19.93 37.57 26.42
N ALA B 95 -19.94 37.00 27.61
CA ALA B 95 -18.73 36.46 28.21
C ALA B 95 -18.14 35.36 27.34
N SER B 96 -17.03 34.78 27.79
CA SER B 96 -16.32 33.78 26.99
C SER B 96 -16.78 32.31 27.11
N TYR B 97 -17.56 32.00 28.14
CA TYR B 97 -18.07 30.64 28.40
C TYR B 97 -19.57 30.62 28.61
N PRO B 98 -20.33 30.68 27.50
CA PRO B 98 -21.80 30.71 27.51
C PRO B 98 -22.37 29.33 27.80
N PRO B 99 -23.51 29.26 28.51
CA PRO B 99 -24.15 27.98 28.81
C PRO B 99 -24.71 27.30 27.56
N ARG B 100 -25.08 26.03 27.69
CA ARG B 100 -25.55 25.21 26.56
C ARG B 100 -26.58 25.94 25.72
N ALA B 101 -27.64 26.40 26.40
CA ALA B 101 -28.75 27.09 25.75
C ALA B 101 -28.28 28.16 24.79
N VAL B 102 -27.33 28.98 25.23
CA VAL B 102 -26.90 30.14 24.46
C VAL B 102 -26.11 29.70 23.23
N LEU B 103 -25.24 28.72 23.39
CA LEU B 103 -24.54 28.20 22.23
C LEU B 103 -25.49 27.46 21.28
N PHE B 104 -26.49 26.77 21.82
CA PHE B 104 -27.49 26.19 20.93
C PHE B 104 -28.17 27.30 20.09
N ASP B 105 -28.48 28.41 20.75
CA ASP B 105 -29.19 29.51 20.09
C ASP B 105 -28.36 30.14 18.96
N TYR B 106 -27.06 30.22 19.18
CA TYR B 106 -26.09 30.72 18.20
C TYR B 106 -25.91 29.74 17.04
N ILE B 107 -25.89 28.44 17.35
CA ILE B 107 -25.83 27.42 16.32
C ILE B 107 -27.07 27.49 15.41
N GLU B 108 -28.23 27.60 16.05
CA GLU B 108 -29.50 27.68 15.33
C GLU B 108 -29.52 28.90 14.41
N GLY B 109 -29.14 30.04 14.98
CA GLY B 109 -29.08 31.31 14.24
C GLY B 109 -28.48 31.19 12.86
N ARG B 110 -27.27 30.67 12.78
CA ARG B 110 -26.59 30.55 11.49
C ARG B 110 -27.39 29.71 10.48
N VAL B 111 -27.88 28.53 10.89
CA VAL B 111 -28.62 27.67 9.94
C VAL B 111 -30.00 28.22 9.62
N HIS B 112 -30.61 28.92 10.58
CA HIS B 112 -31.88 29.58 10.32
C HIS B 112 -31.68 30.51 9.15
N LYS B 113 -30.78 31.49 9.32
CA LYS B 113 -30.40 32.38 8.23
C LYS B 113 -30.11 31.63 6.94
N ALA B 114 -29.39 30.51 7.04
CA ALA B 114 -29.00 29.76 5.85
C ALA B 114 -30.20 29.20 5.08
N ASP B 115 -31.32 29.00 5.77
CA ASP B 115 -32.53 28.48 5.14
C ASP B 115 -32.29 27.06 4.60
N VAL B 116 -31.60 26.24 5.40
CA VAL B 116 -31.27 24.88 5.00
C VAL B 116 -32.13 23.78 5.67
N ARG B 117 -32.92 24.17 6.67
CA ARG B 117 -33.81 23.24 7.36
C ARG B 117 -34.65 22.43 6.38
N LYS B 118 -35.07 23.06 5.29
CA LYS B 118 -35.85 22.41 4.25
C LYS B 118 -35.15 21.17 3.64
N TRP B 119 -33.87 20.99 3.93
CA TRP B 119 -33.13 19.83 3.43
C TRP B 119 -33.16 18.68 4.44
N ILE B 120 -33.51 19.02 5.68
CA ILE B 120 -33.49 18.09 6.80
C ILE B 120 -34.79 17.29 6.97
N ARG B 121 -34.65 15.97 7.12
CA ARG B 121 -35.77 15.14 7.50
C ARG B 121 -35.57 14.71 8.95
N PHE B 122 -36.26 15.36 9.88
CA PHE B 122 -36.16 15.03 11.30
C PHE B 122 -36.89 13.73 11.67
N ASN B 123 -36.66 13.24 12.89
CA ASN B 123 -37.25 11.98 13.35
C ASN B 123 -37.03 10.83 12.37
N SER B 124 -35.86 10.80 11.73
CA SER B 124 -35.63 9.84 10.65
C SER B 124 -34.24 9.25 10.75
N PRO B 125 -34.08 8.28 11.64
CA PRO B 125 -32.80 7.59 11.79
C PRO B 125 -32.44 6.81 10.52
N VAL B 126 -31.19 6.91 10.11
CA VAL B 126 -30.74 6.06 9.03
C VAL B 126 -30.64 4.63 9.60
N ARG B 127 -31.22 3.66 8.90
CA ARG B 127 -31.10 2.26 9.29
C ARG B 127 -29.89 1.58 8.65
N TRP B 128 -29.48 2.06 7.49
CA TRP B 128 -28.49 1.34 6.71
C TRP B 128 -27.96 2.13 5.52
N VAL B 129 -26.72 1.85 5.15
CA VAL B 129 -26.12 2.46 3.98
C VAL B 129 -25.33 1.38 3.29
N SER B 130 -25.64 1.11 2.03
CA SER B 130 -24.85 0.17 1.27
C SER B 130 -24.37 0.81 0.00
N TYR B 131 -23.26 0.31 -0.54
CA TYR B 131 -22.77 0.82 -1.80
C TYR B 131 -22.67 -0.29 -2.83
N ASP B 132 -23.17 -0.03 -4.04
CA ASP B 132 -23.14 -1.02 -5.11
C ASP B 132 -22.21 -0.60 -6.24
N ALA B 133 -21.20 -1.43 -6.49
CA ALA B 133 -20.16 -1.09 -7.46
C ALA B 133 -20.73 -0.82 -8.86
N GLU B 134 -21.69 -1.64 -9.26
CA GLU B 134 -22.17 -1.63 -10.64
C GLU B 134 -23.02 -0.39 -10.97
N THR B 135 -23.58 0.26 -9.95
CA THR B 135 -24.42 1.41 -10.19
C THR B 135 -23.69 2.65 -9.72
N ALA B 136 -22.63 2.42 -8.96
CA ALA B 136 -21.82 3.49 -8.40
C ALA B 136 -22.68 4.43 -7.57
N LYS B 137 -23.56 3.83 -6.77
CA LYS B 137 -24.44 4.60 -5.91
C LYS B 137 -24.66 3.93 -4.57
N PHE B 138 -24.75 4.74 -3.52
CA PHE B 138 -25.09 4.25 -2.19
C PHE B 138 -26.58 4.01 -2.10
N THR B 139 -27.00 3.07 -1.26
CA THR B 139 -28.41 2.91 -0.96
C THR B 139 -28.57 3.27 0.52
N VAL B 140 -29.36 4.30 0.80
CA VAL B 140 -29.65 4.69 2.16
C VAL B 140 -31.04 4.19 2.53
N THR B 141 -31.16 3.50 3.66
CA THR B 141 -32.45 3.06 4.20
C THR B 141 -32.71 3.80 5.51
N ALA B 142 -33.82 4.53 5.57
CA ALA B 142 -34.10 5.40 6.71
C ALA B 142 -35.52 5.14 7.19
N HIS B 143 -35.77 5.41 8.46
CA HIS B 143 -37.08 5.14 9.03
C HIS B 143 -37.70 6.40 9.56
N ASN B 144 -38.87 6.71 9.00
CA ASN B 144 -39.58 7.93 9.33
C ASN B 144 -40.52 7.64 10.49
N HIS B 145 -40.22 8.18 11.66
CA HIS B 145 -41.04 7.91 12.82
C HIS B 145 -42.35 8.69 12.83
N GLU B 146 -42.46 9.68 11.96
CA GLU B 146 -43.66 10.47 11.87
C GLU B 146 -44.73 9.62 11.21
N THR B 147 -44.34 8.84 10.21
CA THR B 147 -45.30 8.01 9.49
C THR B 147 -45.14 6.53 9.85
N ASP B 148 -44.11 6.25 10.65
CA ASP B 148 -43.71 4.88 10.93
C ASP B 148 -43.54 4.14 9.61
N SER B 149 -42.78 4.72 8.70
CA SER B 149 -42.50 4.04 7.45
C SER B 149 -41.01 4.07 7.17
N THR B 150 -40.48 2.91 6.77
CA THR B 150 -39.09 2.77 6.34
C THR B 150 -39.02 2.84 4.83
N TYR B 151 -38.02 3.55 4.31
CA TYR B 151 -37.80 3.54 2.87
C TYR B 151 -36.33 3.57 2.50
N SER B 152 -36.07 3.28 1.24
CA SER B 152 -34.72 3.34 0.67
C SER B 152 -34.70 4.31 -0.49
N ALA B 153 -33.52 4.86 -0.75
CA ALA B 153 -33.24 5.62 -1.95
C ALA B 153 -31.74 5.71 -2.19
N ALA B 154 -31.38 6.08 -3.41
CA ALA B 154 -29.98 6.08 -3.86
C ALA B 154 -29.38 7.47 -3.79
N PHE B 155 -28.07 7.53 -3.59
CA PHE B 155 -27.33 8.78 -3.60
C PHE B 155 -25.95 8.53 -4.19
N ASP B 156 -25.38 9.57 -4.79
CA ASP B 156 -24.06 9.47 -5.37
C ASP B 156 -22.96 9.67 -4.33
N HIS B 157 -23.32 10.26 -3.20
CA HIS B 157 -22.37 10.58 -2.14
C HIS B 157 -23.01 10.49 -0.77
N VAL B 158 -22.29 9.97 0.19
CA VAL B 158 -22.83 9.87 1.54
C VAL B 158 -21.89 10.53 2.51
N ILE B 159 -22.44 11.41 3.33
CA ILE B 159 -21.67 12.21 4.22
C ILE B 159 -22.10 11.97 5.63
N CYS B 160 -21.38 11.10 6.33
CA CYS B 160 -21.77 10.68 7.67
C CYS B 160 -21.29 11.65 8.73
N ALA B 161 -22.22 12.35 9.37
CA ALA B 161 -21.85 13.27 10.46
C ALA B 161 -22.56 12.89 11.75
N SER B 162 -22.46 11.61 12.12
CA SER B 162 -23.28 11.08 13.18
C SER B 162 -22.68 11.25 14.57
N GLY B 163 -21.48 11.78 14.64
CA GLY B 163 -20.87 12.07 15.95
C GLY B 163 -20.27 10.85 16.61
N HIS B 164 -19.46 11.05 17.64
CA HIS B 164 -18.84 9.90 18.30
C HIS B 164 -18.69 10.03 19.79
N PHE B 165 -19.59 10.77 20.43
CA PHE B 165 -19.53 10.93 21.87
C PHE B 165 -20.90 10.57 22.42
N SER B 166 -21.58 9.65 21.75
CA SER B 166 -22.92 9.26 22.16
C SER B 166 -23.05 7.80 22.57
N THR B 167 -22.18 6.93 22.03
CA THR B 167 -22.17 5.51 22.44
C THR B 167 -21.10 5.26 23.48
N PRO B 168 -21.50 5.03 24.72
CA PRO B 168 -20.51 4.99 25.80
C PRO B 168 -19.63 3.72 25.82
N ASN B 169 -18.39 3.93 26.24
CA ASN B 169 -17.55 2.85 26.69
C ASN B 169 -17.93 2.59 28.15
N VAL B 170 -18.46 1.41 28.47
CA VAL B 170 -18.90 1.13 29.83
C VAL B 170 -18.24 -0.16 30.38
N PRO B 171 -17.12 -0.02 31.10
CA PRO B 171 -16.38 -1.17 31.62
C PRO B 171 -17.05 -1.88 32.77
N PHE B 172 -16.89 -3.20 32.83
CA PHE B 172 -17.30 -3.85 34.05
C PHE B 172 -16.14 -3.89 35.03
N TYR B 173 -16.44 -3.65 36.29
CA TYR B 173 -15.50 -3.83 37.37
C TYR B 173 -16.20 -4.62 38.46
N GLU B 174 -15.48 -5.57 39.05
CA GLU B 174 -15.96 -6.36 40.18
C GLU B 174 -16.67 -5.48 41.22
N GLY B 175 -17.87 -5.92 41.64
CA GLY B 175 -18.64 -5.17 42.61
C GLY B 175 -19.72 -4.31 41.98
N PHE B 176 -19.54 -4.00 40.69
CA PHE B 176 -20.46 -3.13 39.98
C PHE B 176 -21.88 -3.69 40.02
N ASP B 177 -22.01 -4.97 39.77
CA ASP B 177 -23.33 -5.55 39.71
C ASP B 177 -24.02 -5.70 41.06
N THR B 178 -23.31 -5.39 42.16
CA THR B 178 -23.86 -5.59 43.50
C THR B 178 -23.81 -4.33 44.36
N PHE B 179 -23.19 -3.29 43.81
CA PHE B 179 -23.08 -2.01 44.50
C PHE B 179 -24.43 -1.43 44.90
N ASN B 180 -24.49 -0.95 46.14
CA ASN B 180 -25.71 -0.35 46.70
C ASN B 180 -25.79 1.16 46.47
N GLY B 181 -25.92 1.55 45.22
CA GLY B 181 -25.99 2.97 44.90
C GLY B 181 -25.92 3.18 43.40
N ARG B 182 -26.04 4.44 43.01
CA ARG B 182 -26.14 4.79 41.61
C ARG B 182 -24.85 4.49 40.85
N ILE B 183 -24.98 3.79 39.73
CA ILE B 183 -23.88 3.73 38.76
C ILE B 183 -24.37 4.18 37.40
N VAL B 184 -23.72 5.20 36.84
N VAL B 184 -23.76 5.22 36.87
CA VAL B 184 -24.18 5.81 35.61
CA VAL B 184 -24.17 5.73 35.58
C VAL B 184 -22.99 6.27 34.79
C VAL B 184 -22.94 6.12 34.80
N HIS B 185 -23.08 6.12 33.48
CA HIS B 185 -22.04 6.61 32.59
C HIS B 185 -22.36 8.08 32.32
N ALA B 186 -21.33 8.88 32.06
CA ALA B 186 -21.51 10.31 31.80
C ALA B 186 -22.61 10.58 30.75
N HIS B 187 -22.65 9.73 29.72
CA HIS B 187 -23.70 9.78 28.71
C HIS B 187 -25.12 9.92 29.27
N ASP B 188 -25.41 9.30 30.41
CA ASP B 188 -26.77 9.38 31.00
C ASP B 188 -26.79 10.27 32.25
N PHE B 189 -25.70 10.98 32.52
CA PHE B 189 -25.67 11.92 33.64
C PHE B 189 -26.51 13.11 33.22
N ARG B 190 -27.35 13.59 34.12
CA ARG B 190 -28.24 14.70 33.77
C ARG B 190 -28.24 15.85 34.80
N ASP B 191 -28.37 15.52 36.08
CA ASP B 191 -28.55 16.55 37.10
C ASP B 191 -27.67 16.36 38.31
N ALA B 192 -26.70 17.24 38.48
CA ALA B 192 -25.83 17.21 39.65
C ALA B 192 -26.56 17.29 41.00
N ARG B 193 -27.71 17.98 41.01
CA ARG B 193 -28.44 18.16 42.26
C ARG B 193 -28.60 16.78 42.91
N GLU B 194 -28.81 15.78 42.07
CA GLU B 194 -29.06 14.40 42.51
C GLU B 194 -27.98 13.86 43.45
N PHE B 195 -26.80 14.45 43.43
CA PHE B 195 -25.70 13.91 44.21
C PHE B 195 -25.35 14.84 45.35
N GLU B 196 -26.22 15.85 45.54
CA GLU B 196 -26.07 16.78 46.64
C GLU B 196 -25.76 16.00 47.92
N GLY B 197 -24.56 16.20 48.45
CA GLY B 197 -24.20 15.66 49.74
C GLY B 197 -23.97 14.17 49.77
N LYS B 198 -23.48 13.63 48.65
CA LYS B 198 -23.03 12.25 48.62
C LYS B 198 -21.52 12.22 48.38
N ASP B 199 -20.91 11.08 48.66
CA ASP B 199 -19.51 10.89 48.36
C ASP B 199 -19.41 10.28 46.97
N VAL B 200 -19.28 11.14 45.96
CA VAL B 200 -19.24 10.68 44.56
C VAL B 200 -17.88 10.12 44.13
N LEU B 201 -17.87 9.01 43.41
CA LEU B 201 -16.65 8.50 42.77
C LEU B 201 -16.68 8.68 41.25
N VAL B 202 -15.77 9.47 40.72
CA VAL B 202 -15.74 9.72 39.28
C VAL B 202 -14.61 8.96 38.62
N MET B 203 -14.94 8.01 37.75
CA MET B 203 -13.90 7.27 37.07
C MET B 203 -13.56 7.86 35.71
N GLY B 204 -12.29 8.16 35.52
CA GLY B 204 -11.86 8.80 34.29
C GLY B 204 -11.00 9.99 34.65
N ALA B 205 -10.21 10.48 33.70
CA ALA B 205 -9.28 11.54 33.99
C ALA B 205 -9.19 12.49 32.83
N SER B 206 -10.33 12.76 32.22
CA SER B 206 -10.35 13.57 31.01
C SER B 206 -11.55 14.54 31.05
N SER B 207 -11.92 15.12 29.91
CA SER B 207 -12.85 16.24 29.95
C SER B 207 -14.10 15.97 30.79
N SER B 208 -14.71 14.82 30.58
CA SER B 208 -15.94 14.46 31.27
C SER B 208 -15.71 14.28 32.77
N ALA B 209 -14.57 13.71 33.13
CA ALA B 209 -14.30 13.51 34.55
C ALA B 209 -14.20 14.86 35.26
N GLU B 210 -13.38 15.77 34.72
CA GLU B 210 -13.17 17.06 35.37
C GLU B 210 -14.41 17.93 35.43
N ASP B 211 -15.16 18.00 34.33
CA ASP B 211 -16.36 18.86 34.33
C ASP B 211 -17.59 18.27 35.02
N ILE B 212 -17.82 16.97 34.92
CA ILE B 212 -18.90 16.34 35.68
C ILE B 212 -18.60 16.31 37.19
N GLY B 213 -17.38 15.94 37.57
CA GLY B 213 -16.94 16.14 38.94
C GLY B 213 -17.16 17.58 39.38
N SER B 214 -16.74 18.53 38.56
CA SER B 214 -16.94 19.95 38.86
C SER B 214 -18.42 20.28 39.15
N GLN B 215 -19.32 19.69 38.38
CA GLN B 215 -20.73 19.96 38.59
C GLN B 215 -21.21 19.36 39.91
N CYS B 216 -20.81 18.13 40.18
CA CYS B 216 -21.20 17.50 41.45
C CYS B 216 -20.73 18.35 42.60
N TRP B 217 -19.60 19.01 42.41
CA TRP B 217 -18.96 19.74 43.49
C TRP B 217 -19.63 21.10 43.65
N LYS B 218 -19.82 21.79 42.53
CA LYS B 218 -20.52 23.05 42.52
C LYS B 218 -21.95 22.90 43.03
N TYR B 219 -22.58 21.77 42.72
CA TYR B 219 -23.94 21.54 43.18
C TYR B 219 -24.03 20.77 44.49
N GLY B 220 -22.93 20.78 45.25
CA GLY B 220 -23.02 20.47 46.67
C GLY B 220 -22.64 19.08 47.11
N ALA B 221 -22.15 18.26 46.18
CA ALA B 221 -21.66 16.92 46.52
C ALA B 221 -20.84 16.99 47.79
N LYS B 222 -21.07 16.04 48.71
CA LYS B 222 -20.34 16.02 49.97
C LYS B 222 -18.86 15.93 49.73
N SER B 223 -18.47 15.11 48.76
CA SER B 223 -17.06 14.96 48.45
C SER B 223 -16.93 14.30 47.10
N ILE B 224 -15.78 14.53 46.46
CA ILE B 224 -15.47 13.90 45.19
C ILE B 224 -14.18 13.07 45.27
N THR B 225 -14.25 11.89 44.67
CA THR B 225 -13.08 11.10 44.40
C THR B 225 -13.07 10.78 42.92
N SER B 226 -11.97 11.11 42.26
CA SER B 226 -11.79 10.77 40.86
C SER B 226 -10.65 9.77 40.79
N CYS B 227 -10.83 8.72 40.00
CA CYS B 227 -9.74 7.77 39.80
C CYS B 227 -9.31 7.70 38.34
N TYR B 228 -7.99 7.67 38.16
CA TYR B 228 -7.37 7.57 36.86
C TYR B 228 -6.71 6.20 36.79
N ARG B 229 -6.44 5.76 35.57
CA ARG B 229 -5.76 4.49 35.34
C ARG B 229 -4.46 4.74 34.57
N SER B 230 -4.31 5.97 34.10
CA SER B 230 -3.12 6.38 33.36
C SER B 230 -2.33 7.55 33.96
N ALA B 231 -2.65 8.76 33.52
CA ALA B 231 -2.01 9.96 34.04
C ALA B 231 -3.08 10.74 34.79
N PRO B 232 -2.77 11.11 36.03
CA PRO B 232 -3.67 11.94 36.83
C PRO B 232 -4.04 13.21 36.09
N MET B 233 -5.23 13.75 36.36
CA MET B 233 -5.64 15.05 35.84
C MET B 233 -4.70 16.13 36.39
N GLY B 234 -4.30 15.96 37.64
CA GLY B 234 -3.22 16.75 38.23
C GLY B 234 -3.52 18.20 38.51
N TYR B 235 -4.80 18.53 38.64
CA TYR B 235 -5.15 19.92 38.92
C TYR B 235 -5.04 20.22 40.42
N ALA B 236 -5.21 21.47 40.79
CA ALA B 236 -5.26 21.80 42.21
C ALA B 236 -6.72 21.78 42.65
N TRP B 237 -7.14 20.65 43.22
CA TRP B 237 -8.53 20.41 43.57
C TRP B 237 -8.92 21.04 44.90
N PRO B 238 -10.21 21.34 45.05
CA PRO B 238 -10.81 21.76 46.32
C PRO B 238 -10.44 20.75 47.39
N ASP B 239 -10.72 21.05 48.65
CA ASP B 239 -10.30 20.19 49.76
C ASP B 239 -11.20 18.97 49.97
N ASN B 240 -12.36 19.00 49.34
CA ASN B 240 -13.29 17.88 49.38
C ASN B 240 -13.18 16.98 48.14
N TRP B 241 -12.17 17.22 47.31
CA TRP B 241 -11.93 16.43 46.10
C TRP B 241 -10.57 15.73 46.09
N GLU B 242 -10.56 14.40 46.04
CA GLU B 242 -9.28 13.67 46.01
C GLU B 242 -9.10 12.88 44.71
N GLU B 243 -7.85 12.60 44.35
CA GLU B 243 -7.53 11.81 43.16
C GLU B 243 -6.72 10.54 43.47
N LYS B 244 -7.25 9.39 43.04
CA LYS B 244 -6.68 8.08 43.36
C LYS B 244 -6.29 7.34 42.09
N PRO B 245 -5.29 6.45 42.17
CA PRO B 245 -4.95 5.61 41.01
C PRO B 245 -6.09 4.65 40.67
N ALA B 246 -5.81 3.67 39.83
CA ALA B 246 -6.87 2.82 39.26
C ALA B 246 -7.76 2.11 40.30
N LEU B 247 -9.02 1.95 39.93
CA LEU B 247 -9.95 1.15 40.71
C LEU B 247 -9.68 -0.33 40.45
N GLU B 248 -9.76 -1.13 41.51
CA GLU B 248 -9.63 -2.58 41.41
C GLU B 248 -10.97 -3.29 41.59
N LYS B 249 -11.83 -2.76 42.48
CA LYS B 249 -13.10 -3.41 42.82
C LYS B 249 -13.95 -2.64 43.85
N LEU B 250 -15.23 -2.99 43.91
CA LEU B 250 -16.09 -2.57 45.01
C LEU B 250 -16.39 -3.77 45.89
N THR B 251 -16.30 -3.58 47.21
CA THR B 251 -16.84 -4.57 48.15
C THR B 251 -17.98 -3.89 48.85
N GLY B 252 -19.21 -4.30 48.55
CA GLY B 252 -20.34 -3.53 49.02
C GLY B 252 -20.10 -2.11 48.56
N LYS B 253 -20.08 -1.13 49.47
CA LYS B 253 -19.88 0.27 49.09
C LYS B 253 -18.43 0.75 49.19
N THR B 254 -17.49 -0.16 49.36
CA THR B 254 -16.12 0.30 49.58
C THR B 254 -15.27 0.21 48.33
N ALA B 255 -14.71 1.36 47.97
CA ALA B 255 -13.91 1.50 46.78
C ALA B 255 -12.47 1.13 47.09
N HIS B 256 -11.93 0.21 46.30
CA HIS B 256 -10.54 -0.25 46.44
C HIS B 256 -9.69 0.26 45.28
N PHE B 257 -8.62 0.97 45.61
CA PHE B 257 -7.76 1.55 44.61
C PHE B 257 -6.37 0.91 44.56
N ALA B 258 -5.69 1.05 43.44
CA ALA B 258 -4.47 0.30 43.17
C ALA B 258 -3.29 0.65 44.08
N ASP B 259 -3.37 1.75 44.80
CA ASP B 259 -2.29 2.07 45.70
C ASP B 259 -2.53 1.39 47.03
N GLY B 260 -3.56 0.53 47.08
CA GLY B 260 -3.95 -0.14 48.30
C GLY B 260 -4.96 0.61 49.16
N SER B 261 -5.25 1.85 48.79
CA SER B 261 -6.11 2.69 49.61
C SER B 261 -7.58 2.31 49.41
N THR B 262 -8.42 2.74 50.34
CA THR B 262 -9.81 2.33 50.38
C THR B 262 -10.70 3.51 50.78
N ARG B 263 -11.93 3.52 50.30
N ARG B 263 -11.94 3.52 50.30
CA ARG B 263 -12.85 4.62 50.57
CA ARG B 263 -12.84 4.64 50.55
C ARG B 263 -14.29 4.25 50.24
C ARG B 263 -14.29 4.23 50.26
N ASP B 264 -15.21 4.68 51.11
CA ASP B 264 -16.64 4.47 50.87
C ASP B 264 -17.28 5.58 50.03
N VAL B 265 -18.11 5.17 49.07
CA VAL B 265 -18.75 6.07 48.12
C VAL B 265 -20.22 5.69 47.93
N ASP B 266 -21.09 6.67 47.71
CA ASP B 266 -22.52 6.40 47.48
C ASP B 266 -22.96 6.41 46.01
N ALA B 267 -22.08 6.84 45.10
CA ALA B 267 -22.40 6.81 43.68
C ALA B 267 -21.16 6.85 42.79
N ILE B 268 -21.21 6.13 41.67
CA ILE B 268 -20.12 6.10 40.70
C ILE B 268 -20.58 6.62 39.34
N ILE B 269 -19.92 7.67 38.88
CA ILE B 269 -20.19 8.21 37.55
C ILE B 269 -19.06 7.82 36.64
N LEU B 270 -19.34 6.95 35.68
CA LEU B 270 -18.34 6.47 34.77
C LEU B 270 -18.06 7.48 33.66
N CYS B 271 -17.01 8.28 33.80
CA CYS B 271 -16.66 9.26 32.77
C CYS B 271 -15.59 8.61 31.89
N THR B 272 -15.91 7.43 31.38
CA THR B 272 -14.92 6.57 30.77
C THR B 272 -14.85 6.69 29.25
N GLY B 273 -15.62 7.60 28.68
CA GLY B 273 -15.54 7.83 27.24
C GLY B 273 -16.51 7.09 26.34
N TYR B 274 -16.20 7.09 25.04
CA TYR B 274 -17.15 6.72 24.00
C TYR B 274 -16.46 5.92 22.90
N LYS B 275 -17.21 5.12 22.15
CA LYS B 275 -16.61 4.49 21.00
C LYS B 275 -17.20 5.06 19.70
N HIS B 276 -16.40 5.06 18.66
CA HIS B 276 -16.91 5.30 17.32
C HIS B 276 -17.79 4.13 16.91
N PHE B 277 -19.10 4.29 17.09
CA PHE B 277 -20.02 3.20 16.81
C PHE B 277 -21.06 3.57 15.74
N PHE B 278 -21.12 2.77 14.68
CA PHE B 278 -22.02 3.04 13.58
C PHE B 278 -22.90 1.79 13.39
N SER B 279 -24.14 1.86 13.86
CA SER B 279 -25.02 0.70 13.89
C SER B 279 -25.58 0.43 12.52
N PHE B 280 -25.48 1.43 11.64
CA PHE B 280 -26.12 1.44 10.33
C PHE B 280 -25.19 1.20 9.11
N LEU B 281 -23.96 0.74 9.33
CA LEU B 281 -23.00 0.56 8.20
C LEU B 281 -22.39 -0.85 8.03
N PRO B 282 -22.25 -1.32 6.76
CA PRO B 282 -21.59 -2.60 6.49
C PRO B 282 -20.07 -2.47 6.61
N ASP B 283 -19.41 -3.62 6.74
CA ASP B 283 -17.98 -3.66 6.94
C ASP B 283 -17.22 -2.72 6.01
N ASP B 284 -17.53 -2.76 4.71
CA ASP B 284 -16.69 -2.09 3.71
C ASP B 284 -16.91 -0.57 3.63
N LEU B 285 -17.74 -0.06 4.53
CA LEU B 285 -18.01 1.37 4.61
C LEU B 285 -17.80 1.91 6.02
N ARG B 286 -17.73 1.00 6.99
CA ARG B 286 -17.76 1.38 8.40
C ARG B 286 -16.40 1.77 8.97
N LEU B 287 -16.23 3.07 9.15
CA LEU B 287 -15.02 3.61 9.74
C LEU B 287 -14.78 2.92 11.07
N LYS B 288 -13.53 2.50 11.31
CA LYS B 288 -13.13 1.99 12.63
C LYS B 288 -11.84 2.65 13.08
N THR B 289 -11.84 3.21 14.29
CA THR B 289 -10.76 4.12 14.69
C THR B 289 -10.80 4.50 16.17
N ALA B 290 -9.63 4.83 16.68
CA ALA B 290 -9.55 5.35 18.04
C ALA B 290 -9.93 6.82 18.00
N ASN B 291 -10.07 7.40 19.17
CA ASN B 291 -10.37 8.82 19.31
C ASN B 291 -9.07 9.55 19.47
N ARG B 292 -8.70 10.32 18.46
CA ARG B 292 -7.45 11.08 18.48
C ARG B 292 -7.54 12.15 17.38
N LEU B 293 -6.44 12.86 17.13
CA LEU B 293 -6.44 14.00 16.22
C LEU B 293 -6.10 13.58 14.78
N ALA B 294 -5.67 12.33 14.62
CA ALA B 294 -5.38 11.82 13.31
C ALA B 294 -6.19 10.56 13.13
N THR B 295 -7.35 10.71 12.50
CA THR B 295 -8.33 9.64 12.40
C THR B 295 -8.01 8.58 11.35
N ALA B 296 -8.03 7.33 11.77
CA ALA B 296 -7.79 6.20 10.89
C ALA B 296 -8.62 6.23 9.62
N ASP B 297 -7.99 5.84 8.51
CA ASP B 297 -8.68 5.66 7.23
C ASP B 297 -9.50 6.85 6.72
N LEU B 298 -9.22 8.05 7.22
CA LEU B 298 -9.82 9.26 6.64
C LEU B 298 -8.79 10.15 5.95
N TYR B 299 -8.73 10.08 4.63
CA TYR B 299 -7.86 10.92 3.85
C TYR B 299 -8.28 12.38 4.08
N LYS B 300 -7.30 13.25 4.29
CA LYS B 300 -7.59 14.67 4.61
C LYS B 300 -8.50 14.83 5.82
N GLY B 301 -8.74 13.71 6.51
CA GLY B 301 -9.50 13.70 7.75
C GLY B 301 -10.98 13.51 7.50
N VAL B 302 -11.38 13.37 6.23
CA VAL B 302 -12.79 13.38 5.84
C VAL B 302 -13.24 12.31 4.81
N ALA B 303 -12.32 11.77 4.02
CA ALA B 303 -12.71 10.88 2.92
C ALA B 303 -12.37 9.43 3.18
N TYR B 304 -13.38 8.57 3.17
CA TYR B 304 -13.14 7.17 3.48
C TYR B 304 -12.22 6.53 2.43
N VAL B 305 -11.08 6.01 2.89
CA VAL B 305 -10.05 5.54 1.95
C VAL B 305 -10.49 4.33 1.13
N HIS B 306 -11.51 3.60 1.59
CA HIS B 306 -11.93 2.39 0.88
C HIS B 306 -13.06 2.65 -0.10
N ASN B 307 -13.63 3.85 0.02
CA ASN B 307 -14.64 4.33 -0.91
C ASN B 307 -14.77 5.82 -0.64
N PRO B 308 -13.99 6.65 -1.37
CA PRO B 308 -13.90 8.07 -1.03
C PRO B 308 -15.08 8.86 -1.60
N ALA B 309 -16.11 8.16 -2.08
CA ALA B 309 -17.38 8.80 -2.40
C ALA B 309 -18.15 8.99 -1.10
N MET B 310 -17.65 8.35 -0.06
CA MET B 310 -18.22 8.47 1.28
C MET B 310 -17.31 9.28 2.17
N PHE B 311 -17.88 10.22 2.90
CA PHE B 311 -17.11 11.11 3.75
C PHE B 311 -17.56 10.94 5.20
N TYR B 312 -16.81 11.56 6.10
CA TYR B 312 -17.09 11.54 7.53
C TYR B 312 -16.65 12.89 8.08
N LEU B 313 -17.50 13.51 8.90
CA LEU B 313 -17.17 14.80 9.53
C LEU B 313 -17.06 14.64 11.04
N GLY B 314 -16.32 15.54 11.69
CA GLY B 314 -16.19 15.55 13.14
C GLY B 314 -15.73 14.27 13.85
N MET B 315 -15.19 13.32 13.12
CA MET B 315 -14.79 12.06 13.76
C MET B 315 -13.51 12.18 14.58
N GLN B 316 -12.78 13.28 14.42
CA GLN B 316 -11.60 13.52 15.21
C GLN B 316 -11.92 13.91 16.63
N ASP B 317 -11.00 13.63 17.54
CA ASP B 317 -11.09 14.21 18.86
C ASP B 317 -10.99 15.73 18.67
N GLN B 318 -11.47 16.51 19.63
CA GLN B 318 -11.61 17.94 19.40
C GLN B 318 -11.04 18.89 20.47
N TRP B 319 -10.06 19.70 20.08
CA TRP B 319 -9.74 20.92 20.82
C TRP B 319 -10.54 22.00 20.14
N PHE B 320 -10.29 22.12 18.83
CA PHE B 320 -11.13 22.87 17.93
C PHE B 320 -12.44 22.11 17.63
N THR B 321 -13.48 22.85 17.35
CA THR B 321 -14.76 22.22 17.10
C THR B 321 -15.50 22.80 15.90
N PHE B 322 -16.13 23.95 16.11
CA PHE B 322 -17.15 24.42 15.18
C PHE B 322 -16.46 24.73 13.86
N ASN B 323 -15.45 25.59 13.89
CA ASN B 323 -14.76 25.98 12.66
C ASN B 323 -13.89 24.90 12.02
N MET B 324 -13.62 23.83 12.75
CA MET B 324 -13.01 22.65 12.13
C MET B 324 -14.04 21.91 11.31
N PHE B 325 -15.20 21.66 11.91
CA PHE B 325 -16.31 21.06 11.19
C PHE B 325 -16.59 21.88 9.93
N ASP B 326 -16.57 23.21 10.05
CA ASP B 326 -16.67 24.10 8.89
C ASP B 326 -15.55 23.82 7.87
N ALA B 327 -14.31 23.88 8.33
CA ALA B 327 -13.17 23.66 7.45
C ALA B 327 -13.34 22.31 6.77
N GLN B 328 -13.89 21.32 7.48
CA GLN B 328 -14.11 20.02 6.88
C GLN B 328 -15.24 20.00 5.87
N ALA B 329 -16.34 20.68 6.20
CA ALA B 329 -17.53 20.60 5.38
C ALA B 329 -17.26 21.25 4.02
N TRP B 330 -16.65 22.44 4.06
CA TRP B 330 -16.25 23.12 2.83
C TRP B 330 -15.40 22.23 1.95
N TRP B 331 -14.47 21.52 2.57
CA TRP B 331 -13.56 20.70 1.81
C TRP B 331 -14.32 19.55 1.16
N VAL B 332 -15.21 18.91 1.92
CA VAL B 332 -15.99 17.82 1.38
C VAL B 332 -16.88 18.33 0.25
N ARG B 333 -17.50 19.48 0.48
CA ARG B 333 -18.31 20.09 -0.56
C ARG B 333 -17.49 20.28 -1.84
N ASP B 334 -16.27 20.79 -1.68
CA ASP B 334 -15.43 21.07 -2.85
C ASP B 334 -15.00 19.78 -3.52
N ALA B 335 -14.84 18.72 -2.73
CA ALA B 335 -14.50 17.41 -3.29
C ALA B 335 -15.64 16.94 -4.19
N ILE B 336 -16.86 17.01 -3.66
CA ILE B 336 -18.02 16.51 -4.38
C ILE B 336 -18.30 17.30 -5.65
N LEU B 337 -18.07 18.62 -5.55
CA LEU B 337 -18.26 19.56 -6.64
C LEU B 337 -17.23 19.47 -7.76
N GLY B 338 -16.12 18.79 -7.51
CA GLY B 338 -15.03 18.68 -8.47
C GLY B 338 -13.95 19.77 -8.33
N ARG B 339 -14.10 20.64 -7.34
CA ARG B 339 -13.13 21.72 -7.18
C ARG B 339 -11.84 21.21 -6.52
N ILE B 340 -11.97 20.04 -5.89
CA ILE B 340 -10.84 19.30 -5.36
C ILE B 340 -10.90 17.92 -5.97
N THR B 341 -9.80 17.47 -6.57
CA THR B 341 -9.73 16.14 -7.17
C THR B 341 -8.93 15.17 -6.30
N LEU B 342 -9.61 14.12 -5.80
CA LEU B 342 -9.00 13.10 -4.94
C LEU B 342 -7.98 12.26 -5.70
N PRO B 343 -6.89 11.86 -5.02
CA PRO B 343 -5.83 11.15 -5.74
C PRO B 343 -6.32 9.88 -6.45
N LYS B 344 -5.58 9.44 -7.45
CA LYS B 344 -5.92 8.25 -8.22
C LYS B 344 -5.54 6.96 -7.51
N ASP B 345 -4.34 6.93 -6.94
CA ASP B 345 -3.84 5.76 -6.19
C ASP B 345 -4.35 5.80 -4.74
N LYS B 346 -4.99 4.74 -4.29
CA LYS B 346 -5.39 4.68 -2.89
C LYS B 346 -4.17 4.76 -1.94
N ALA B 347 -3.01 4.30 -2.42
CA ALA B 347 -1.80 4.32 -1.62
C ALA B 347 -1.47 5.72 -1.11
N ALA B 348 -1.49 6.69 -2.02
CA ALA B 348 -1.28 8.10 -1.69
C ALA B 348 -2.24 8.55 -0.61
N MET B 349 -3.48 8.07 -0.65
CA MET B 349 -4.44 8.35 0.42
C MET B 349 -4.06 7.70 1.77
N LEU B 350 -3.64 6.44 1.72
CA LEU B 350 -3.22 5.76 2.95
C LEU B 350 -1.99 6.48 3.50
N ALA B 351 -1.13 6.94 2.59
CA ALA B 351 0.04 7.73 2.95
C ALA B 351 -0.32 9.04 3.65
N ASP B 352 -1.35 9.72 3.19
CA ASP B 352 -1.74 10.97 3.82
C ASP B 352 -2.10 10.71 5.29
N VAL B 353 -2.81 9.61 5.53
CA VAL B 353 -3.29 9.31 6.88
C VAL B 353 -2.14 8.87 7.79
N ALA B 354 -1.25 8.05 7.25
CA ALA B 354 -0.07 7.62 7.98
C ALA B 354 0.83 8.80 8.36
N GLU B 355 0.93 9.82 7.50
CA GLU B 355 1.68 11.03 7.87
C GLU B 355 1.03 11.81 9.02
N ARG B 356 -0.30 11.82 9.05
CA ARG B 356 -1.01 12.51 10.12
C ARG B 356 -0.81 11.81 11.48
N GLU B 357 -0.80 10.48 11.47
CA GLU B 357 -0.69 9.74 12.71
C GLU B 357 0.71 9.93 13.27
N THR B 358 1.72 9.59 12.48
CA THR B 358 3.12 9.81 12.84
C THR B 358 3.32 11.22 13.40
N ARG B 359 2.81 12.23 12.70
CA ARG B 359 3.02 13.61 13.15
C ARG B 359 2.30 13.93 14.46
N GLU B 360 1.17 13.26 14.71
CA GLU B 360 0.48 13.50 15.96
C GLU B 360 1.22 12.86 17.13
N GLU B 361 1.88 11.74 16.83
CA GLU B 361 2.54 10.91 17.83
C GLU B 361 3.98 11.38 18.11
N ALA B 362 4.41 12.42 17.41
CA ALA B 362 5.80 12.87 17.53
C ALA B 362 6.04 13.57 18.86
N SER B 363 4.97 13.89 19.57
CA SER B 363 5.08 14.52 20.88
C SER B 363 3.79 14.42 21.69
N ASP B 364 3.92 14.46 23.01
CA ASP B 364 2.74 14.39 23.88
C ASP B 364 2.41 15.72 24.59
N ASP B 365 3.16 16.77 24.31
CA ASP B 365 2.85 18.06 24.92
C ASP B 365 1.44 18.50 24.53
N VAL B 366 0.75 19.14 25.45
CA VAL B 366 -0.61 19.55 25.22
C VAL B 366 -0.69 20.63 24.17
N LYS B 367 0.29 21.53 24.18
CA LYS B 367 0.34 22.65 23.26
C LYS B 367 0.64 22.19 21.83
N TYR B 368 1.46 21.16 21.71
CA TYR B 368 1.73 20.58 20.40
C TYR B 368 0.46 19.96 19.81
N ALA B 369 -0.41 19.46 20.69
CA ALA B 369 -1.70 18.91 20.27
C ALA B 369 -2.61 20.03 19.71
N ILE B 370 -2.81 21.08 20.49
CA ILE B 370 -3.66 22.17 20.04
C ILE B 370 -3.11 22.69 18.73
N ARG B 371 -1.79 22.89 18.68
CA ARG B 371 -1.12 23.37 17.47
C ARG B 371 -1.36 22.42 16.30
N TYR B 372 -1.30 21.11 16.57
CA TYR B 372 -1.46 20.13 15.52
C TYR B 372 -2.85 20.25 14.88
N GLN B 373 -3.87 20.37 15.71
CA GLN B 373 -5.21 20.46 15.18
C GLN B 373 -5.43 21.82 14.50
N ALA B 374 -4.85 22.86 15.05
CA ALA B 374 -4.85 24.18 14.41
C ALA B 374 -4.30 24.07 12.98
N ASP B 375 -3.21 23.32 12.82
CA ASP B 375 -2.61 23.11 11.50
C ASP B 375 -3.52 22.34 10.54
N TYR B 376 -4.27 21.37 11.06
CA TYR B 376 -5.23 20.67 10.25
C TYR B 376 -6.23 21.68 9.67
N VAL B 377 -6.81 22.48 10.55
CA VAL B 377 -7.77 23.51 10.13
C VAL B 377 -7.12 24.44 9.12
N LYS B 378 -5.91 24.91 9.43
CA LYS B 378 -5.14 25.68 8.47
C LYS B 378 -5.04 24.96 7.14
N GLU B 379 -4.68 23.69 7.18
CA GLU B 379 -4.46 22.94 5.94
C GLU B 379 -5.74 22.92 5.13
N LEU B 380 -6.83 22.62 5.81
CA LEU B 380 -8.09 22.46 5.14
C LEU B 380 -8.65 23.77 4.54
N VAL B 381 -8.65 24.84 5.33
N VAL B 381 -8.65 24.85 5.31
CA VAL B 381 -9.19 26.11 4.89
CA VAL B 381 -9.25 26.09 4.81
C VAL B 381 -8.49 26.63 3.65
C VAL B 381 -8.49 26.67 3.63
N ALA B 382 -7.18 26.48 3.62
CA ALA B 382 -6.36 26.98 2.53
C ALA B 382 -6.78 26.38 1.17
N GLU B 383 -7.46 25.24 1.19
CA GLU B 383 -7.81 24.60 -0.07
C GLU B 383 -9.24 24.90 -0.53
N THR B 384 -9.88 25.86 0.12
CA THR B 384 -11.23 26.26 -0.25
C THR B 384 -11.44 27.74 -0.08
N ASP B 385 -12.66 28.18 -0.37
CA ASP B 385 -13.00 29.59 -0.36
C ASP B 385 -13.68 29.90 0.95
N TYR B 386 -13.39 29.09 1.95
CA TYR B 386 -13.91 29.34 3.28
C TYR B 386 -13.18 30.56 3.77
N PRO B 387 -13.89 31.48 4.43
CA PRO B 387 -13.20 32.72 4.83
C PRO B 387 -12.01 32.38 5.70
N SER B 388 -10.82 32.80 5.29
CA SER B 388 -9.61 32.53 6.07
C SER B 388 -9.54 33.51 7.24
N PHE B 389 -9.37 32.98 8.46
CA PHE B 389 -9.53 33.76 9.69
C PHE B 389 -8.34 33.58 10.61
N ASP B 390 -8.33 34.30 11.73
CA ASP B 390 -7.13 34.36 12.57
C ASP B 390 -6.91 33.12 13.42
N ILE B 391 -6.32 32.11 12.78
CA ILE B 391 -6.21 30.78 13.37
C ILE B 391 -5.23 30.74 14.54
N ASP B 392 -4.15 31.51 14.44
CA ASP B 392 -3.16 31.60 15.51
C ASP B 392 -3.75 32.25 16.76
N GLY B 393 -4.69 33.16 16.57
CA GLY B 393 -5.38 33.82 17.67
C GLY B 393 -6.26 32.87 18.48
N ALA B 394 -6.94 31.95 17.79
CA ALA B 394 -7.77 30.95 18.47
C ALA B 394 -6.84 30.03 19.21
N CYS B 395 -5.76 29.67 18.54
CA CYS B 395 -4.73 28.86 19.15
C CYS B 395 -4.26 29.57 20.42
N ASP B 396 -4.08 30.88 20.32
CA ASP B 396 -3.62 31.66 21.47
C ASP B 396 -4.67 31.63 22.58
N ALA B 397 -5.93 31.70 22.18
CA ALA B 397 -7.02 31.61 23.13
C ALA B 397 -6.95 30.31 23.93
N PHE B 398 -6.76 29.20 23.21
CA PHE B 398 -6.63 27.88 23.83
C PHE B 398 -5.41 27.78 24.79
N PHE B 399 -4.27 28.37 24.42
CA PHE B 399 -3.12 28.39 25.34
C PHE B 399 -3.45 29.19 26.62
N GLU B 400 -4.23 30.26 26.47
CA GLU B 400 -4.61 31.08 27.63
C GLU B 400 -5.58 30.30 28.50
N TRP B 401 -6.48 29.57 27.85
CA TRP B 401 -7.47 28.76 28.54
C TRP B 401 -6.78 27.59 29.27
N LYS B 402 -5.82 26.97 28.59
CA LYS B 402 -5.02 25.93 29.24
C LYS B 402 -4.33 26.48 30.50
N LYS B 403 -3.90 27.73 30.43
CA LYS B 403 -3.17 28.38 31.52
C LYS B 403 -4.06 28.55 32.74
N HIS B 404 -5.26 29.04 32.49
CA HIS B 404 -6.24 29.26 33.56
C HIS B 404 -6.62 27.96 34.23
N LYS B 405 -6.98 26.93 33.44
CA LYS B 405 -7.40 25.66 34.02
C LYS B 405 -6.33 25.16 35.00
N ALA B 406 -5.07 25.38 34.66
CA ALA B 406 -3.99 24.94 35.52
C ALA B 406 -3.87 25.83 36.76
N LYS B 407 -4.27 27.09 36.64
CA LYS B 407 -4.18 28.00 37.77
C LYS B 407 -5.32 27.83 38.77
N ASP B 408 -6.52 27.61 38.25
CA ASP B 408 -7.73 27.50 39.07
C ASP B 408 -8.74 26.61 38.35
N ILE B 409 -8.59 25.31 38.54
CA ILE B 409 -9.46 24.33 37.89
C ILE B 409 -10.93 24.63 38.16
N MET B 410 -11.24 25.10 39.38
CA MET B 410 -12.62 25.38 39.76
C MET B 410 -13.15 26.73 39.32
N ALA B 411 -12.28 27.60 38.83
CA ALA B 411 -12.66 28.97 38.52
C ALA B 411 -12.27 29.39 37.12
N PHE B 412 -11.86 28.45 36.29
CA PHE B 412 -11.31 28.82 35.00
C PHE B 412 -12.30 29.57 34.12
N ARG B 413 -13.59 29.34 34.34
CA ARG B 413 -14.61 29.92 33.47
C ARG B 413 -14.86 31.42 33.75
N ASP B 414 -14.37 31.89 34.90
CA ASP B 414 -14.41 33.30 35.24
C ASP B 414 -13.31 34.10 34.56
N ASN B 415 -13.00 33.78 33.30
CA ASN B 415 -11.98 34.52 32.53
C ASN B 415 -12.50 35.04 31.18
N SER B 416 -11.69 35.84 30.50
CA SER B 416 -12.07 36.42 29.22
C SER B 416 -10.97 36.29 28.17
N TYR B 417 -11.33 36.50 26.90
CA TYR B 417 -10.41 36.28 25.80
C TYR B 417 -10.65 37.26 24.65
N LYS B 418 -9.57 37.63 23.97
CA LYS B 418 -9.64 38.54 22.84
C LYS B 418 -10.39 37.92 21.66
N SER B 419 -11.24 38.71 21.02
CA SER B 419 -11.93 38.29 19.79
C SER B 419 -10.97 38.04 18.63
N VAL B 420 -11.14 36.93 17.93
CA VAL B 420 -10.37 36.67 16.71
C VAL B 420 -10.50 37.84 15.74
N ILE B 421 -11.65 38.50 15.76
CA ILE B 421 -11.96 39.55 14.80
C ILE B 421 -11.44 40.95 15.22
N THR B 422 -11.89 41.43 16.38
CA THR B 422 -11.44 42.72 16.91
C THR B 422 -10.16 42.60 17.73
N GLY B 423 -10.09 41.56 18.55
CA GLY B 423 -8.93 41.35 19.41
C GLY B 423 -9.19 41.93 20.78
N THR B 424 -10.46 42.17 21.07
CA THR B 424 -10.87 42.84 22.29
C THR B 424 -11.32 41.83 23.36
N MET B 425 -10.82 41.99 24.58
CA MET B 425 -11.24 41.14 25.70
C MET B 425 -12.76 41.08 25.78
N ALA B 426 -13.30 39.87 25.91
CA ALA B 426 -14.73 39.73 26.11
C ALA B 426 -15.05 40.28 27.50
N PRO B 427 -16.26 40.86 27.65
CA PRO B 427 -16.78 41.38 28.92
C PRO B 427 -16.76 40.28 29.97
N VAL B 428 -16.53 40.65 31.23
CA VAL B 428 -16.67 39.67 32.30
C VAL B 428 -18.15 39.37 32.47
N HIS B 429 -18.47 38.13 32.88
CA HIS B 429 -19.86 37.79 33.14
C HIS B 429 -20.28 38.24 34.54
N HIS B 430 -21.58 38.47 34.72
CA HIS B 430 -22.10 39.13 35.91
C HIS B 430 -22.11 38.28 37.16
N THR B 431 -21.75 37.01 37.02
CA THR B 431 -21.76 36.10 38.16
C THR B 431 -20.66 35.06 38.02
N PRO B 432 -19.86 34.87 39.10
CA PRO B 432 -18.92 33.75 39.18
C PRO B 432 -19.62 32.44 38.87
N TRP B 433 -18.98 31.61 38.04
CA TRP B 433 -19.52 30.30 37.65
C TRP B 433 -20.10 29.51 38.83
N LYS B 434 -19.30 29.38 39.89
CA LYS B 434 -19.69 28.55 41.01
C LYS B 434 -20.95 29.06 41.70
N GLU B 435 -21.31 30.31 41.42
CA GLU B 435 -22.49 30.94 42.00
C GLU B 435 -23.67 31.03 41.01
N ALA B 436 -23.39 30.78 39.74
CA ALA B 436 -24.40 30.98 38.71
C ALA B 436 -25.17 29.69 38.46
N LEU B 437 -26.13 29.41 39.34
CA LEU B 437 -26.83 28.13 39.33
C LEU B 437 -27.94 28.06 38.28
N ASP B 438 -28.34 29.23 37.77
CA ASP B 438 -29.31 29.28 36.69
C ASP B 438 -28.60 29.29 35.33
N ASP B 439 -28.72 28.18 34.63
CA ASP B 439 -28.03 27.97 33.36
C ASP B 439 -28.84 28.43 32.14
N SER B 440 -29.92 29.17 32.40
CA SER B 440 -30.86 29.57 31.36
C SER B 440 -30.27 30.64 30.44
N MET B 441 -30.84 30.78 29.26
CA MET B 441 -30.44 31.83 28.31
C MET B 441 -31.02 33.18 28.74
N GLU B 442 -31.92 33.15 29.72
CA GLU B 442 -32.46 34.38 30.28
C GLU B 442 -31.50 34.93 31.34
N ALA B 443 -31.25 34.13 32.37
CA ALA B 443 -30.34 34.52 33.44
C ALA B 443 -28.95 34.88 32.91
N TYR B 444 -28.54 34.24 31.83
CA TYR B 444 -27.22 34.50 31.28
C TYR B 444 -27.15 35.83 30.53
N LEU B 445 -28.16 36.10 29.71
CA LEU B 445 -28.15 37.30 28.88
C LEU B 445 -28.75 38.51 29.59
N GLN B 446 -29.42 38.24 30.71
CA GLN B 446 -30.19 39.27 31.41
C GLN B 446 -31.39 39.72 30.58
N THR C 2 3.71 14.16 3.26
CA THR C 2 3.82 13.53 1.95
C THR C 2 4.04 14.61 0.90
N LYS C 3 4.47 14.20 -0.30
CA LYS C 3 4.75 15.17 -1.37
C LYS C 3 3.85 14.96 -2.57
N ARG C 4 3.61 16.06 -3.29
CA ARG C 4 2.93 15.98 -4.57
C ARG C 4 3.66 16.79 -5.66
N VAL C 5 3.70 16.21 -6.85
CA VAL C 5 4.48 16.76 -7.95
C VAL C 5 3.61 16.81 -9.19
N ALA C 6 3.60 17.97 -9.84
CA ALA C 6 2.80 18.16 -11.03
C ALA C 6 3.69 18.10 -12.26
N VAL C 7 3.31 17.27 -13.23
CA VAL C 7 4.06 17.18 -14.47
C VAL C 7 3.22 17.75 -15.61
N ILE C 8 3.76 18.74 -16.30
CA ILE C 8 3.01 19.40 -17.37
C ILE C 8 3.42 18.83 -18.71
N GLY C 9 2.56 17.97 -19.25
CA GLY C 9 2.81 17.41 -20.55
C GLY C 9 2.94 15.90 -20.48
N ALA C 10 2.37 15.23 -21.47
CA ALA C 10 2.54 13.80 -21.60
C ALA C 10 3.17 13.45 -22.94
N GLY C 11 4.18 14.23 -23.30
CA GLY C 11 5.02 13.86 -24.42
C GLY C 11 6.12 12.96 -23.90
N PRO C 12 7.05 12.58 -24.79
CA PRO C 12 8.15 11.73 -24.38
C PRO C 12 8.78 12.19 -23.07
N SER C 13 8.87 13.51 -22.85
CA SER C 13 9.50 14.03 -21.65
C SER C 13 8.70 13.83 -20.36
N GLY C 14 7.42 14.17 -20.39
CA GLY C 14 6.57 13.99 -19.22
C GLY C 14 6.41 12.50 -18.97
N LEU C 15 6.17 11.76 -20.05
CA LEU C 15 6.14 10.31 -19.96
C LEU C 15 7.43 9.76 -19.35
N ALA C 16 8.57 10.33 -19.74
CA ALA C 16 9.82 9.83 -19.21
C ALA C 16 9.84 10.10 -17.71
N GLN C 17 9.31 11.23 -17.31
CA GLN C 17 9.31 11.61 -15.91
C GLN C 17 8.50 10.64 -15.10
N LEU C 18 7.42 10.13 -15.68
CA LEU C 18 6.50 9.29 -14.92
C LEU C 18 7.15 7.91 -14.74
N ARG C 19 7.66 7.35 -15.83
CA ARG C 19 8.49 6.15 -15.80
C ARG C 19 9.56 6.22 -14.70
N ALA C 20 10.12 7.41 -14.49
CA ALA C 20 11.18 7.60 -13.51
C ALA C 20 10.66 7.37 -12.08
N PHE C 21 9.51 7.97 -11.76
CA PHE C 21 8.95 7.74 -10.44
C PHE C 21 8.49 6.30 -10.23
N GLN C 22 7.81 5.74 -11.23
CA GLN C 22 7.33 4.36 -11.18
C GLN C 22 8.48 3.37 -11.02
N SER C 23 9.62 3.66 -11.66
CA SER C 23 10.82 2.84 -11.52
C SER C 23 11.31 2.76 -10.08
N ALA C 24 11.45 3.92 -9.44
CA ALA C 24 11.88 3.98 -8.05
C ALA C 24 10.89 3.28 -7.14
N ALA C 25 9.60 3.36 -7.47
CA ALA C 25 8.58 2.71 -6.66
C ALA C 25 8.61 1.20 -6.85
N ASP C 26 8.94 0.75 -8.05
CA ASP C 26 9.21 -0.66 -8.25
C ASP C 26 10.28 -1.08 -7.24
N GLN C 27 11.51 -0.62 -7.43
CA GLN C 27 12.65 -0.95 -6.55
C GLN C 27 12.23 -1.08 -5.09
N GLY C 28 11.27 -0.26 -4.67
CA GLY C 28 10.77 -0.27 -3.32
C GLY C 28 10.72 1.09 -2.64
N ALA C 29 11.02 2.15 -3.38
CA ALA C 29 10.99 3.52 -2.83
C ALA C 29 9.57 4.08 -2.75
N GLU C 30 9.27 4.74 -1.63
CA GLU C 30 8.06 5.56 -1.51
C GLU C 30 8.24 6.79 -2.38
N ILE C 31 7.18 7.17 -3.09
CA ILE C 31 7.26 8.32 -3.97
C ILE C 31 6.04 9.21 -3.74
N PRO C 32 6.16 10.51 -4.03
CA PRO C 32 5.04 11.43 -3.88
C PRO C 32 3.97 11.17 -4.93
N GLU C 33 2.74 11.64 -4.70
CA GLU C 33 1.74 11.59 -5.76
C GLU C 33 2.22 12.40 -6.96
N ILE C 34 2.10 11.81 -8.13
CA ILE C 34 2.40 12.48 -9.38
C ILE C 34 1.10 12.77 -10.10
N VAL C 35 0.88 14.03 -10.43
CA VAL C 35 -0.21 14.41 -11.33
C VAL C 35 0.38 15.00 -12.59
N CYS C 36 -0.01 14.43 -13.73
CA CYS C 36 0.46 14.88 -15.02
C CYS C 36 -0.71 15.47 -15.79
N PHE C 37 -0.61 16.76 -16.12
CA PHE C 37 -1.65 17.41 -16.92
C PHE C 37 -1.25 17.36 -18.39
N GLU C 38 -2.15 16.86 -19.23
CA GLU C 38 -1.94 16.88 -20.66
C GLU C 38 -3.08 17.65 -21.33
N LYS C 39 -2.70 18.56 -22.21
CA LYS C 39 -3.63 19.37 -22.97
C LYS C 39 -4.43 18.51 -23.98
N GLN C 40 -3.73 17.65 -24.73
CA GLN C 40 -4.40 16.80 -25.72
C GLN C 40 -5.25 15.66 -25.12
N ALA C 41 -5.96 14.93 -25.96
CA ALA C 41 -6.84 13.86 -25.45
C ALA C 41 -6.06 12.59 -25.16
N ASN C 42 -4.84 12.53 -25.67
CA ASN C 42 -4.01 11.34 -25.59
C ASN C 42 -2.54 11.70 -25.49
N TRP C 43 -1.75 10.80 -24.90
CA TRP C 43 -0.33 11.06 -24.66
C TRP C 43 0.51 10.93 -25.93
N GLY C 44 1.77 11.32 -25.85
CA GLY C 44 2.65 11.24 -27.00
C GLY C 44 3.27 12.55 -27.46
N GLY C 45 2.81 13.67 -26.90
CA GLY C 45 3.35 14.98 -27.24
C GLY C 45 3.33 15.26 -28.73
N LEU C 46 4.47 15.63 -29.28
CA LEU C 46 4.63 15.81 -30.72
C LEU C 46 4.21 14.60 -31.60
N TRP C 47 4.37 13.39 -31.08
CA TRP C 47 4.16 12.18 -31.87
C TRP C 47 2.69 11.83 -32.04
N ASN C 48 1.86 12.39 -31.16
CA ASN C 48 0.42 12.22 -31.22
C ASN C 48 -0.18 13.05 -32.36
N TYR C 49 -0.14 12.50 -33.57
CA TYR C 49 -0.50 13.25 -34.79
C TYR C 49 -1.98 13.60 -34.89
N THR C 50 -2.30 14.79 -35.42
CA THR C 50 -3.69 15.13 -35.74
C THR C 50 -3.83 16.04 -36.95
N TRP C 51 -4.86 15.80 -37.75
CA TRP C 51 -5.12 16.60 -38.96
C TRP C 51 -5.33 18.08 -38.66
N ARG C 52 -5.66 18.39 -37.41
CA ARG C 52 -5.99 19.77 -37.07
C ARG C 52 -4.83 20.75 -37.14
N THR C 53 -5.15 22.02 -37.36
CA THR C 53 -4.16 23.09 -37.31
C THR C 53 -4.84 24.35 -36.76
N GLY C 54 -4.05 25.19 -36.09
CA GLY C 54 -4.62 26.37 -35.45
C GLY C 54 -4.97 26.10 -34.00
N LEU C 55 -6.27 26.08 -33.71
CA LEU C 55 -6.76 25.74 -32.37
C LEU C 55 -7.44 24.39 -32.48
N ASP C 56 -7.33 23.55 -31.44
CA ASP C 56 -7.94 22.21 -31.42
C ASP C 56 -9.45 22.28 -31.16
N GLU C 57 -10.08 21.12 -30.96
CA GLU C 57 -11.53 21.13 -30.85
C GLU C 57 -11.97 21.81 -29.58
N ASN C 58 -11.05 21.92 -28.62
CA ASN C 58 -11.39 22.54 -27.35
C ASN C 58 -11.10 24.02 -27.41
N GLY C 59 -10.48 24.47 -28.49
CA GLY C 59 -10.18 25.88 -28.65
C GLY C 59 -8.76 26.24 -28.23
N GLU C 60 -8.01 25.23 -27.82
CA GLU C 60 -6.63 25.42 -27.41
C GLU C 60 -5.73 25.29 -28.64
N PRO C 61 -4.58 25.97 -28.63
CA PRO C 61 -3.68 25.94 -29.80
C PRO C 61 -3.14 24.54 -30.03
N VAL C 62 -3.26 24.06 -31.26
CA VAL C 62 -2.79 22.74 -31.64
C VAL C 62 -1.29 22.58 -31.36
N HIS C 63 -0.96 21.59 -30.55
CA HIS C 63 0.43 21.40 -30.18
C HIS C 63 1.18 20.73 -31.30
N CYS C 64 0.59 19.69 -31.86
CA CYS C 64 1.22 18.88 -32.90
C CYS C 64 1.93 19.67 -34.00
N SER C 65 3.14 19.23 -34.34
CA SER C 65 3.91 19.83 -35.41
C SER C 65 4.35 18.81 -36.47
N MET C 66 3.86 17.58 -36.36
CA MET C 66 4.24 16.53 -37.31
C MET C 66 3.29 16.56 -38.50
N TYR C 67 3.76 16.09 -39.63
CA TYR C 67 2.96 16.05 -40.83
C TYR C 67 2.87 14.60 -41.28
N ARG C 68 2.06 14.34 -42.29
CA ARG C 68 1.99 13.00 -42.87
C ARG C 68 3.32 12.59 -43.52
N TYR C 69 3.55 11.27 -43.58
CA TYR C 69 4.66 10.68 -44.34
C TYR C 69 5.99 10.87 -43.64
N LEU C 70 5.92 11.33 -42.40
CA LEU C 70 7.12 11.61 -41.62
C LEU C 70 7.71 10.34 -41.08
N TRP C 71 9.00 10.15 -41.33
CA TRP C 71 9.77 9.07 -40.70
C TRP C 71 10.83 9.67 -39.76
N SER C 72 11.22 8.90 -38.76
CA SER C 72 12.37 9.20 -37.91
C SER C 72 13.48 9.96 -38.64
N ASN C 73 13.93 11.07 -38.06
CA ASN C 73 14.94 11.88 -38.73
C ASN C 73 16.35 11.39 -38.41
N GLY C 74 16.49 10.71 -37.29
CA GLY C 74 17.75 10.08 -36.96
C GLY C 74 17.61 8.58 -37.13
N PRO C 75 18.74 7.86 -37.26
CA PRO C 75 18.64 6.40 -37.20
C PRO C 75 17.99 6.00 -35.87
N LYS C 76 17.10 5.02 -35.90
CA LYS C 76 16.40 4.59 -34.69
C LYS C 76 17.39 4.09 -33.63
N GLU C 77 18.48 3.48 -34.10
CA GLU C 77 19.53 2.96 -33.22
C GLU C 77 20.05 4.06 -32.28
N GLY C 78 19.94 5.32 -32.73
CA GLY C 78 20.30 6.46 -31.90
C GLY C 78 19.35 6.77 -30.76
N LEU C 79 18.11 6.31 -30.85
CA LEU C 79 17.12 6.66 -29.83
C LEU C 79 16.60 5.47 -29.03
N GLU C 80 16.93 4.26 -29.47
CA GLU C 80 16.52 3.04 -28.77
C GLU C 80 16.58 3.17 -27.25
N PHE C 81 15.44 2.95 -26.58
CA PHE C 81 15.36 3.08 -25.11
C PHE C 81 16.45 2.27 -24.44
N ALA C 82 16.71 2.58 -23.17
CA ALA C 82 17.74 1.88 -22.40
C ALA C 82 17.19 0.81 -21.46
N ASP C 83 15.88 0.79 -21.27
CA ASP C 83 15.27 -0.17 -20.35
C ASP C 83 14.25 -1.08 -21.03
N TYR C 84 14.12 -0.92 -22.35
CA TYR C 84 13.07 -1.56 -23.12
C TYR C 84 13.56 -1.25 -24.50
N SER C 85 13.80 -2.30 -25.28
CA SER C 85 14.33 -2.13 -26.64
C SER C 85 13.27 -2.44 -27.69
N PHE C 86 13.64 -2.28 -28.96
CA PHE C 86 12.72 -2.45 -30.06
C PHE C 86 12.13 -3.85 -30.15
N GLU C 87 12.94 -4.83 -30.57
CA GLU C 87 12.48 -6.20 -30.74
C GLU C 87 11.58 -6.67 -29.61
N GLU C 88 11.84 -6.18 -28.40
CA GLU C 88 11.05 -6.57 -27.23
C GLU C 88 9.60 -6.11 -27.36
N HIS C 89 9.38 -5.09 -28.18
CA HIS C 89 8.03 -4.57 -28.38
C HIS C 89 7.44 -4.95 -29.74
N PHE C 90 8.28 -4.93 -30.77
CA PHE C 90 7.86 -5.27 -32.12
C PHE C 90 8.04 -6.75 -32.37
N GLY C 91 8.81 -7.39 -31.50
CA GLY C 91 9.19 -8.78 -31.64
C GLY C 91 10.46 -8.94 -32.46
N LYS C 92 10.53 -8.21 -33.56
CA LYS C 92 11.58 -8.41 -34.54
C LYS C 92 12.45 -7.18 -34.77
N GLN C 93 13.48 -7.37 -35.61
CA GLN C 93 14.30 -6.26 -36.08
C GLN C 93 13.55 -5.58 -37.20
N ILE C 94 13.57 -4.24 -37.19
CA ILE C 94 12.96 -3.45 -38.25
C ILE C 94 14.05 -2.64 -38.97
N ALA C 95 13.66 -1.90 -40.00
CA ALA C 95 14.63 -1.05 -40.68
C ALA C 95 15.09 0.07 -39.74
N SER C 96 15.91 0.98 -40.27
CA SER C 96 16.58 1.98 -39.43
C SER C 96 15.86 3.34 -39.33
N TYR C 97 14.86 3.56 -40.18
CA TYR C 97 14.09 4.81 -40.16
C TYR C 97 12.59 4.55 -40.09
N PRO C 98 12.08 4.31 -38.87
CA PRO C 98 10.66 4.04 -38.67
C PRO C 98 9.79 5.27 -39.01
N PRO C 99 8.66 5.05 -39.67
CA PRO C 99 7.64 6.09 -39.80
C PRO C 99 6.97 6.44 -38.47
N ARG C 100 6.36 7.63 -38.44
CA ARG C 100 5.78 8.21 -37.23
C ARG C 100 4.96 7.19 -36.44
N ALA C 101 4.00 6.56 -37.11
CA ALA C 101 3.10 5.61 -36.49
C ALA C 101 3.87 4.51 -35.75
N VAL C 102 4.82 3.91 -36.46
CA VAL C 102 5.74 2.90 -35.91
C VAL C 102 6.38 3.34 -34.58
N LEU C 103 7.01 4.52 -34.59
CA LEU C 103 7.70 5.04 -33.41
C LEU C 103 6.73 5.42 -32.29
N PHE C 104 5.54 5.88 -32.68
CA PHE C 104 4.53 6.28 -31.71
C PHE C 104 4.12 5.04 -30.95
N ASP C 105 3.88 3.98 -31.71
CA ASP C 105 3.48 2.67 -31.17
C ASP C 105 4.54 2.16 -30.20
N TYR C 106 5.81 2.38 -30.56
CA TYR C 106 6.96 2.06 -29.70
C TYR C 106 7.01 2.93 -28.43
N ILE C 107 6.80 4.24 -28.58
CA ILE C 107 6.73 5.13 -27.41
C ILE C 107 5.61 4.64 -26.50
N GLU C 108 4.50 4.27 -27.15
CA GLU C 108 3.32 3.77 -26.46
C GLU C 108 3.63 2.50 -25.68
N GLY C 109 4.36 1.60 -26.35
CA GLY C 109 4.74 0.33 -25.76
C GLY C 109 5.20 0.39 -24.32
N ARG C 110 6.32 1.06 -24.04
CA ARG C 110 6.84 1.08 -22.67
C ARG C 110 6.00 1.93 -21.71
N VAL C 111 5.33 2.95 -22.22
CA VAL C 111 4.52 3.73 -21.29
C VAL C 111 3.35 2.88 -20.81
N HIS C 112 2.72 2.14 -21.73
CA HIS C 112 1.65 1.21 -21.36
C HIS C 112 2.18 0.21 -20.35
N LYS C 113 3.30 -0.43 -20.70
CA LYS C 113 3.91 -1.45 -19.84
C LYS C 113 4.22 -0.89 -18.45
N ALA C 114 4.43 0.42 -18.39
CA ALA C 114 4.77 1.09 -17.14
C ALA C 114 3.56 1.30 -16.22
N ASP C 115 2.36 1.21 -16.77
CA ASP C 115 1.14 1.47 -16.01
C ASP C 115 1.24 2.84 -15.33
N VAL C 116 1.58 3.86 -16.13
CA VAL C 116 1.66 5.24 -15.67
C VAL C 116 0.42 6.07 -16.06
N ARG C 117 -0.27 5.63 -17.13
CA ARG C 117 -1.40 6.36 -17.72
C ARG C 117 -2.39 6.86 -16.68
N LYS C 118 -2.59 6.05 -15.64
CA LYS C 118 -3.47 6.38 -14.52
C LYS C 118 -3.00 7.59 -13.73
N TRP C 119 -2.01 8.29 -14.23
CA TRP C 119 -1.51 9.46 -13.51
C TRP C 119 -1.83 10.73 -14.31
N ILE C 120 -2.23 10.49 -15.56
CA ILE C 120 -2.41 11.54 -16.52
C ILE C 120 -3.85 12.00 -16.59
N ARG C 121 -4.05 13.32 -16.51
CA ARG C 121 -5.34 13.94 -16.75
C ARG C 121 -5.35 14.58 -18.10
N PHE C 122 -6.00 13.93 -19.07
CA PHE C 122 -5.96 14.43 -20.44
C PHE C 122 -7.00 15.57 -20.64
N ASN C 123 -6.98 16.24 -21.80
CA ASN C 123 -7.84 17.38 -22.00
C ASN C 123 -7.80 18.32 -20.79
N SER C 124 -6.60 18.55 -20.27
CA SER C 124 -6.49 19.43 -19.11
C SER C 124 -5.31 20.39 -19.24
N PRO C 125 -5.43 21.39 -20.14
CA PRO C 125 -4.39 22.42 -20.27
C PRO C 125 -4.13 23.11 -18.91
N VAL C 126 -2.87 23.26 -18.53
CA VAL C 126 -2.51 24.04 -17.33
C VAL C 126 -2.66 25.50 -17.73
N ARG C 127 -3.32 26.28 -16.89
CA ARG C 127 -3.65 27.68 -17.21
C ARG C 127 -2.61 28.59 -16.58
N TRP C 128 -2.02 28.15 -15.47
CA TRP C 128 -1.14 29.02 -14.71
C TRP C 128 -0.41 28.23 -13.62
N VAL C 129 0.72 28.78 -13.19
CA VAL C 129 1.52 28.22 -12.11
C VAL C 129 2.09 29.38 -11.31
N SER C 130 1.74 29.47 -10.03
CA SER C 130 2.34 30.49 -9.17
C SER C 130 3.07 29.82 -8.01
N TYR C 131 3.96 30.55 -7.36
CA TYR C 131 4.68 30.02 -6.21
C TYR C 131 4.54 30.94 -5.00
N ASP C 132 4.08 30.40 -3.89
CA ASP C 132 3.98 31.19 -2.68
C ASP C 132 5.13 30.86 -1.75
N ALA C 133 5.92 31.88 -1.43
CA ALA C 133 7.14 31.72 -0.64
C ALA C 133 6.87 31.30 0.79
N GLU C 134 5.67 31.59 1.31
CA GLU C 134 5.36 31.29 2.69
C GLU C 134 4.91 29.84 2.88
N THR C 135 4.16 29.32 1.91
CA THR C 135 3.75 27.93 1.93
C THR C 135 4.80 27.03 1.33
N ALA C 136 5.65 27.61 0.48
CA ALA C 136 6.66 26.87 -0.27
C ALA C 136 5.99 25.89 -1.19
N LYS C 137 4.81 26.28 -1.65
CA LYS C 137 4.00 25.45 -2.53
C LYS C 137 3.77 26.12 -3.87
N PHE C 138 3.77 25.32 -4.90
CA PHE C 138 3.34 25.78 -6.20
C PHE C 138 1.83 25.59 -6.31
N THR C 139 1.18 26.56 -6.94
CA THR C 139 -0.25 26.45 -7.21
C THR C 139 -0.54 26.32 -8.71
N VAL C 140 -0.92 25.13 -9.14
CA VAL C 140 -1.23 24.90 -10.53
C VAL C 140 -2.71 25.13 -10.77
N THR C 141 -3.02 25.79 -11.88
CA THR C 141 -4.40 26.03 -12.30
C THR C 141 -4.66 25.41 -13.66
N ALA C 142 -5.65 24.52 -13.73
CA ALA C 142 -5.89 23.77 -14.96
C ALA C 142 -7.35 23.84 -15.37
N HIS C 143 -7.60 23.78 -16.67
CA HIS C 143 -8.96 23.72 -17.16
C HIS C 143 -9.26 22.30 -17.67
N ASN C 144 -10.24 21.66 -17.05
CA ASN C 144 -10.68 20.32 -17.48
C ASN C 144 -11.74 20.49 -18.55
N HIS C 145 -11.37 20.29 -19.81
CA HIS C 145 -12.34 20.42 -20.90
C HIS C 145 -13.49 19.42 -20.84
N GLU C 146 -13.26 18.27 -20.21
CA GLU C 146 -14.26 17.21 -20.21
C GLU C 146 -15.48 17.72 -19.46
N THR C 147 -15.26 18.41 -18.36
CA THR C 147 -16.37 18.93 -17.58
C THR C 147 -16.51 20.45 -17.67
N ASP C 148 -15.74 21.07 -18.58
CA ASP C 148 -15.64 22.54 -18.71
C ASP C 148 -15.47 23.29 -17.40
N SER C 149 -14.50 22.89 -16.60
CA SER C 149 -14.31 23.51 -15.29
C SER C 149 -12.84 23.66 -15.01
N THR C 150 -12.51 24.83 -14.46
CA THR C 150 -11.16 25.20 -14.13
C THR C 150 -11.00 25.09 -12.63
N TYR C 151 -9.88 24.51 -12.20
CA TYR C 151 -9.61 24.35 -10.78
C TYR C 151 -8.13 24.59 -10.49
N SER C 152 -7.80 24.63 -9.19
CA SER C 152 -6.47 24.96 -8.70
C SER C 152 -6.04 23.94 -7.67
N ALA C 153 -4.74 23.74 -7.55
CA ALA C 153 -4.19 22.82 -6.55
C ALA C 153 -2.69 23.02 -6.26
N ALA C 154 -2.33 22.83 -5.00
CA ALA C 154 -0.99 23.04 -4.49
C ALA C 154 -0.10 21.83 -4.72
N PHE C 155 1.11 22.08 -5.19
CA PHE C 155 2.09 21.04 -5.39
C PHE C 155 3.41 21.49 -4.79
N ASP C 156 4.22 20.52 -4.40
CA ASP C 156 5.54 20.81 -3.85
C ASP C 156 6.53 21.02 -5.00
N HIS C 157 6.23 20.44 -6.16
CA HIS C 157 7.11 20.60 -7.29
C HIS C 157 6.33 20.66 -8.57
N VAL C 158 6.90 21.37 -9.52
CA VAL C 158 6.36 21.47 -10.87
C VAL C 158 7.48 21.14 -11.83
N ILE C 159 7.20 20.21 -12.73
CA ILE C 159 8.17 19.78 -13.69
C ILE C 159 7.53 20.08 -15.01
N CYS C 160 8.07 21.07 -15.73
CA CYS C 160 7.41 21.57 -16.91
C CYS C 160 7.89 20.81 -18.12
N ALA C 161 7.02 19.98 -18.69
CA ALA C 161 7.46 19.20 -19.83
C ALA C 161 6.67 19.54 -21.10
N SER C 162 6.55 20.83 -21.38
CA SER C 162 5.54 21.28 -22.32
C SER C 162 6.09 21.56 -23.72
N GLY C 163 7.31 21.11 -24.00
CA GLY C 163 7.90 21.18 -25.33
C GLY C 163 8.29 22.58 -25.80
N HIS C 164 9.02 22.66 -26.90
CA HIS C 164 9.33 23.97 -27.46
C HIS C 164 9.41 23.94 -28.96
N PHE C 165 8.78 22.95 -29.58
CA PHE C 165 8.72 22.89 -31.04
C PHE C 165 7.28 22.95 -31.51
N SER C 166 6.50 23.82 -30.87
CA SER C 166 5.07 23.95 -31.12
C SER C 166 4.58 25.39 -31.33
N THR C 167 5.32 26.37 -30.84
CA THR C 167 4.92 27.76 -31.03
C THR C 167 5.86 28.40 -32.05
N PRO C 168 5.41 28.53 -33.30
CA PRO C 168 6.23 28.85 -34.47
C PRO C 168 6.78 30.27 -34.51
N ASN C 169 7.98 30.41 -35.04
CA ASN C 169 8.51 31.71 -35.41
C ASN C 169 8.05 32.00 -36.85
N VAL C 170 7.18 32.99 -37.03
CA VAL C 170 6.60 33.24 -38.35
C VAL C 170 6.96 34.67 -38.74
N PRO C 171 8.07 34.86 -39.47
CA PRO C 171 8.50 36.22 -39.82
C PRO C 171 7.73 36.78 -41.03
N PHE C 172 7.51 38.08 -41.04
CA PHE C 172 6.89 38.73 -42.19
C PHE C 172 7.94 39.23 -43.19
N TYR C 173 7.69 38.97 -44.47
CA TYR C 173 8.51 39.57 -45.52
C TYR C 173 7.59 40.36 -46.44
N GLU C 174 8.12 41.45 -46.99
CA GLU C 174 7.37 42.24 -47.93
C GLU C 174 6.78 41.32 -48.98
N GLY C 175 5.47 41.42 -49.17
CA GLY C 175 4.79 40.67 -50.20
C GLY C 175 4.01 39.50 -49.66
N PHE C 176 4.24 39.16 -48.39
CA PHE C 176 3.61 37.97 -47.82
C PHE C 176 2.10 38.15 -47.74
N ASP C 177 1.67 39.32 -47.28
CA ASP C 177 0.23 39.60 -47.16
C ASP C 177 -0.52 39.77 -48.49
N THR C 178 0.20 39.78 -49.61
CA THR C 178 -0.45 39.94 -50.92
C THR C 178 -0.12 38.78 -51.85
N PHE C 179 0.71 37.86 -51.36
CA PHE C 179 1.07 36.65 -52.12
C PHE C 179 -0.17 35.84 -52.50
N ASN C 180 -0.42 35.69 -53.80
CA ASN C 180 -1.52 34.87 -54.27
C ASN C 180 -1.15 33.41 -54.24
N GLY C 181 -0.94 32.87 -53.04
CA GLY C 181 -0.61 31.47 -52.89
C GLY C 181 -0.61 31.03 -51.44
N ARG C 182 -0.41 29.74 -51.22
CA ARG C 182 -0.47 29.21 -49.88
C ARG C 182 0.82 29.56 -49.12
N ILE C 183 0.67 30.22 -47.97
CA ILE C 183 1.80 30.49 -47.08
C ILE C 183 1.51 29.82 -45.75
N VAL C 184 2.42 28.96 -45.31
CA VAL C 184 2.16 28.09 -44.17
C VAL C 184 3.43 27.85 -43.37
N HIS C 185 3.37 27.97 -42.05
CA HIS C 185 4.54 27.59 -41.23
C HIS C 185 4.60 26.06 -41.12
N ALA C 186 5.79 25.51 -40.86
CA ALA C 186 5.93 24.06 -40.76
C ALA C 186 5.05 23.46 -39.67
N HIS C 187 4.83 24.23 -38.61
CA HIS C 187 3.98 23.78 -37.51
C HIS C 187 2.60 23.40 -38.01
N ASP C 188 2.20 23.95 -39.16
CA ASP C 188 0.86 23.73 -39.69
C ASP C 188 0.84 22.88 -41.00
N PHE C 189 2.01 22.59 -41.56
CA PHE C 189 2.13 21.70 -42.72
C PHE C 189 1.65 20.31 -42.37
N ARG C 190 0.87 19.69 -43.25
CA ARG C 190 0.23 18.41 -42.89
C ARG C 190 0.33 17.32 -43.97
N ASP C 191 0.05 17.67 -45.22
CA ASP C 191 0.00 16.69 -46.31
C ASP C 191 0.72 17.24 -47.54
N ALA C 192 1.69 16.48 -48.03
CA ALA C 192 2.57 16.94 -49.10
C ALA C 192 1.87 16.85 -50.44
N ARG C 193 0.76 16.12 -50.46
CA ARG C 193 0.06 15.89 -51.72
C ARG C 193 -0.54 17.20 -52.20
N GLU C 194 -0.79 18.08 -51.23
CA GLU C 194 -1.33 19.40 -51.50
C GLU C 194 -0.44 20.19 -52.46
N PHE C 195 0.86 19.92 -52.43
CA PHE C 195 1.81 20.70 -53.23
C PHE C 195 2.29 19.95 -54.47
N GLU C 196 1.66 18.83 -54.75
CA GLU C 196 1.93 18.05 -55.93
C GLU C 196 1.78 18.93 -57.17
N GLY C 197 2.68 18.77 -58.11
CA GLY C 197 2.67 19.52 -59.34
C GLY C 197 2.89 21.02 -59.18
N LYS C 198 3.15 21.45 -57.95
CA LYS C 198 3.36 22.86 -57.68
C LYS C 198 4.83 23.28 -57.49
N ASP C 199 5.04 24.59 -57.55
CA ASP C 199 6.35 25.18 -57.32
C ASP C 199 6.42 25.69 -55.90
N VAL C 200 7.13 24.96 -55.04
CA VAL C 200 7.19 25.29 -53.62
C VAL C 200 8.42 26.13 -53.24
N LEU C 201 8.19 27.18 -52.45
CA LEU C 201 9.29 27.87 -51.79
C LEU C 201 9.41 27.42 -50.35
N VAL C 202 10.59 26.92 -49.98
CA VAL C 202 10.85 26.46 -48.62
C VAL C 202 11.91 27.31 -47.93
N MET C 203 11.49 28.06 -46.92
CA MET C 203 12.37 29.01 -46.24
C MET C 203 12.98 28.37 -45.01
N GLY C 204 14.30 28.37 -44.94
CA GLY C 204 15.01 27.73 -43.85
C GLY C 204 16.12 26.79 -44.28
N ALA C 205 17.06 26.51 -43.37
CA ALA C 205 18.21 25.68 -43.70
C ALA C 205 18.51 24.68 -42.60
N SER C 206 17.46 24.20 -41.93
CA SER C 206 17.67 23.29 -40.82
C SER C 206 16.80 22.06 -41.03
N SER C 207 16.50 21.36 -39.95
CA SER C 207 15.85 20.05 -40.05
C SER C 207 14.52 20.08 -40.78
N SER C 208 13.68 21.06 -40.47
CA SER C 208 12.34 21.11 -41.03
C SER C 208 12.37 21.42 -42.52
N ALA C 209 13.13 22.44 -42.89
CA ALA C 209 13.35 22.76 -44.30
C ALA C 209 13.83 21.54 -45.09
N GLU C 210 14.79 20.80 -44.51
CA GLU C 210 15.33 19.62 -45.17
C GLU C 210 14.24 18.59 -45.39
N ASP C 211 13.57 18.22 -44.32
CA ASP C 211 12.65 17.10 -44.36
C ASP C 211 11.34 17.47 -45.08
N ILE C 212 10.85 18.70 -44.86
CA ILE C 212 9.59 19.13 -45.50
C ILE C 212 9.79 19.33 -47.00
N GLY C 213 10.94 19.89 -47.36
CA GLY C 213 11.37 19.95 -48.75
C GLY C 213 11.32 18.57 -49.38
N SER C 214 12.00 17.62 -48.76
CA SER C 214 12.00 16.23 -49.23
C SER C 214 10.57 15.69 -49.40
N GLN C 215 9.76 15.80 -48.35
CA GLN C 215 8.38 15.30 -48.44
C GLN C 215 7.71 15.74 -49.73
N CYS C 216 7.79 17.04 -50.00
CA CYS C 216 7.14 17.61 -51.18
C CYS C 216 7.79 17.12 -52.47
N TRP C 217 9.09 16.88 -52.43
CA TRP C 217 9.78 16.30 -53.58
C TRP C 217 9.34 14.87 -53.80
N LYS C 218 9.06 14.16 -52.72
CA LYS C 218 8.69 12.75 -52.78
C LYS C 218 7.30 12.61 -53.33
N TYR C 219 6.46 13.59 -53.03
CA TYR C 219 5.05 13.49 -53.37
C TYR C 219 4.63 14.36 -54.55
N GLY C 220 5.60 14.92 -55.26
CA GLY C 220 5.35 15.41 -56.59
C GLY C 220 5.43 16.90 -56.92
N ALA C 221 5.97 17.70 -56.00
CA ALA C 221 6.16 19.12 -56.30
C ALA C 221 6.77 19.25 -57.69
N LYS C 222 6.35 20.25 -58.44
CA LYS C 222 6.95 20.52 -59.73
C LYS C 222 8.42 20.82 -59.50
N SER C 223 8.68 21.49 -58.39
CA SER C 223 10.01 21.98 -58.11
C SER C 223 10.09 22.32 -56.65
N ILE C 224 11.31 22.46 -56.17
CA ILE C 224 11.54 22.93 -54.81
C ILE C 224 12.53 24.07 -54.88
N THR C 225 12.22 25.15 -54.18
CA THR C 225 13.21 26.20 -53.96
C THR C 225 13.36 26.32 -52.45
N SER C 226 14.57 26.11 -51.94
CA SER C 226 14.84 26.43 -50.54
C SER C 226 15.71 27.67 -50.49
N CYS C 227 15.58 28.45 -49.42
CA CYS C 227 16.42 29.62 -49.25
C CYS C 227 16.91 29.73 -47.81
N TYR C 228 18.20 30.09 -47.67
CA TYR C 228 18.85 30.21 -46.38
C TYR C 228 19.17 31.67 -46.15
N ARG C 229 19.48 32.02 -44.91
CA ARG C 229 19.93 33.38 -44.61
C ARG C 229 21.31 33.34 -43.97
N SER C 230 21.77 32.13 -43.65
CA SER C 230 23.08 31.94 -43.05
C SER C 230 24.07 30.98 -43.74
N ALA C 231 24.04 29.71 -43.38
CA ALA C 231 24.88 28.71 -44.01
C ALA C 231 23.91 27.87 -44.81
N PRO C 232 24.31 27.55 -46.12
CA PRO C 232 23.35 26.69 -46.83
C PRO C 232 23.29 25.29 -46.22
N MET C 233 22.19 24.58 -46.46
CA MET C 233 22.10 23.18 -46.07
C MET C 233 23.19 22.47 -46.84
N GLY C 234 23.44 22.96 -48.05
CA GLY C 234 24.59 22.55 -48.85
C GLY C 234 24.57 21.19 -49.54
N TYR C 235 23.72 20.28 -49.07
CA TYR C 235 23.63 18.93 -49.64
C TYR C 235 23.45 18.90 -51.15
N ALA C 236 23.59 17.70 -51.71
CA ALA C 236 23.42 17.49 -53.15
C ALA C 236 21.96 17.26 -53.52
N TRP C 237 21.33 18.32 -54.02
CA TRP C 237 19.89 18.34 -54.26
C TRP C 237 19.52 17.71 -55.59
N PRO C 238 18.33 17.11 -55.66
CA PRO C 238 17.72 16.61 -56.90
C PRO C 238 17.66 17.70 -57.98
N ASP C 239 17.18 17.34 -59.16
CA ASP C 239 17.17 18.23 -60.30
C ASP C 239 16.19 19.39 -60.14
N ASN C 240 15.01 19.08 -59.61
CA ASN C 240 13.97 20.07 -59.40
C ASN C 240 14.19 20.93 -58.14
N TRP C 241 15.40 20.87 -57.56
CA TRP C 241 15.64 21.50 -56.28
C TRP C 241 16.84 22.44 -56.31
N GLU C 242 16.57 23.74 -56.36
CA GLU C 242 17.59 24.75 -56.27
C GLU C 242 17.63 25.33 -54.86
N GLU C 243 18.81 25.55 -54.31
CA GLU C 243 18.91 26.24 -53.03
C GLU C 243 19.40 27.65 -53.31
N LYS C 244 18.89 28.64 -52.58
CA LYS C 244 19.18 30.03 -52.91
C LYS C 244 19.36 30.88 -51.67
N PRO C 245 20.02 32.02 -51.82
CA PRO C 245 20.24 32.91 -50.67
C PRO C 245 18.96 33.59 -50.15
N ALA C 246 19.09 34.54 -49.23
CA ALA C 246 17.95 35.07 -48.49
C ALA C 246 16.87 35.74 -49.35
N LEU C 247 15.62 35.53 -48.98
CA LEU C 247 14.51 36.25 -49.58
C LEU C 247 14.61 37.75 -49.29
N GLU C 248 14.26 38.58 -50.29
CA GLU C 248 14.15 40.02 -50.07
C GLU C 248 12.68 40.33 -49.88
N LYS C 249 11.88 39.80 -50.80
CA LYS C 249 10.48 40.16 -50.88
C LYS C 249 9.80 39.31 -51.93
N LEU C 250 8.49 39.32 -51.89
CA LEU C 250 7.66 38.79 -52.96
C LEU C 250 6.97 39.95 -53.70
N THR C 251 6.91 39.85 -55.02
CA THR C 251 6.07 40.74 -55.83
C THR C 251 5.18 39.86 -56.68
N GLY C 252 3.91 39.77 -56.32
CA GLY C 252 3.03 38.81 -56.97
C GLY C 252 3.36 37.39 -56.53
N LYS C 253 3.77 36.56 -57.47
CA LYS C 253 4.26 35.23 -57.13
C LYS C 253 5.77 35.19 -57.32
N THR C 254 6.37 36.37 -57.41
CA THR C 254 7.79 36.49 -57.72
C THR C 254 8.66 36.67 -56.47
N ALA C 255 9.48 35.66 -56.20
CA ALA C 255 10.46 35.76 -55.12
C ALA C 255 11.71 36.41 -55.66
N HIS C 256 12.13 37.50 -55.03
CA HIS C 256 13.39 38.16 -55.34
C HIS C 256 14.38 37.83 -54.24
N PHE C 257 15.55 37.33 -54.61
CA PHE C 257 16.53 36.96 -53.60
C PHE C 257 17.67 37.92 -53.47
N ALA C 258 18.47 37.72 -52.44
CA ALA C 258 19.56 38.63 -52.09
C ALA C 258 20.61 38.73 -53.19
N ASP C 259 20.80 37.64 -53.95
CA ASP C 259 21.74 37.65 -55.07
C ASP C 259 21.10 38.20 -56.35
N GLY C 260 19.98 38.89 -56.21
CA GLY C 260 19.32 39.51 -57.34
C GLY C 260 18.55 38.58 -58.26
N SER C 261 18.55 37.28 -57.95
CA SER C 261 17.87 36.32 -58.80
C SER C 261 16.39 36.23 -58.47
N THR C 262 15.66 35.47 -59.30
CA THR C 262 14.20 35.48 -59.32
C THR C 262 13.61 34.07 -59.50
N ARG C 263 12.42 33.86 -58.93
CA ARG C 263 11.65 32.64 -59.16
C ARG C 263 10.19 32.86 -58.79
N ASP C 264 9.28 32.45 -59.67
CA ASP C 264 7.87 32.42 -59.31
C ASP C 264 7.46 31.10 -58.67
N VAL C 265 6.85 31.20 -57.50
CA VAL C 265 6.47 30.04 -56.72
C VAL C 265 4.98 30.06 -56.37
N ASP C 266 4.42 28.86 -56.20
CA ASP C 266 3.00 28.68 -55.91
C ASP C 266 2.71 28.70 -54.42
N ALA C 267 3.71 28.32 -53.63
CA ALA C 267 3.50 28.12 -52.20
C ALA C 267 4.79 28.36 -51.40
N ILE C 268 4.62 28.83 -50.17
CA ILE C 268 5.74 29.08 -49.28
C ILE C 268 5.52 28.32 -47.99
N ILE C 269 6.45 27.44 -47.65
CA ILE C 269 6.42 26.76 -46.37
C ILE C 269 7.50 27.35 -45.48
N LEU C 270 7.08 28.03 -44.42
CA LEU C 270 8.01 28.69 -43.54
C LEU C 270 8.59 27.68 -42.56
N CYS C 271 9.83 27.25 -42.81
CA CYS C 271 10.46 26.28 -41.93
C CYS C 271 11.43 26.99 -41.03
N THR C 272 10.95 28.03 -40.35
CA THR C 272 11.81 28.99 -39.69
C THR C 272 11.87 28.82 -38.17
N GLY C 273 11.41 27.67 -37.69
CA GLY C 273 11.63 27.29 -36.30
C GLY C 273 10.57 27.72 -35.31
N TYR C 274 10.97 27.75 -34.04
CA TYR C 274 10.00 27.86 -32.95
C TYR C 274 10.56 28.71 -31.82
N LYS C 275 9.71 29.05 -30.87
CA LYS C 275 10.19 29.76 -29.71
C LYS C 275 9.85 29.01 -28.44
N HIS C 276 10.67 29.18 -27.41
CA HIS C 276 10.25 28.74 -26.11
C HIS C 276 9.21 29.74 -25.65
N PHE C 277 7.98 29.26 -25.55
CA PHE C 277 6.87 30.09 -25.16
C PHE C 277 6.00 29.41 -24.12
N PHE C 278 5.77 30.10 -23.02
CA PHE C 278 4.92 29.59 -21.96
C PHE C 278 3.84 30.62 -21.64
N SER C 279 2.64 30.38 -22.15
CA SER C 279 1.50 31.25 -21.91
C SER C 279 1.04 31.19 -20.46
N PHE C 280 1.51 30.18 -19.73
CA PHE C 280 0.95 29.84 -18.43
C PHE C 280 1.90 30.10 -17.25
N LEU C 281 2.87 30.99 -17.42
CA LEU C 281 3.92 31.19 -16.41
C LEU C 281 4.20 32.66 -16.13
N PRO C 282 4.27 33.01 -14.83
CA PRO C 282 4.69 34.35 -14.41
C PRO C 282 6.20 34.53 -14.59
N ASP C 283 6.65 35.78 -14.54
CA ASP C 283 8.05 36.12 -14.80
C ASP C 283 9.06 35.30 -14.00
N ASP C 284 8.77 35.08 -12.71
CA ASP C 284 9.76 34.46 -11.85
C ASP C 284 9.77 32.93 -11.97
N LEU C 285 8.90 32.39 -12.81
CA LEU C 285 8.96 30.96 -13.12
C LEU C 285 9.22 30.73 -14.60
N ARG C 286 9.04 31.78 -15.41
CA ARG C 286 9.04 31.59 -16.86
C ARG C 286 10.43 31.48 -17.49
N LEU C 287 10.76 30.28 -17.93
CA LEU C 287 12.02 30.06 -18.62
C LEU C 287 12.05 30.90 -19.88
N LYS C 288 13.15 31.62 -20.09
CA LYS C 288 13.38 32.37 -21.32
C LYS C 288 14.77 32.03 -21.88
N THR C 289 14.82 31.51 -23.10
CA THR C 289 16.07 30.98 -23.64
C THR C 289 16.02 30.86 -25.17
N ALA C 290 17.19 30.73 -25.78
CA ALA C 290 17.27 30.36 -27.21
C ALA C 290 17.23 28.86 -27.27
N ASN C 291 17.06 28.33 -28.48
CA ASN C 291 17.13 26.90 -28.73
C ASN C 291 18.58 26.51 -28.98
N ARG C 292 19.11 25.60 -28.16
CA ARG C 292 20.54 25.29 -28.17
C ARG C 292 20.85 24.17 -27.17
N LEU C 293 22.10 23.71 -27.14
CA LEU C 293 22.45 22.57 -26.28
C LEU C 293 22.58 22.98 -24.81
N ALA C 294 22.87 24.26 -24.57
CA ALA C 294 23.07 24.77 -23.21
C ALA C 294 22.01 25.81 -22.90
N THR C 295 20.93 25.35 -22.28
CA THR C 295 19.73 26.14 -22.12
C THR C 295 19.89 27.12 -20.95
N ALA C 296 19.62 28.40 -21.21
CA ALA C 296 19.78 29.41 -20.18
C ALA C 296 18.96 29.07 -18.95
N ASP C 297 19.45 29.45 -17.77
CA ASP C 297 18.67 29.41 -16.52
C ASP C 297 18.22 28.02 -16.01
N LEU C 298 18.84 26.94 -16.50
CA LEU C 298 18.55 25.61 -15.96
C LEU C 298 19.83 24.97 -15.44
N TYR C 299 19.95 24.87 -14.12
CA TYR C 299 21.09 24.19 -13.51
C TYR C 299 21.05 22.72 -13.91
N LYS C 300 22.20 22.20 -14.32
CA LYS C 300 22.27 20.81 -14.80
C LYS C 300 21.36 20.55 -16.00
N GLY C 301 20.93 21.65 -16.63
CA GLY C 301 20.04 21.58 -17.78
C GLY C 301 18.62 21.17 -17.43
N VAL C 302 18.25 21.18 -16.16
CA VAL C 302 16.91 20.73 -15.74
C VAL C 302 16.29 21.55 -14.62
N ALA C 303 17.10 22.16 -13.76
CA ALA C 303 16.53 22.85 -12.60
C ALA C 303 16.52 24.37 -12.80
N TYR C 304 15.36 24.97 -12.60
CA TYR C 304 15.22 26.42 -12.84
C TYR C 304 16.00 27.22 -11.82
N VAL C 305 16.97 28.00 -12.28
CA VAL C 305 17.87 28.69 -11.36
C VAL C 305 17.16 29.70 -10.46
N HIS C 306 16.14 30.37 -10.96
CA HIS C 306 15.44 31.37 -10.13
C HIS C 306 14.49 30.73 -9.12
N ASN C 307 14.25 29.43 -9.27
CA ASN C 307 13.46 28.67 -8.31
C ASN C 307 13.68 27.19 -8.55
N PRO C 308 14.62 26.59 -7.81
CA PRO C 308 15.08 25.22 -8.08
C PRO C 308 14.10 24.12 -7.65
N ALA C 309 12.96 24.49 -7.08
CA ALA C 309 11.91 23.50 -6.85
C ALA C 309 11.09 23.31 -8.13
N MET C 310 11.35 24.15 -9.13
CA MET C 310 10.69 23.97 -10.42
C MET C 310 11.68 23.47 -11.48
N PHE C 311 11.25 22.47 -12.24
CA PHE C 311 12.11 21.89 -13.27
C PHE C 311 11.52 22.01 -14.67
N TYR C 312 12.36 21.70 -15.64
CA TYR C 312 12.05 21.78 -17.05
C TYR C 312 12.77 20.62 -17.67
N LEU C 313 12.06 19.88 -18.51
CA LEU C 313 12.60 18.78 -19.30
C LEU C 313 12.51 19.05 -20.80
N GLY C 314 13.51 18.57 -21.54
CA GLY C 314 13.45 18.59 -22.98
C GLY C 314 13.71 19.96 -23.61
N MET C 315 14.02 20.98 -22.81
CA MET C 315 14.13 22.35 -23.33
C MET C 315 15.35 22.61 -24.18
N GLN C 316 16.33 21.71 -24.10
CA GLN C 316 17.49 21.75 -24.96
C GLN C 316 17.07 21.47 -26.40
N ASP C 317 17.82 22.02 -27.34
CA ASP C 317 17.80 21.51 -28.71
C ASP C 317 18.25 20.05 -28.70
N GLN C 318 17.87 19.28 -29.71
CA GLN C 318 17.93 17.82 -29.54
C GLN C 318 18.66 17.05 -30.65
N TRP C 319 19.90 16.67 -30.35
CA TRP C 319 20.58 15.61 -31.08
C TRP C 319 20.07 14.30 -30.47
N PHE C 320 20.27 14.14 -29.17
CA PHE C 320 19.71 13.01 -28.44
C PHE C 320 18.32 13.40 -28.03
N THR C 321 17.40 12.45 -27.98
CA THR C 321 16.05 12.75 -27.53
C THR C 321 15.62 11.88 -26.35
N PHE C 322 14.99 10.74 -26.64
CA PHE C 322 14.39 9.91 -25.61
C PHE C 322 15.37 9.56 -24.52
N ASN C 323 16.55 9.12 -24.92
CA ASN C 323 17.56 8.75 -23.93
C ASN C 323 17.99 9.91 -23.04
N MET C 324 18.04 11.11 -23.60
CA MET C 324 18.28 12.33 -22.81
C MET C 324 17.17 12.65 -21.80
N PHE C 325 15.91 12.63 -22.25
CA PHE C 325 14.76 12.89 -21.36
C PHE C 325 14.71 11.87 -20.21
N ASP C 326 15.14 10.64 -20.48
CA ASP C 326 15.22 9.65 -19.39
C ASP C 326 16.29 10.08 -18.40
N ALA C 327 17.46 10.41 -18.94
CA ALA C 327 18.57 10.82 -18.11
C ALA C 327 18.15 12.03 -17.29
N GLN C 328 17.48 12.96 -17.95
CA GLN C 328 17.01 14.16 -17.25
C GLN C 328 15.98 13.82 -16.18
N ALA C 329 14.99 13.03 -16.56
CA ALA C 329 13.88 12.68 -15.67
C ALA C 329 14.36 11.93 -14.42
N TRP C 330 15.32 11.04 -14.60
CA TRP C 330 15.92 10.34 -13.45
C TRP C 330 16.54 11.35 -12.47
N TRP C 331 17.24 12.33 -13.01
CA TRP C 331 17.98 13.28 -12.20
C TRP C 331 17.01 14.12 -11.40
N VAL C 332 16.02 14.66 -12.11
CA VAL C 332 14.95 15.44 -11.50
C VAL C 332 14.21 14.59 -10.48
N ARG C 333 13.99 13.32 -10.81
CA ARG C 333 13.39 12.41 -9.85
C ARG C 333 14.20 12.41 -8.56
N ASP C 334 15.49 12.13 -8.72
CA ASP C 334 16.42 11.98 -7.58
C ASP C 334 16.48 13.25 -6.76
N ALA C 335 16.46 14.40 -7.43
CA ALA C 335 16.54 15.66 -6.73
C ALA C 335 15.29 15.80 -5.88
N ILE C 336 14.16 15.35 -6.40
CA ILE C 336 12.92 15.48 -5.64
C ILE C 336 12.89 14.53 -4.43
N LEU C 337 13.21 13.26 -4.66
CA LEU C 337 13.33 12.30 -3.55
C LEU C 337 14.42 12.67 -2.50
N GLY C 338 15.28 13.64 -2.80
CA GLY C 338 16.33 14.01 -1.85
C GLY C 338 17.58 13.13 -1.94
N ARG C 339 17.65 12.27 -2.95
CA ARG C 339 18.91 11.57 -3.26
C ARG C 339 19.94 12.58 -3.79
N ILE C 340 19.47 13.70 -4.32
CA ILE C 340 20.34 14.76 -4.80
C ILE C 340 19.94 16.06 -4.12
N THR C 341 20.92 16.85 -3.66
CA THR C 341 20.59 18.14 -3.04
C THR C 341 21.08 19.29 -3.92
N LEU C 342 20.14 20.10 -4.42
CA LEU C 342 20.51 21.30 -5.18
C LEU C 342 21.23 22.34 -4.30
N PRO C 343 22.07 23.18 -4.93
CA PRO C 343 22.74 24.31 -4.30
C PRO C 343 21.71 25.29 -3.78
N LYS C 344 22.03 25.99 -2.70
CA LYS C 344 21.17 27.06 -2.21
C LYS C 344 21.74 28.38 -2.69
N ASP C 345 22.85 28.30 -3.41
CA ASP C 345 23.57 29.48 -3.87
C ASP C 345 23.28 29.76 -5.36
N LYS C 346 22.29 30.62 -5.63
CA LYS C 346 21.95 31.00 -7.00
C LYS C 346 23.15 31.40 -7.89
N ALA C 347 24.16 32.04 -7.33
CA ALA C 347 25.34 32.36 -8.12
C ALA C 347 25.95 31.11 -8.75
N ALA C 348 26.10 30.07 -7.95
CA ALA C 348 26.77 28.84 -8.42
C ALA C 348 25.97 28.11 -9.50
N MET C 349 24.63 28.18 -9.40
CA MET C 349 23.78 27.60 -10.43
C MET C 349 23.90 28.37 -11.75
N LEU C 350 24.09 29.69 -11.65
CA LEU C 350 24.33 30.48 -12.87
C LEU C 350 25.71 30.17 -13.45
N ALA C 351 26.68 29.92 -12.56
CA ALA C 351 28.00 29.52 -13.03
C ALA C 351 27.93 28.28 -13.92
N ASP C 352 27.19 27.27 -13.45
CA ASP C 352 27.03 26.00 -14.16
C ASP C 352 26.47 26.23 -15.56
N VAL C 353 25.49 27.11 -15.68
CA VAL C 353 24.92 27.39 -16.99
C VAL C 353 25.98 28.01 -17.90
N ALA C 354 26.57 29.11 -17.44
CA ALA C 354 27.63 29.80 -18.19
C ALA C 354 28.67 28.81 -18.74
N GLU C 355 29.19 27.96 -17.87
CA GLU C 355 30.18 26.96 -18.25
C GLU C 355 29.64 26.11 -19.40
N ARG C 356 28.40 25.66 -19.28
CA ARG C 356 27.78 24.87 -20.35
C ARG C 356 27.73 25.69 -21.64
N GLU C 357 27.28 26.94 -21.54
CA GLU C 357 27.20 27.81 -22.71
C GLU C 357 28.53 27.98 -23.42
N THR C 358 29.57 28.27 -22.64
CA THR C 358 30.90 28.51 -23.21
C THR C 358 31.51 27.26 -23.84
N ARG C 359 31.34 26.12 -23.17
CA ARG C 359 31.82 24.87 -23.69
C ARG C 359 31.07 24.57 -24.97
N GLU C 360 29.76 24.81 -24.96
CA GLU C 360 28.99 24.63 -26.20
C GLU C 360 29.55 25.49 -27.33
N GLU C 361 30.07 26.67 -27.00
CA GLU C 361 30.47 27.65 -28.00
C GLU C 361 31.90 27.48 -28.49
N ALA C 362 32.66 26.65 -27.79
CA ALA C 362 34.06 26.46 -28.08
C ALA C 362 34.34 25.99 -29.51
N SER C 363 33.40 25.23 -30.10
CA SER C 363 33.56 24.73 -31.46
C SER C 363 32.20 24.74 -32.14
N ASP C 364 32.18 24.97 -33.46
CA ASP C 364 30.92 24.98 -34.21
C ASP C 364 30.76 23.73 -35.08
N ASP C 365 31.79 22.89 -35.08
CA ASP C 365 31.77 21.58 -35.76
C ASP C 365 30.59 20.74 -35.26
N VAL C 366 29.90 20.06 -36.16
CA VAL C 366 28.70 19.31 -35.79
C VAL C 366 29.00 18.05 -34.98
N LYS C 367 30.15 17.43 -35.20
CA LYS C 367 30.47 16.23 -34.41
C LYS C 367 30.82 16.63 -32.99
N TYR C 368 31.39 17.81 -32.84
CA TYR C 368 31.70 18.33 -31.51
C TYR C 368 30.41 18.56 -30.75
N ALA C 369 29.45 19.19 -31.43
CA ALA C 369 28.15 19.48 -30.86
C ALA C 369 27.44 18.19 -30.43
N ILE C 370 27.41 17.18 -31.31
CA ILE C 370 26.84 15.88 -30.96
C ILE C 370 27.53 15.32 -29.72
N ARG C 371 28.84 15.12 -29.84
CA ARG C 371 29.63 14.67 -28.71
C ARG C 371 29.26 15.42 -27.43
N TYR C 372 28.89 16.69 -27.59
CA TYR C 372 28.69 17.58 -26.45
C TYR C 372 27.47 17.18 -25.67
N GLN C 373 26.37 16.99 -26.37
CA GLN C 373 25.15 16.60 -25.69
C GLN C 373 25.31 15.16 -25.16
N ALA C 374 26.08 14.36 -25.91
CA ALA C 374 26.50 13.03 -25.45
C ALA C 374 27.18 13.10 -24.07
N ASP C 375 28.21 13.93 -23.91
CA ASP C 375 28.81 14.15 -22.59
C ASP C 375 27.74 14.60 -21.59
N TYR C 376 26.76 15.38 -22.05
CA TYR C 376 25.71 15.82 -21.13
C TYR C 376 24.90 14.64 -20.57
N VAL C 377 24.39 13.79 -21.46
CA VAL C 377 23.62 12.63 -21.04
C VAL C 377 24.48 11.87 -20.05
N LYS C 378 25.70 11.55 -20.49
CA LYS C 378 26.67 10.81 -19.69
C LYS C 378 26.82 11.42 -18.31
N GLU C 379 26.96 12.74 -18.25
CA GLU C 379 27.04 13.44 -16.97
C GLU C 379 25.89 13.04 -16.07
N LEU C 380 24.68 13.20 -16.60
CA LEU C 380 23.45 12.96 -15.84
C LEU C 380 23.29 11.51 -15.39
N VAL C 381 23.60 10.59 -16.28
CA VAL C 381 23.35 9.19 -15.99
C VAL C 381 24.29 8.68 -14.90
N ALA C 382 25.45 9.32 -14.78
CA ALA C 382 26.42 8.95 -13.74
C ALA C 382 25.99 9.40 -12.35
N GLU C 383 25.08 10.39 -12.31
CA GLU C 383 24.66 10.97 -11.03
C GLU C 383 23.35 10.38 -10.50
N THR C 384 22.84 9.37 -11.20
CA THR C 384 21.71 8.59 -10.69
C THR C 384 21.83 7.11 -11.02
N ASP C 385 20.89 6.34 -10.49
CA ASP C 385 20.88 4.89 -10.66
C ASP C 385 20.36 4.52 -12.03
N TYR C 386 20.30 5.47 -12.94
CA TYR C 386 19.86 5.12 -14.28
C TYR C 386 20.92 4.24 -14.93
N PRO C 387 20.47 3.19 -15.61
CA PRO C 387 21.32 2.23 -16.33
C PRO C 387 22.26 2.87 -17.35
N SER C 388 23.51 3.01 -16.95
CA SER C 388 24.56 3.49 -17.84
C SER C 388 24.52 2.67 -19.12
N PHE C 389 24.71 3.33 -20.26
CA PHE C 389 24.61 2.64 -21.54
C PHE C 389 25.62 3.16 -22.55
N ASP C 390 25.69 2.52 -23.72
CA ASP C 390 26.74 2.84 -24.68
C ASP C 390 26.40 4.06 -25.51
N ILE C 391 26.50 5.22 -24.90
CA ILE C 391 26.21 6.49 -25.57
C ILE C 391 27.16 6.73 -26.74
N ASP C 392 28.45 6.50 -26.53
CA ASP C 392 29.42 6.64 -27.60
C ASP C 392 29.00 5.84 -28.82
N GLY C 393 28.25 4.77 -28.58
CA GLY C 393 27.70 3.94 -29.65
C GLY C 393 26.60 4.69 -30.37
N ALA C 394 25.86 5.48 -29.61
CA ALA C 394 24.86 6.35 -30.19
C ALA C 394 25.56 7.33 -31.12
N CYS C 395 26.60 7.97 -30.59
CA CYS C 395 27.39 8.94 -31.34
C CYS C 395 27.92 8.40 -32.66
N ASP C 396 28.38 7.16 -32.65
CA ASP C 396 28.96 6.58 -33.84
C ASP C 396 27.90 6.40 -34.93
N ALA C 397 26.69 6.08 -34.50
CA ALA C 397 25.55 6.00 -35.41
C ALA C 397 25.27 7.38 -35.97
N PHE C 398 25.19 8.35 -35.06
CA PHE C 398 24.95 9.74 -35.46
C PHE C 398 25.97 10.19 -36.48
N PHE C 399 27.23 9.81 -36.29
CA PHE C 399 28.28 10.13 -37.26
C PHE C 399 28.07 9.43 -38.63
N GLU C 400 27.54 8.21 -38.63
CA GLU C 400 27.31 7.53 -39.90
C GLU C 400 26.15 8.18 -40.65
N TRP C 401 25.07 8.41 -39.92
CA TRP C 401 23.94 9.21 -40.38
C TRP C 401 24.43 10.47 -41.12
N LYS C 402 25.23 11.26 -40.43
CA LYS C 402 25.70 12.53 -40.99
C LYS C 402 26.48 12.31 -42.29
N LYS C 403 27.18 11.18 -42.39
CA LYS C 403 27.91 10.87 -43.62
C LYS C 403 26.99 10.39 -44.73
N HIS C 404 25.89 9.73 -44.36
CA HIS C 404 24.92 9.27 -45.36
C HIS C 404 24.13 10.42 -46.00
N LYS C 405 23.80 11.44 -45.20
CA LYS C 405 23.04 12.58 -45.67
C LYS C 405 23.88 13.49 -46.55
N ALA C 406 25.12 13.75 -46.12
CA ALA C 406 26.06 14.50 -46.94
C ALA C 406 26.38 13.75 -48.21
N LYS C 407 26.25 12.43 -48.16
CA LYS C 407 26.47 11.60 -49.33
C LYS C 407 25.33 11.81 -50.32
N ASP C 408 24.15 11.31 -49.96
CA ASP C 408 22.98 11.38 -50.82
C ASP C 408 21.75 11.74 -49.96
N ILE C 409 21.44 13.03 -49.93
CA ILE C 409 20.46 13.56 -48.98
C ILE C 409 19.11 12.89 -49.15
N MET C 410 18.79 12.48 -50.37
CA MET C 410 17.45 11.99 -50.71
C MET C 410 17.29 10.49 -50.52
N ALA C 411 18.40 9.80 -50.25
CA ALA C 411 18.38 8.36 -50.06
C ALA C 411 18.88 7.97 -48.68
N PHE C 412 19.37 8.94 -47.91
CA PHE C 412 19.98 8.62 -46.63
C PHE C 412 19.14 7.68 -45.75
N ARG C 413 17.82 7.69 -45.93
CA ARG C 413 16.96 6.82 -45.12
C ARG C 413 16.99 5.36 -45.58
N ASP C 414 17.58 5.12 -46.75
CA ASP C 414 17.84 3.77 -47.25
C ASP C 414 19.21 3.26 -46.81
N ASN C 415 19.47 3.31 -45.52
CA ASN C 415 20.70 2.72 -45.00
C ASN C 415 20.31 1.99 -43.74
N SER C 416 21.26 1.26 -43.17
CA SER C 416 21.02 0.59 -41.89
C SER C 416 22.22 0.81 -40.97
N TYR C 417 22.00 0.65 -39.68
CA TYR C 417 23.04 0.92 -38.70
C TYR C 417 23.12 -0.16 -37.63
N LYS C 418 24.30 -0.31 -37.04
CA LYS C 418 24.52 -1.30 -36.00
C LYS C 418 23.67 -0.98 -34.77
N SER C 419 23.06 -2.02 -34.19
CA SER C 419 22.34 -1.87 -32.93
C SER C 419 23.34 -1.60 -31.79
N VAL C 420 22.84 -1.10 -30.67
CA VAL C 420 23.69 -0.71 -29.55
C VAL C 420 23.60 -1.72 -28.39
N ILE C 421 22.66 -2.67 -28.52
CA ILE C 421 22.48 -3.67 -27.48
C ILE C 421 22.96 -5.04 -27.96
N THR C 422 23.06 -5.22 -29.28
CA THR C 422 23.54 -6.47 -29.85
C THR C 422 24.48 -6.23 -31.02
N GLY C 423 24.95 -4.99 -31.15
CA GLY C 423 25.86 -4.61 -32.23
C GLY C 423 25.51 -5.15 -33.60
N THR C 424 24.25 -5.55 -33.78
CA THR C 424 23.80 -6.19 -35.02
C THR C 424 23.19 -5.18 -36.00
N MET C 425 23.85 -4.98 -37.14
CA MET C 425 23.39 -4.01 -38.13
C MET C 425 22.02 -4.32 -38.74
N ALA C 426 21.13 -3.33 -38.67
CA ALA C 426 19.74 -3.43 -39.09
C ALA C 426 19.53 -4.00 -40.49
N PRO C 427 18.38 -4.68 -40.69
CA PRO C 427 18.04 -5.12 -42.05
C PRO C 427 17.65 -3.90 -42.88
N VAL C 428 17.49 -4.11 -44.18
CA VAL C 428 16.96 -3.07 -45.05
C VAL C 428 15.44 -3.20 -45.07
N HIS C 429 14.77 -2.12 -45.45
CA HIS C 429 13.31 -2.09 -45.53
C HIS C 429 12.87 -2.74 -46.83
N HIS C 430 11.70 -3.39 -46.81
CA HIS C 430 11.17 -4.02 -48.01
C HIS C 430 11.07 -3.04 -49.17
N THR C 431 11.15 -1.74 -48.84
CA THR C 431 10.91 -0.71 -49.86
C THR C 431 11.79 0.55 -49.71
N PRO C 432 12.25 1.11 -50.84
CA PRO C 432 12.98 2.37 -50.84
C PRO C 432 12.09 3.53 -50.40
N TRP C 433 12.70 4.51 -49.75
CA TRP C 433 11.95 5.64 -49.21
C TRP C 433 11.17 6.37 -50.30
N LYS C 434 11.84 6.65 -51.42
CA LYS C 434 11.19 7.39 -52.51
C LYS C 434 10.03 6.60 -53.12
N GLU C 435 10.04 5.28 -52.91
CA GLU C 435 8.96 4.43 -53.41
C GLU C 435 7.92 4.12 -52.33
N ALA C 436 8.34 4.23 -51.07
CA ALA C 436 7.48 3.89 -49.94
C ALA C 436 6.43 4.97 -49.64
N LEU C 437 5.49 5.18 -50.56
CA LEU C 437 4.49 6.25 -50.47
C LEU C 437 3.51 6.06 -49.31
N ASP C 438 3.26 4.81 -48.95
CA ASP C 438 2.38 4.52 -47.82
C ASP C 438 3.10 4.83 -46.51
N ASP C 439 2.33 5.35 -45.58
CA ASP C 439 2.81 5.95 -44.34
C ASP C 439 2.48 5.04 -43.14
N SER C 440 1.41 4.26 -43.30
CA SER C 440 0.82 3.46 -42.22
C SER C 440 1.79 2.50 -41.54
N MET C 441 1.55 2.25 -40.26
CA MET C 441 2.32 1.26 -39.51
C MET C 441 2.26 -0.12 -40.16
N GLU C 442 1.05 -0.59 -40.44
CA GLU C 442 0.86 -1.93 -40.98
C GLU C 442 1.55 -2.11 -42.33
N ALA C 443 1.58 -1.06 -43.14
CA ALA C 443 2.27 -1.15 -44.42
C ALA C 443 3.75 -1.39 -44.16
N TYR C 444 4.27 -0.67 -43.17
CA TYR C 444 5.66 -0.81 -42.76
C TYR C 444 5.99 -2.22 -42.27
N LEU C 445 5.08 -2.78 -41.47
CA LEU C 445 5.34 -4.02 -40.74
C LEU C 445 4.85 -5.32 -41.42
N GLN C 446 4.11 -5.19 -42.52
CA GLN C 446 3.57 -6.35 -43.23
C GLN C 446 2.56 -7.11 -42.39
N THR D 2 27.16 -22.41 -0.87
CA THR D 2 27.86 -21.73 0.21
C THR D 2 27.29 -20.33 0.42
N LYS D 3 26.69 -20.08 1.59
CA LYS D 3 26.21 -18.74 1.92
C LYS D 3 27.08 -18.15 3.01
N ARG D 4 27.06 -16.83 3.11
CA ARG D 4 27.80 -16.13 4.14
C ARG D 4 26.84 -15.24 4.90
N VAL D 5 26.86 -15.35 6.22
CA VAL D 5 25.97 -14.58 7.06
C VAL D 5 26.76 -13.68 8.01
N ALA D 6 26.53 -12.37 7.94
CA ALA D 6 27.10 -11.43 8.91
C ALA D 6 26.13 -11.12 10.03
N VAL D 7 26.64 -11.17 11.26
CA VAL D 7 25.88 -10.87 12.44
C VAL D 7 26.54 -9.70 13.18
N ILE D 8 25.77 -8.66 13.44
CA ILE D 8 26.32 -7.43 13.96
C ILE D 8 26.03 -7.32 15.43
N GLY D 9 27.05 -7.61 16.23
CA GLY D 9 26.92 -7.56 17.67
C GLY D 9 26.93 -8.94 18.29
N ALA D 10 27.55 -9.03 19.45
CA ALA D 10 27.70 -10.29 20.15
C ALA D 10 27.15 -10.15 21.57
N GLY D 11 26.01 -9.46 21.68
CA GLY D 11 25.27 -9.45 22.92
C GLY D 11 24.39 -10.69 22.96
N PRO D 12 23.51 -10.76 23.95
CA PRO D 12 22.65 -11.94 24.08
C PRO D 12 21.91 -12.23 22.78
N SER D 13 21.69 -11.22 21.95
CA SER D 13 21.00 -11.45 20.69
C SER D 13 21.88 -12.15 19.67
N GLY D 14 22.97 -11.50 19.26
CA GLY D 14 23.88 -12.12 18.32
C GLY D 14 24.36 -13.47 18.86
N LEU D 15 24.63 -13.54 20.15
CA LEU D 15 25.04 -14.81 20.72
C LEU D 15 23.94 -15.84 20.50
N ALA D 16 22.70 -15.39 20.64
CA ALA D 16 21.57 -16.28 20.43
C ALA D 16 21.58 -16.81 19.00
N GLN D 17 21.95 -15.95 18.06
CA GLN D 17 21.95 -16.37 16.67
C GLN D 17 23.02 -17.43 16.44
N LEU D 18 24.18 -17.24 17.07
CA LEU D 18 25.33 -18.09 16.78
C LEU D 18 25.06 -19.49 17.30
N ARG D 19 24.71 -19.58 18.58
CA ARG D 19 24.26 -20.84 19.16
C ARG D 19 23.18 -21.49 18.30
N ALA D 20 22.44 -20.69 17.53
CA ALA D 20 21.33 -21.21 16.72
C ALA D 20 21.83 -21.99 15.51
N PHE D 21 22.81 -21.44 14.81
CA PHE D 21 23.39 -22.17 13.69
C PHE D 21 24.20 -23.35 14.21
N GLN D 22 24.85 -23.16 15.34
CA GLN D 22 25.64 -24.22 15.96
C GLN D 22 24.76 -25.42 16.36
N SER D 23 23.58 -25.16 16.90
CA SER D 23 22.66 -26.25 17.20
C SER D 23 22.23 -26.96 15.94
N ALA D 24 22.06 -26.22 14.86
CA ALA D 24 21.74 -26.86 13.59
C ALA D 24 22.91 -27.71 13.08
N ALA D 25 24.14 -27.22 13.23
CA ALA D 25 25.30 -28.00 12.81
C ALA D 25 25.48 -29.26 13.69
N ASP D 26 25.35 -29.07 15.01
CA ASP D 26 25.32 -30.17 15.96
C ASP D 26 24.43 -31.32 15.49
N GLN D 27 23.16 -31.01 15.17
CA GLN D 27 22.24 -31.98 14.60
C GLN D 27 22.87 -32.68 13.40
N GLY D 28 23.66 -31.94 12.64
CA GLY D 28 24.20 -32.41 11.37
C GLY D 28 23.79 -31.58 10.16
N ALA D 29 23.31 -30.36 10.38
CA ALA D 29 22.94 -29.48 9.25
C ALA D 29 24.16 -28.87 8.56
N GLU D 30 23.99 -28.48 7.29
CA GLU D 30 24.99 -27.69 6.56
C GLU D 30 24.73 -26.19 6.69
N ILE D 31 25.26 -25.57 7.75
CA ILE D 31 25.13 -24.13 7.94
C ILE D 31 26.14 -23.38 7.06
N PRO D 32 25.90 -22.08 6.82
CA PRO D 32 26.85 -21.29 6.03
C PRO D 32 27.96 -20.69 6.89
N GLU D 33 28.84 -19.88 6.29
N GLU D 33 28.87 -19.91 6.29
CA GLU D 33 29.91 -19.21 7.03
CA GLU D 33 29.91 -19.23 7.07
C GLU D 33 29.34 -18.08 7.88
C GLU D 33 29.26 -18.14 7.90
N ILE D 34 29.64 -18.08 9.17
CA ILE D 34 29.09 -17.10 10.09
C ILE D 34 30.17 -16.16 10.63
N VAL D 35 30.09 -14.88 10.27
CA VAL D 35 31.00 -13.86 10.78
C VAL D 35 30.23 -12.93 11.70
N CYS D 36 30.63 -12.90 12.97
CA CYS D 36 30.05 -11.96 13.89
C CYS D 36 31.01 -10.75 14.09
N PHE D 37 30.53 -9.55 13.75
CA PHE D 37 31.28 -8.33 14.02
C PHE D 37 30.88 -7.77 15.36
N GLU D 38 31.84 -7.45 16.22
CA GLU D 38 31.50 -6.90 17.54
C GLU D 38 32.38 -5.72 17.92
N LYS D 39 31.75 -4.61 18.30
CA LYS D 39 32.45 -3.36 18.59
C LYS D 39 33.39 -3.48 19.81
N GLN D 40 32.88 -4.01 20.91
CA GLN D 40 33.67 -4.15 22.11
C GLN D 40 34.74 -5.23 22.02
N ALA D 41 35.60 -5.28 23.05
CA ALA D 41 36.69 -6.26 23.13
C ALA D 41 36.21 -7.65 23.58
N ASN D 42 34.97 -7.72 24.05
CA ASN D 42 34.44 -8.99 24.53
C ASN D 42 32.94 -9.07 24.29
N TRP D 43 32.37 -10.25 24.50
CA TRP D 43 30.97 -10.47 24.19
C TRP D 43 30.02 -10.15 25.36
N GLY D 44 28.72 -10.17 25.08
CA GLY D 44 27.74 -9.95 26.14
C GLY D 44 27.05 -8.60 26.14
N GLY D 45 27.24 -7.83 25.08
CA GLY D 45 26.54 -6.56 24.88
C GLY D 45 26.40 -5.68 26.11
N LEU D 46 25.15 -5.33 26.45
CA LEU D 46 24.90 -4.51 27.62
C LEU D 46 25.42 -5.07 28.97
N TRP D 47 25.54 -6.40 29.09
CA TRP D 47 26.04 -7.02 30.31
C TRP D 47 27.54 -6.94 30.43
N ASN D 48 28.20 -6.60 29.32
CA ASN D 48 29.62 -6.35 29.33
C ASN D 48 29.92 -5.00 29.97
N TYR D 49 30.03 -4.98 31.29
CA TYR D 49 30.14 -3.72 32.04
C TYR D 49 31.46 -2.98 31.93
N THR D 50 31.41 -1.66 31.85
CA THR D 50 32.65 -0.89 31.83
C THR D 50 32.53 0.43 32.57
N TRP D 51 33.65 0.87 33.14
CA TRP D 51 33.71 2.13 33.88
C TRP D 51 33.62 3.32 32.92
N ARG D 52 34.10 3.12 31.70
CA ARG D 52 34.10 4.15 30.67
C ARG D 52 32.70 4.63 30.30
N THR D 53 32.63 5.91 29.94
CA THR D 53 31.40 6.53 29.45
C THR D 53 31.78 7.47 28.31
N GLY D 54 30.81 7.83 27.48
CA GLY D 54 31.08 8.63 26.32
C GLY D 54 31.65 7.79 25.18
N LEU D 55 32.95 7.96 24.94
CA LEU D 55 33.64 7.19 23.91
C LEU D 55 34.58 6.17 24.57
N ASP D 56 34.66 4.97 24.00
CA ASP D 56 35.52 3.92 24.56
C ASP D 56 37.00 4.14 24.25
N GLU D 57 37.84 3.16 24.55
CA GLU D 57 39.25 3.32 24.37
C GLU D 57 39.61 3.54 22.91
N ASN D 58 38.74 3.12 22.00
CA ASN D 58 39.06 3.24 20.59
C ASN D 58 38.51 4.51 19.93
N GLY D 59 37.67 5.25 20.66
CA GLY D 59 37.02 6.42 20.12
C GLY D 59 35.60 6.14 19.68
N GLU D 60 35.12 4.94 19.96
CA GLU D 60 33.76 4.56 19.61
C GLU D 60 32.82 4.84 20.78
N PRO D 61 31.58 5.27 20.47
CA PRO D 61 30.54 5.52 21.46
C PRO D 61 30.43 4.30 22.34
N VAL D 62 30.52 4.48 23.66
CA VAL D 62 30.36 3.39 24.61
C VAL D 62 28.99 2.68 24.53
N HIS D 63 28.98 1.36 24.31
CA HIS D 63 27.70 0.66 24.26
C HIS D 63 27.04 0.49 25.63
N CYS D 64 27.86 0.22 26.63
CA CYS D 64 27.38 -0.13 27.97
C CYS D 64 26.39 0.87 28.60
N SER D 65 25.27 0.34 29.09
CA SER D 65 24.30 1.16 29.79
C SER D 65 24.07 0.72 31.22
N MET D 66 24.78 -0.34 31.64
CA MET D 66 24.61 -0.84 33.01
C MET D 66 25.53 -0.14 33.98
N TYR D 67 25.07 -0.03 35.21
CA TYR D 67 25.83 0.64 36.26
C TYR D 67 26.23 -0.38 37.32
N ARG D 68 27.06 0.06 38.26
CA ARG D 68 27.45 -0.80 39.37
C ARG D 68 26.24 -1.12 40.27
N TYR D 69 26.29 -2.29 40.89
CA TYR D 69 25.29 -2.75 41.85
C TYR D 69 23.95 -3.06 41.23
N LEU D 70 23.95 -3.30 39.92
CA LEU D 70 22.74 -3.67 39.21
C LEU D 70 22.48 -5.16 39.34
N TRP D 71 21.31 -5.53 39.86
CA TRP D 71 20.85 -6.93 39.78
C TRP D 71 19.77 -7.04 38.70
N SER D 72 19.53 -8.28 38.28
CA SER D 72 18.38 -8.64 37.46
C SER D 72 17.13 -7.85 37.89
N ASN D 73 16.52 -7.13 36.96
CA ASN D 73 15.32 -6.37 37.28
C ASN D 73 14.08 -7.27 37.27
N GLY D 74 14.24 -8.46 36.71
CA GLY D 74 13.16 -9.43 36.68
C GLY D 74 13.51 -10.76 37.32
N PRO D 75 12.51 -11.46 37.90
CA PRO D 75 12.72 -12.79 38.46
C PRO D 75 13.53 -13.67 37.50
N LYS D 76 14.54 -14.37 38.02
CA LYS D 76 15.50 -15.07 37.19
C LYS D 76 14.90 -16.31 36.50
N GLU D 77 14.03 -17.01 37.23
CA GLU D 77 13.40 -18.23 36.73
C GLU D 77 12.72 -18.01 35.38
N GLY D 78 12.43 -16.74 35.07
CA GLY D 78 11.77 -16.38 33.83
C GLY D 78 12.71 -16.14 32.65
N LEU D 79 14.02 -16.22 32.90
CA LEU D 79 14.98 -16.12 31.80
C LEU D 79 16.00 -17.25 31.77
N GLU D 80 15.55 -18.46 32.03
CA GLU D 80 16.42 -19.61 31.82
C GLU D 80 16.52 -19.94 30.34
N PHE D 81 17.39 -20.89 30.00
CA PHE D 81 17.56 -21.27 28.61
C PHE D 81 16.74 -22.52 28.28
N ALA D 82 16.64 -22.84 26.99
CA ALA D 82 15.87 -24.01 26.56
C ALA D 82 16.75 -25.25 26.39
N ASP D 83 18.04 -25.09 26.67
CA ASP D 83 19.00 -26.19 26.55
C ASP D 83 20.10 -26.01 27.58
N TYR D 84 19.75 -25.34 28.67
CA TYR D 84 20.72 -24.96 29.69
C TYR D 84 19.92 -24.49 30.88
N SER D 85 20.53 -24.58 32.07
CA SER D 85 19.83 -24.22 33.29
C SER D 85 20.77 -23.63 34.33
N PHE D 86 20.20 -22.84 35.24
CA PHE D 86 20.96 -22.22 36.31
C PHE D 86 21.81 -23.22 37.10
N GLU D 87 21.13 -24.05 37.90
CA GLU D 87 21.81 -25.07 38.70
C GLU D 87 22.78 -25.97 37.93
N GLU D 88 22.63 -26.05 36.61
CA GLU D 88 23.57 -26.83 35.80
C GLU D 88 24.94 -26.17 35.80
N HIS D 89 24.95 -24.91 35.37
CA HIS D 89 26.18 -24.14 35.22
C HIS D 89 26.73 -23.65 36.56
N PHE D 90 25.84 -23.48 37.53
CA PHE D 90 26.20 -22.95 38.84
C PHE D 90 26.30 -24.03 39.91
N GLY D 91 25.87 -25.24 39.57
CA GLY D 91 25.75 -26.30 40.54
C GLY D 91 24.52 -26.08 41.41
N LYS D 92 24.70 -25.31 42.48
CA LYS D 92 23.58 -24.96 43.35
C LYS D 92 22.59 -24.05 42.64
N GLN D 93 21.44 -23.84 43.27
CA GLN D 93 20.46 -22.86 42.78
C GLN D 93 20.63 -21.60 43.63
N ILE D 94 20.30 -20.46 43.04
CA ILE D 94 20.54 -19.18 43.71
C ILE D 94 19.24 -18.43 43.90
N ALA D 95 19.26 -17.42 44.77
CA ALA D 95 18.07 -16.59 44.98
C ALA D 95 17.57 -16.08 43.65
N SER D 96 16.43 -15.39 43.66
CA SER D 96 15.73 -15.09 42.41
C SER D 96 16.20 -13.84 41.62
N TYR D 97 17.06 -13.02 42.21
CA TYR D 97 17.57 -11.82 41.51
C TYR D 97 19.09 -11.72 41.51
N PRO D 98 19.74 -12.39 40.57
CA PRO D 98 21.20 -12.40 40.51
C PRO D 98 21.72 -11.01 40.19
N PRO D 99 22.81 -10.58 40.86
CA PRO D 99 23.57 -9.41 40.41
C PRO D 99 24.13 -9.57 38.97
N ARG D 100 24.54 -8.45 38.39
CA ARG D 100 24.99 -8.40 37.00
C ARG D 100 26.13 -9.36 36.67
N ALA D 101 27.16 -9.35 37.51
CA ALA D 101 28.32 -10.22 37.32
C ALA D 101 27.88 -11.67 37.28
N VAL D 102 26.99 -12.03 38.21
CA VAL D 102 26.44 -13.38 38.28
C VAL D 102 25.88 -13.80 36.92
N LEU D 103 24.87 -13.06 36.44
CA LEU D 103 24.24 -13.35 35.15
C LEU D 103 25.19 -13.34 33.95
N PHE D 104 26.14 -12.39 33.93
CA PHE D 104 27.12 -12.37 32.84
C PHE D 104 27.82 -13.71 32.74
N ASP D 105 28.19 -14.25 33.90
CA ASP D 105 28.86 -15.55 33.97
C ASP D 105 27.99 -16.68 33.37
N TYR D 106 26.70 -16.63 33.66
CA TYR D 106 25.70 -17.57 33.13
C TYR D 106 25.61 -17.46 31.60
N ILE D 107 25.31 -16.25 31.14
CA ILE D 107 25.33 -15.92 29.71
C ILE D 107 26.57 -16.50 29.06
N GLU D 108 27.72 -16.14 29.63
CA GLU D 108 29.00 -16.59 29.09
C GLU D 108 29.17 -18.11 29.15
N GLY D 109 28.71 -18.71 30.24
CA GLY D 109 28.73 -20.16 30.38
C GLY D 109 28.08 -20.93 29.23
N ARG D 110 26.84 -20.58 28.89
CA ARG D 110 26.11 -21.27 27.82
C ARG D 110 26.84 -21.16 26.47
N VAL D 111 27.41 -20.00 26.19
CA VAL D 111 28.04 -19.77 24.89
C VAL D 111 29.44 -20.36 24.81
N HIS D 112 30.21 -20.23 25.89
CA HIS D 112 31.46 -20.95 26.00
C HIS D 112 31.22 -22.39 25.56
N LYS D 113 30.16 -22.99 26.12
CA LYS D 113 29.77 -24.36 25.82
C LYS D 113 29.46 -24.62 24.34
N ALA D 114 28.75 -23.70 23.72
CA ALA D 114 28.37 -23.86 22.32
C ALA D 114 29.55 -23.71 21.34
N ASP D 115 30.70 -23.24 21.82
CA ASP D 115 31.88 -23.16 20.97
C ASP D 115 31.65 -22.23 19.79
N VAL D 116 31.10 -21.04 20.07
CA VAL D 116 30.78 -20.04 19.02
C VAL D 116 31.80 -18.90 18.89
N ARG D 117 32.40 -18.54 20.02
CA ARG D 117 33.33 -17.41 20.12
C ARG D 117 34.32 -17.27 18.97
N LYS D 118 34.76 -18.40 18.43
CA LYS D 118 35.67 -18.38 17.29
C LYS D 118 35.02 -17.72 16.08
N TRP D 119 33.73 -17.46 16.16
CA TRP D 119 33.04 -16.82 15.05
C TRP D 119 33.11 -15.29 15.15
N ILE D 120 33.43 -14.82 16.35
CA ILE D 120 33.38 -13.42 16.71
C ILE D 120 34.67 -12.65 16.39
N ARG D 121 34.52 -11.52 15.69
CA ARG D 121 35.59 -10.53 15.60
C ARG D 121 35.37 -9.40 16.60
N PHE D 122 36.13 -9.39 17.68
CA PHE D 122 35.99 -8.33 18.67
C PHE D 122 36.70 -7.04 18.24
N ASN D 123 36.47 -5.96 18.98
CA ASN D 123 37.08 -4.67 18.63
C ASN D 123 36.87 -4.33 17.16
N SER D 124 35.73 -4.70 16.62
CA SER D 124 35.53 -4.57 15.17
C SER D 124 34.17 -3.96 14.85
N PRO D 125 34.02 -2.65 15.07
CA PRO D 125 32.78 -1.96 14.74
C PRO D 125 32.46 -2.00 13.25
N VAL D 126 31.20 -2.30 12.93
CA VAL D 126 30.73 -2.24 11.55
C VAL D 126 30.48 -0.76 11.21
N ARG D 127 31.04 -0.30 10.10
CA ARG D 127 30.93 1.08 9.71
C ARG D 127 29.73 1.27 8.82
N TRP D 128 29.41 0.26 8.02
CA TRP D 128 28.42 0.49 6.96
C TRP D 128 27.93 -0.83 6.38
N VAL D 129 26.64 -0.89 6.07
CA VAL D 129 26.08 -1.99 5.31
C VAL D 129 25.36 -1.45 4.08
N SER D 130 25.76 -1.94 2.91
CA SER D 130 25.06 -1.61 1.67
C SER D 130 24.64 -2.88 0.92
N TYR D 131 23.49 -2.81 0.26
CA TYR D 131 22.99 -3.93 -0.50
C TYR D 131 22.99 -3.66 -1.99
N ASP D 132 23.49 -4.60 -2.79
CA ASP D 132 23.45 -4.45 -4.23
C ASP D 132 22.48 -5.39 -4.92
N ALA D 133 21.55 -4.80 -5.65
CA ALA D 133 20.49 -5.53 -6.31
C ALA D 133 21.07 -6.53 -7.30
N GLU D 134 22.07 -6.09 -8.07
CA GLU D 134 22.63 -6.89 -9.15
C GLU D 134 23.36 -8.16 -8.71
N THR D 135 23.92 -8.15 -7.52
CA THR D 135 24.66 -9.33 -7.06
C THR D 135 23.92 -10.02 -5.93
N ALA D 136 22.88 -9.36 -5.41
CA ALA D 136 22.08 -9.87 -4.29
C ALA D 136 22.90 -10.14 -3.02
N LYS D 137 23.96 -9.36 -2.82
CA LYS D 137 24.75 -9.42 -1.59
C LYS D 137 24.78 -8.08 -0.85
N PHE D 138 24.81 -8.14 0.46
CA PHE D 138 25.15 -6.97 1.24
C PHE D 138 26.66 -6.88 1.29
N THR D 139 27.15 -5.66 1.39
CA THR D 139 28.56 -5.39 1.63
C THR D 139 28.75 -4.74 3.00
N VAL D 140 29.41 -5.45 3.90
CA VAL D 140 29.70 -4.91 5.21
C VAL D 140 31.09 -4.31 5.28
N THR D 141 31.17 -3.12 5.84
CA THR D 141 32.43 -2.42 6.03
C THR D 141 32.71 -2.29 7.50
N ALA D 142 33.77 -2.93 7.98
CA ALA D 142 34.04 -2.90 9.40
C ALA D 142 35.41 -2.30 9.63
N HIS D 143 35.64 -1.79 10.84
CA HIS D 143 36.97 -1.30 11.18
C HIS D 143 37.62 -2.18 12.25
N ASN D 144 38.81 -2.73 11.96
CA ASN D 144 39.52 -3.56 12.95
C ASN D 144 40.46 -2.70 13.76
N HIS D 145 40.09 -2.46 15.01
CA HIS D 145 40.88 -1.61 15.90
C HIS D 145 42.21 -2.21 16.36
N GLU D 146 42.34 -3.53 16.32
CA GLU D 146 43.60 -4.20 16.68
C GLU D 146 44.69 -3.84 15.67
N THR D 147 44.29 -3.66 14.42
CA THR D 147 45.28 -3.41 13.37
C THR D 147 45.04 -2.06 12.70
N ASP D 148 44.07 -1.32 13.23
CA ASP D 148 43.67 -0.03 12.68
C ASP D 148 43.48 -0.05 11.16
N SER D 149 42.61 -0.94 10.70
CA SER D 149 42.38 -1.08 9.27
C SER D 149 40.92 -1.35 9.04
N THR D 150 40.39 -0.68 8.03
CA THR D 150 39.04 -0.90 7.62
C THR D 150 39.02 -1.81 6.40
N TYR D 151 38.06 -2.70 6.36
CA TYR D 151 37.93 -3.57 5.20
C TYR D 151 36.44 -3.75 4.90
N SER D 152 36.13 -4.27 3.72
CA SER D 152 34.76 -4.53 3.37
C SER D 152 34.66 -5.95 2.80
N ALA D 153 33.52 -6.59 2.99
CA ALA D 153 33.27 -7.93 2.44
C ALA D 153 31.77 -8.17 2.16
N ALA D 154 31.50 -9.11 1.25
CA ALA D 154 30.16 -9.44 0.81
C ALA D 154 29.51 -10.54 1.66
N PHE D 155 28.22 -10.40 1.92
CA PHE D 155 27.45 -11.38 2.66
C PHE D 155 26.06 -11.52 2.05
N ASP D 156 25.48 -12.71 2.12
CA ASP D 156 24.17 -12.95 1.53
C ASP D 156 23.11 -12.49 2.51
N HIS D 157 23.44 -12.56 3.79
CA HIS D 157 22.53 -12.09 4.80
C HIS D 157 23.22 -11.26 5.86
N VAL D 158 22.53 -10.23 6.32
CA VAL D 158 23.01 -9.42 7.42
C VAL D 158 21.99 -9.43 8.54
N ILE D 159 22.45 -9.86 9.70
CA ILE D 159 21.58 -10.01 10.84
C ILE D 159 22.02 -8.98 11.85
N CYS D 160 21.20 -7.95 12.01
CA CYS D 160 21.56 -6.81 12.87
C CYS D 160 21.06 -7.01 14.28
N ALA D 161 22.01 -7.22 15.19
CA ALA D 161 21.63 -7.39 16.59
C ALA D 161 22.35 -6.35 17.43
N SER D 162 22.27 -5.08 17.02
CA SER D 162 23.14 -4.08 17.62
C SER D 162 22.52 -3.37 18.82
N GLY D 163 21.33 -3.83 19.21
CA GLY D 163 20.65 -3.30 20.39
C GLY D 163 20.00 -1.92 20.20
N HIS D 164 19.22 -1.48 21.18
CA HIS D 164 18.54 -0.20 21.12
C HIS D 164 18.36 0.44 22.50
N PHE D 165 19.27 0.12 23.41
CA PHE D 165 19.27 0.73 24.73
C PHE D 165 20.63 1.35 25.03
N SER D 166 21.28 1.86 23.99
CA SER D 166 22.59 2.49 24.12
C SER D 166 22.71 3.96 23.59
N THR D 167 21.87 4.31 22.63
CA THR D 167 21.83 5.68 22.15
C THR D 167 20.72 6.41 22.87
N PRO D 168 21.08 7.24 23.84
CA PRO D 168 20.17 7.80 24.83
C PRO D 168 19.35 8.97 24.30
N ASN D 169 18.14 9.11 24.79
CA ASN D 169 17.32 10.26 24.44
C ASN D 169 17.59 11.31 25.52
N VAL D 170 18.20 12.44 25.17
CA VAL D 170 18.64 13.39 26.20
C VAL D 170 18.00 14.75 25.96
N PRO D 171 16.87 15.01 26.63
CA PRO D 171 16.08 16.21 26.33
C PRO D 171 16.62 17.45 27.04
N PHE D 172 16.58 18.60 26.38
CA PHE D 172 16.92 19.86 27.05
C PHE D 172 15.71 20.49 27.77
N TYR D 173 15.94 20.87 29.02
CA TYR D 173 14.95 21.59 29.79
C TYR D 173 15.58 22.89 30.23
N GLU D 174 14.81 23.98 30.14
CA GLU D 174 15.26 25.28 30.60
C GLU D 174 16.03 25.11 31.91
N GLY D 175 17.25 25.65 31.95
CA GLY D 175 18.08 25.63 33.14
C GLY D 175 19.09 24.49 33.22
N PHE D 176 19.07 23.59 32.24
CA PHE D 176 19.97 22.45 32.28
C PHE D 176 21.42 22.90 32.10
N ASP D 177 21.60 23.83 31.18
CA ASP D 177 22.90 24.36 30.81
C ASP D 177 23.60 25.13 31.91
N THR D 178 22.82 25.66 32.86
CA THR D 178 23.41 26.49 33.91
C THR D 178 23.34 25.83 35.26
N PHE D 179 22.66 24.67 35.33
CA PHE D 179 22.57 23.94 36.58
C PHE D 179 23.95 23.78 37.22
N ASN D 180 24.03 24.03 38.52
CA ASN D 180 25.27 23.78 39.25
C ASN D 180 25.22 22.42 39.94
N GLY D 181 25.43 21.37 39.16
CA GLY D 181 25.41 20.02 39.69
C GLY D 181 25.48 18.99 38.59
N ARG D 182 25.50 17.73 38.98
CA ARG D 182 25.73 16.65 38.06
C ARG D 182 24.47 16.39 37.24
N ILE D 183 24.56 16.44 35.92
CA ILE D 183 23.42 16.04 35.10
C ILE D 183 23.85 14.97 34.14
N VAL D 184 23.32 13.78 34.36
CA VAL D 184 23.77 12.60 33.65
C VAL D 184 22.59 11.82 33.14
N HIS D 185 22.66 11.36 31.90
CA HIS D 185 21.67 10.42 31.41
C HIS D 185 21.95 9.04 32.01
N ALA D 186 20.92 8.21 32.13
CA ALA D 186 21.09 6.86 32.66
C ALA D 186 22.21 6.12 31.95
N HIS D 187 22.27 6.27 30.62
CA HIS D 187 23.29 5.59 29.80
C HIS D 187 24.70 5.75 30.36
N ASP D 188 24.94 6.86 31.04
CA ASP D 188 26.29 7.19 31.51
C ASP D 188 26.43 7.02 33.01
N PHE D 189 25.30 6.86 33.70
CA PHE D 189 25.27 6.59 35.13
C PHE D 189 26.11 5.34 35.44
N ARG D 190 26.89 5.38 36.51
CA ARG D 190 27.80 4.26 36.81
C ARG D 190 27.82 3.81 38.28
N ASP D 191 27.85 4.76 39.20
CA ASP D 191 28.14 4.45 40.60
C ASP D 191 27.32 5.29 41.57
N ALA D 192 26.34 4.66 42.19
CA ALA D 192 25.38 5.31 43.06
C ALA D 192 26.04 5.96 44.26
N ARG D 193 27.29 5.59 44.52
CA ARG D 193 27.99 6.11 45.70
C ARG D 193 28.16 7.61 45.57
N GLU D 194 28.19 8.07 44.32
CA GLU D 194 28.51 9.45 44.01
C GLU D 194 27.43 10.42 44.47
N PHE D 195 26.26 9.90 44.78
CA PHE D 195 25.14 10.78 45.12
C PHE D 195 24.75 10.63 46.58
N GLU D 196 25.54 9.84 47.31
CA GLU D 196 25.37 9.71 48.74
C GLU D 196 25.29 11.11 49.34
N GLY D 197 24.33 11.32 50.24
CA GLY D 197 24.17 12.61 50.89
C GLY D 197 23.58 13.67 50.00
N LYS D 198 23.37 13.33 48.72
CA LYS D 198 22.86 14.31 47.76
C LYS D 198 21.34 14.24 47.60
N ASP D 199 20.75 15.37 47.21
CA ASP D 199 19.34 15.39 46.82
C ASP D 199 19.29 15.12 45.33
N VAL D 200 18.79 13.95 44.96
CA VAL D 200 18.79 13.54 43.57
C VAL D 200 17.47 13.90 42.90
N LEU D 201 17.54 14.34 41.64
CA LEU D 201 16.35 14.41 40.81
C LEU D 201 16.46 13.34 39.74
N VAL D 202 15.45 12.47 39.66
CA VAL D 202 15.43 11.39 38.68
C VAL D 202 14.24 11.55 37.75
N MET D 203 14.53 11.78 36.47
CA MET D 203 13.51 12.10 35.49
C MET D 203 13.13 10.84 34.73
N GLY D 204 11.85 10.50 34.77
CA GLY D 204 11.39 9.26 34.18
C GLY D 204 10.46 8.44 35.06
N ALA D 205 9.69 7.56 34.44
CA ALA D 205 8.71 6.77 35.16
C ALA D 205 8.74 5.32 34.70
N SER D 206 9.88 4.85 34.23
CA SER D 206 9.98 3.53 33.62
C SER D 206 11.09 2.75 34.28
N SER D 207 11.48 1.62 33.69
CA SER D 207 12.45 0.71 34.31
C SER D 207 13.69 1.41 34.89
N SER D 208 14.28 2.34 34.15
CA SER D 208 15.50 2.97 34.63
C SER D 208 15.23 3.90 35.79
N ALA D 209 14.24 4.78 35.65
CA ALA D 209 13.83 5.61 36.77
C ALA D 209 13.71 4.78 38.07
N GLU D 210 13.04 3.63 37.99
CA GLU D 210 12.84 2.77 39.17
C GLU D 210 14.14 2.27 39.81
N ASP D 211 14.99 1.63 39.03
CA ASP D 211 16.15 0.96 39.60
C ASP D 211 17.23 1.97 39.95
N ILE D 212 17.48 2.91 39.04
CA ILE D 212 18.54 3.90 39.28
C ILE D 212 18.22 4.70 40.53
N GLY D 213 16.98 5.14 40.67
CA GLY D 213 16.52 5.83 41.87
C GLY D 213 16.77 4.95 43.08
N SER D 214 16.33 3.70 42.99
CA SER D 214 16.54 2.74 44.05
C SER D 214 18.02 2.62 44.43
N GLN D 215 18.88 2.55 43.42
CA GLN D 215 20.30 2.42 43.71
C GLN D 215 20.73 3.61 44.54
N CYS D 216 20.36 4.82 44.11
CA CYS D 216 20.78 6.03 44.81
C CYS D 216 20.27 6.05 46.27
N TRP D 217 19.02 5.62 46.46
CA TRP D 217 18.46 5.49 47.80
C TRP D 217 19.27 4.50 48.66
N LYS D 218 19.61 3.37 48.07
CA LYS D 218 20.30 2.30 48.77
C LYS D 218 21.68 2.73 49.24
N TYR D 219 22.34 3.56 48.43
CA TYR D 219 23.72 3.95 48.70
C TYR D 219 23.84 5.35 49.29
N GLY D 220 22.77 5.82 49.91
CA GLY D 220 22.86 6.96 50.80
C GLY D 220 22.40 8.34 50.33
N ALA D 221 21.71 8.38 49.18
CA ALA D 221 21.13 9.62 48.72
C ALA D 221 20.33 10.23 49.85
N LYS D 222 20.48 11.54 50.02
CA LYS D 222 19.73 12.24 51.06
C LYS D 222 18.24 12.13 50.77
N SER D 223 17.87 12.22 49.50
CA SER D 223 16.47 12.29 49.13
C SER D 223 16.30 12.15 47.64
N ILE D 224 15.33 11.35 47.24
CA ILE D 224 15.07 11.11 45.83
C ILE D 224 13.84 11.87 45.44
N THR D 225 13.93 12.64 44.36
CA THR D 225 12.75 13.23 43.75
C THR D 225 12.61 12.72 42.33
N SER D 226 11.78 11.69 42.14
CA SER D 226 11.43 11.23 40.80
C SER D 226 10.36 12.14 40.21
N CYS D 227 10.32 12.27 38.88
CA CYS D 227 9.30 13.10 38.24
C CYS D 227 8.78 12.48 36.94
N TYR D 228 7.48 12.64 36.71
CA TYR D 228 6.83 11.99 35.58
C TYR D 228 6.17 13.01 34.70
N ARG D 229 5.99 12.65 33.44
CA ARG D 229 5.24 13.52 32.53
C ARG D 229 3.98 12.80 32.06
N SER D 230 3.89 11.51 32.39
CA SER D 230 2.72 10.70 32.06
C SER D 230 2.42 10.01 33.38
N ALA D 231 1.80 8.84 33.32
CA ALA D 231 1.50 8.07 34.52
C ALA D 231 2.59 7.95 35.59
N PRO D 232 2.23 8.24 36.82
CA PRO D 232 3.13 8.01 37.96
C PRO D 232 3.59 6.55 37.97
N MET D 233 4.79 6.33 38.51
CA MET D 233 5.26 4.98 38.75
C MET D 233 4.30 4.27 39.70
N GLY D 234 3.79 5.00 40.68
CA GLY D 234 2.69 4.52 41.49
C GLY D 234 3.04 3.74 42.75
N TYR D 235 4.21 3.10 42.77
CA TYR D 235 4.62 2.35 43.94
C TYR D 235 4.67 3.23 45.17
N ALA D 236 4.67 2.62 46.34
CA ALA D 236 4.77 3.35 47.60
C ALA D 236 6.23 3.53 47.98
N TRP D 237 6.72 4.77 47.93
CA TRP D 237 8.13 5.07 48.13
C TRP D 237 8.46 5.33 49.58
N PRO D 238 9.73 5.14 49.94
CA PRO D 238 10.28 5.47 51.27
C PRO D 238 10.06 6.94 51.63
N ASP D 239 10.48 7.32 52.83
CA ASP D 239 10.26 8.68 53.31
C ASP D 239 11.18 9.67 52.64
N ASN D 240 12.28 9.19 52.08
CA ASN D 240 13.22 10.06 51.41
C ASN D 240 13.07 9.96 49.89
N TRP D 241 11.82 10.01 49.43
CA TRP D 241 11.52 9.83 48.02
C TRP D 241 10.11 10.31 47.75
N GLU D 242 9.99 11.26 46.84
CA GLU D 242 8.71 11.87 46.52
C GLU D 242 8.55 11.89 45.01
N GLU D 243 7.43 11.40 44.49
CA GLU D 243 7.20 11.39 43.05
C GLU D 243 6.36 12.58 42.64
N LYS D 244 6.91 13.46 41.81
CA LYS D 244 6.22 14.67 41.38
C LYS D 244 5.93 14.66 39.89
N PRO D 245 4.99 15.51 39.45
CA PRO D 245 4.66 15.70 38.04
C PRO D 245 5.82 16.33 37.26
N ALA D 246 5.51 16.75 36.04
CA ALA D 246 6.52 17.15 35.06
C ALA D 246 7.38 18.33 35.47
N LEU D 247 8.68 18.23 35.19
CA LEU D 247 9.60 19.35 35.37
C LEU D 247 9.25 20.48 34.40
N GLU D 248 9.18 21.70 34.92
CA GLU D 248 8.98 22.85 34.07
C GLU D 248 10.34 23.32 33.59
N LYS D 249 11.23 23.54 34.55
CA LYS D 249 12.53 24.16 34.32
C LYS D 249 13.32 24.17 35.62
N LEU D 250 14.56 24.64 35.52
CA LEU D 250 15.46 24.81 36.66
C LEU D 250 15.85 26.28 36.82
N THR D 251 15.96 26.75 38.06
CA THR D 251 16.56 28.08 38.32
C THR D 251 17.69 27.95 39.33
N GLY D 252 18.92 28.13 38.86
CA GLY D 252 20.07 27.86 39.70
C GLY D 252 20.11 26.38 40.03
N LYS D 253 19.53 26.02 41.17
CA LYS D 253 19.44 24.62 41.59
C LYS D 253 18.00 24.26 41.93
N THR D 254 17.12 25.22 41.76
CA THR D 254 15.72 25.04 42.12
C THR D 254 14.91 24.46 40.96
N ALA D 255 14.22 23.36 41.24
CA ALA D 255 13.38 22.71 40.25
C ALA D 255 11.94 23.17 40.42
N HIS D 256 11.35 23.57 39.31
CA HIS D 256 9.95 23.97 39.27
C HIS D 256 9.15 22.89 38.56
N PHE D 257 8.10 22.39 39.20
CA PHE D 257 7.30 21.32 38.64
C PHE D 257 5.95 21.80 38.12
N ALA D 258 5.23 20.90 37.45
CA ALA D 258 4.01 21.28 36.74
C ALA D 258 2.94 21.82 37.66
N ASP D 259 2.92 21.31 38.89
CA ASP D 259 1.91 21.72 39.87
C ASP D 259 2.42 22.79 40.82
N GLY D 260 3.25 23.70 40.31
CA GLY D 260 3.72 24.82 41.09
C GLY D 260 4.74 24.52 42.16
N SER D 261 4.88 23.27 42.56
CA SER D 261 5.82 22.95 43.61
C SER D 261 7.28 23.15 43.16
N THR D 262 8.18 23.00 44.12
CA THR D 262 9.57 23.44 43.98
C THR D 262 10.46 22.53 44.81
N ARG D 263 11.72 22.38 44.39
CA ARG D 263 12.68 21.58 45.14
C ARG D 263 14.10 21.87 44.66
N ASP D 264 15.02 22.05 45.61
CA ASP D 264 16.43 22.18 45.26
C ASP D 264 17.11 20.83 45.22
N VAL D 265 17.70 20.52 44.07
CA VAL D 265 18.38 19.25 43.86
C VAL D 265 19.88 19.44 43.61
N ASP D 266 20.68 18.42 43.93
CA ASP D 266 22.13 18.46 43.67
C ASP D 266 22.50 17.81 42.34
N ALA D 267 21.66 16.91 41.85
CA ALA D 267 21.98 16.12 40.68
C ALA D 267 20.72 15.74 39.94
N ILE D 268 20.78 15.70 38.62
CA ILE D 268 19.66 15.22 37.82
C ILE D 268 20.14 14.06 36.95
N ILE D 269 19.53 12.89 37.15
CA ILE D 269 19.78 11.70 36.34
C ILE D 269 18.63 11.49 35.36
N LEU D 270 18.87 11.69 34.07
CA LEU D 270 17.82 11.62 33.08
C LEU D 270 17.56 10.18 32.69
N CYS D 271 16.48 9.61 33.21
CA CYS D 271 16.14 8.24 32.88
C CYS D 271 15.05 8.26 31.83
N THR D 272 15.36 8.97 30.74
CA THR D 272 14.39 9.38 29.73
C THR D 272 14.43 8.51 28.46
N GLY D 273 15.02 7.33 28.57
CA GLY D 273 14.94 6.35 27.51
C GLY D 273 15.99 6.43 26.42
N TYR D 274 15.82 5.58 25.41
CA TYR D 274 16.80 5.49 24.33
C TYR D 274 16.12 5.56 22.97
N LYS D 275 16.91 5.54 21.90
CA LYS D 275 16.31 5.50 20.59
C LYS D 275 16.91 4.42 19.72
N HIS D 276 16.14 3.90 18.78
CA HIS D 276 16.75 3.03 17.80
C HIS D 276 17.55 3.92 16.86
N PHE D 277 18.87 3.80 16.95
CA PHE D 277 19.80 4.58 16.14
C PHE D 277 20.87 3.69 15.54
N PHE D 278 21.04 3.80 14.22
CA PHE D 278 22.04 3.05 13.48
C PHE D 278 22.82 4.04 12.60
N SER D 279 24.06 4.30 12.98
CA SER D 279 24.93 5.24 12.28
C SER D 279 25.55 4.62 11.07
N PHE D 280 25.32 3.32 10.88
CA PHE D 280 26.04 2.52 9.89
C PHE D 280 25.13 1.92 8.81
N LEU D 281 23.92 2.47 8.66
CA LEU D 281 22.97 1.95 7.68
C LEU D 281 22.36 3.06 6.85
N PRO D 282 22.26 2.86 5.53
CA PRO D 282 21.62 3.81 4.62
C PRO D 282 20.10 3.67 4.69
N ASP D 283 19.37 4.60 4.07
CA ASP D 283 17.91 4.65 4.21
C ASP D 283 17.23 3.31 3.97
N ASP D 284 17.62 2.62 2.90
CA ASP D 284 16.82 1.50 2.48
C ASP D 284 17.12 0.22 3.28
N LEU D 285 17.96 0.32 4.30
CA LEU D 285 18.20 -0.84 5.16
C LEU D 285 17.96 -0.45 6.59
N ARG D 286 17.69 0.82 6.80
CA ARG D 286 17.70 1.37 8.16
C ARG D 286 16.33 1.35 8.86
N LEU D 287 16.24 0.51 9.87
CA LEU D 287 15.02 0.36 10.63
C LEU D 287 14.76 1.64 11.41
N LYS D 288 13.61 2.27 11.14
CA LYS D 288 13.05 3.28 12.02
C LYS D 288 11.81 2.76 12.71
N THR D 289 11.77 2.92 14.03
CA THR D 289 10.66 2.41 14.81
C THR D 289 10.68 3.05 16.19
N ALA D 290 9.56 3.01 16.89
CA ALA D 290 9.53 3.40 18.30
C ALA D 290 9.82 2.15 19.12
N ASN D 291 9.94 2.32 20.43
CA ASN D 291 10.22 1.22 21.35
C ASN D 291 8.93 0.62 21.91
N ARG D 292 8.60 -0.60 21.50
CA ARG D 292 7.30 -1.21 21.77
C ARG D 292 7.33 -2.70 21.42
N LEU D 293 6.25 -3.41 21.70
CA LEU D 293 6.23 -4.86 21.48
C LEU D 293 6.03 -5.22 20.00
N ALA D 294 5.37 -4.33 19.27
CA ALA D 294 5.18 -4.55 17.83
C ALA D 294 6.09 -3.61 17.06
N THR D 295 7.29 -4.09 16.76
CA THR D 295 8.30 -3.26 16.14
C THR D 295 7.96 -3.00 14.66
N ALA D 296 7.95 -1.73 14.28
CA ALA D 296 7.63 -1.34 12.90
C ALA D 296 8.57 -1.99 11.87
N ASP D 297 8.02 -2.27 10.68
CA ASP D 297 8.77 -2.74 9.52
C ASP D 297 9.53 -4.07 9.66
N LEU D 298 9.17 -4.88 10.67
CA LEU D 298 9.76 -6.20 10.82
C LEU D 298 8.72 -7.30 10.67
N TYR D 299 8.75 -8.01 9.54
CA TYR D 299 7.92 -9.22 9.39
C TYR D 299 8.24 -10.20 10.51
N LYS D 300 7.23 -10.86 11.07
CA LYS D 300 7.40 -11.75 12.23
C LYS D 300 8.33 -11.17 13.31
N GLY D 301 8.46 -9.85 13.30
CA GLY D 301 9.29 -9.17 14.27
C GLY D 301 10.77 -9.39 14.03
N VAL D 302 11.12 -9.98 12.89
CA VAL D 302 12.52 -10.22 12.56
C VAL D 302 12.96 -9.90 11.13
N ALA D 303 12.11 -10.10 10.13
CA ALA D 303 12.58 -9.92 8.75
C ALA D 303 12.29 -8.50 8.26
N TYR D 304 13.32 -7.78 7.82
CA TYR D 304 13.12 -6.41 7.39
C TYR D 304 12.21 -6.29 6.14
N VAL D 305 11.09 -5.59 6.26
CA VAL D 305 10.11 -5.59 5.16
C VAL D 305 10.61 -5.01 3.83
N HIS D 306 11.52 -4.04 3.88
CA HIS D 306 12.06 -3.44 2.65
C HIS D 306 13.22 -4.24 2.07
N ASN D 307 13.77 -5.14 2.87
CA ASN D 307 14.72 -6.11 2.36
C ASN D 307 14.75 -7.28 3.30
N PRO D 308 13.94 -8.31 2.98
CA PRO D 308 13.74 -9.45 3.89
C PRO D 308 14.97 -10.37 3.95
N ALA D 309 16.00 -10.12 3.15
CA ALA D 309 17.28 -10.81 3.36
C ALA D 309 18.08 -10.18 4.51
N MET D 310 17.61 -9.04 5.03
CA MET D 310 18.21 -8.49 6.24
C MET D 310 17.30 -8.72 7.44
N PHE D 311 17.89 -8.94 8.60
CA PHE D 311 17.10 -9.27 9.77
C PHE D 311 17.52 -8.43 10.96
N TYR D 312 16.77 -8.52 12.04
CA TYR D 312 16.97 -7.66 13.19
C TYR D 312 16.54 -8.48 14.37
N LEU D 313 17.33 -8.45 15.44
CA LEU D 313 17.00 -9.20 16.65
C LEU D 313 16.90 -8.28 17.87
N GLY D 314 16.05 -8.67 18.82
CA GLY D 314 15.89 -7.95 20.06
C GLY D 314 15.40 -6.50 19.93
N MET D 315 14.97 -6.09 18.73
CA MET D 315 14.57 -4.69 18.55
C MET D 315 13.29 -4.32 19.28
N GLN D 316 12.56 -5.32 19.74
CA GLN D 316 11.34 -5.06 20.50
C GLN D 316 11.69 -4.51 21.88
N ASP D 317 10.74 -3.78 22.49
CA ASP D 317 10.77 -3.53 23.92
C ASP D 317 10.61 -4.92 24.57
N GLN D 318 11.09 -5.10 25.80
CA GLN D 318 11.31 -6.47 26.28
C GLN D 318 10.74 -6.79 27.65
N TRP D 319 9.74 -7.65 27.66
CA TRP D 319 9.31 -8.30 28.89
C TRP D 319 10.08 -9.61 28.91
N PHE D 320 10.10 -10.28 27.77
CA PHE D 320 10.95 -11.45 27.60
C PHE D 320 12.27 -11.02 26.99
N THR D 321 13.33 -11.67 27.42
CA THR D 321 14.64 -11.39 26.86
C THR D 321 15.28 -12.59 26.16
N PHE D 322 16.10 -13.36 26.89
CA PHE D 322 16.90 -14.43 26.28
C PHE D 322 16.03 -15.44 25.58
N ASN D 323 14.93 -15.85 26.22
CA ASN D 323 14.01 -16.81 25.62
C ASN D 323 13.52 -16.29 24.27
N MET D 324 13.28 -14.98 24.21
CA MET D 324 12.74 -14.41 22.99
C MET D 324 13.81 -14.37 21.92
N PHE D 325 15.00 -13.93 22.30
CA PHE D 325 16.11 -13.78 21.34
C PHE D 325 16.43 -15.15 20.74
N ASP D 326 16.42 -16.19 21.58
CA ASP D 326 16.52 -17.59 21.14
C ASP D 326 15.45 -17.91 20.11
N ALA D 327 14.19 -17.67 20.48
CA ALA D 327 13.05 -17.89 19.58
C ALA D 327 13.24 -17.16 18.26
N GLN D 328 13.71 -15.92 18.34
CA GLN D 328 13.89 -15.14 17.13
C GLN D 328 14.99 -15.68 16.25
N ALA D 329 16.12 -15.99 16.88
CA ALA D 329 17.30 -16.50 16.18
C ALA D 329 17.06 -17.85 15.45
N TRP D 330 16.37 -18.78 16.11
CA TRP D 330 16.01 -20.04 15.44
C TRP D 330 15.22 -19.75 14.17
N TRP D 331 14.35 -18.75 14.25
CA TRP D 331 13.44 -18.45 13.16
C TRP D 331 14.26 -17.82 12.03
N VAL D 332 15.08 -16.84 12.36
CA VAL D 332 16.01 -16.28 11.40
C VAL D 332 16.89 -17.38 10.78
N ARG D 333 17.49 -18.21 11.64
CA ARG D 333 18.25 -19.36 11.18
C ARG D 333 17.47 -20.13 10.14
N ASP D 334 16.30 -20.60 10.55
CA ASP D 334 15.47 -21.40 9.67
C ASP D 334 15.21 -20.62 8.41
N ALA D 335 14.90 -19.34 8.54
CA ALA D 335 14.63 -18.54 7.36
C ALA D 335 15.80 -18.72 6.40
N ILE D 336 17.01 -18.48 6.90
CA ILE D 336 18.18 -18.52 6.02
C ILE D 336 18.50 -19.92 5.49
N LEU D 337 18.32 -20.92 6.33
CA LEU D 337 18.58 -22.29 5.89
C LEU D 337 17.60 -22.74 4.80
N GLY D 338 16.41 -22.13 4.76
CA GLY D 338 15.40 -22.53 3.80
C GLY D 338 14.35 -23.44 4.41
N ARG D 339 14.45 -23.67 5.72
CA ARG D 339 13.38 -24.34 6.45
C ARG D 339 12.10 -23.49 6.45
N ILE D 340 12.28 -22.19 6.29
CA ILE D 340 11.18 -21.25 6.33
C ILE D 340 11.31 -20.28 5.16
N THR D 341 10.32 -20.26 4.27
CA THR D 341 10.33 -19.39 3.10
C THR D 341 9.58 -18.10 3.39
N LEU D 342 10.17 -16.97 2.99
CA LEU D 342 9.56 -15.66 3.20
C LEU D 342 8.57 -15.27 2.09
N PRO D 343 7.59 -14.43 2.42
CA PRO D 343 6.68 -13.89 1.41
C PRO D 343 7.48 -13.05 0.42
N LYS D 344 7.11 -13.13 -0.86
CA LYS D 344 7.65 -12.19 -1.81
C LYS D 344 6.84 -10.90 -1.75
N ASP D 345 5.60 -10.99 -1.30
CA ASP D 345 4.68 -9.84 -1.32
C ASP D 345 4.86 -8.85 -0.15
N LYS D 346 5.57 -7.75 -0.40
CA LYS D 346 5.79 -6.73 0.63
C LYS D 346 4.49 -6.25 1.33
N ALA D 347 3.39 -6.20 0.58
CA ALA D 347 2.11 -5.84 1.17
C ALA D 347 1.68 -6.85 2.26
N ALA D 348 1.98 -8.13 2.04
CA ALA D 348 1.74 -9.15 3.05
C ALA D 348 2.56 -8.87 4.30
N MET D 349 3.82 -8.49 4.10
CA MET D 349 4.74 -8.30 5.23
C MET D 349 4.25 -7.16 6.10
N LEU D 350 4.03 -6.00 5.48
CA LEU D 350 3.43 -4.86 6.17
C LEU D 350 2.09 -5.21 6.87
N ALA D 351 1.27 -6.05 6.25
CA ALA D 351 0.04 -6.45 6.91
C ALA D 351 0.33 -7.12 8.25
N ASP D 352 1.36 -7.95 8.28
CA ASP D 352 1.79 -8.63 9.51
C ASP D 352 2.19 -7.67 10.64
N VAL D 353 2.91 -6.60 10.29
CA VAL D 353 3.29 -5.58 11.27
C VAL D 353 2.02 -4.88 11.76
N ALA D 354 1.18 -4.46 10.81
CA ALA D 354 -0.06 -3.75 11.16
C ALA D 354 -0.92 -4.57 12.10
N GLU D 355 -1.14 -5.85 11.80
CA GLU D 355 -1.90 -6.70 12.71
C GLU D 355 -1.27 -6.72 14.08
N ARG D 356 0.07 -6.75 14.13
CA ARG D 356 0.78 -6.82 15.41
C ARG D 356 0.63 -5.52 16.20
N GLU D 357 0.77 -4.39 15.52
CA GLU D 357 0.62 -3.10 16.19
C GLU D 357 -0.77 -2.97 16.78
N THR D 358 -1.75 -3.37 15.99
CA THR D 358 -3.14 -3.18 16.38
C THR D 358 -3.51 -4.13 17.52
N ARG D 359 -3.00 -5.37 17.47
CA ARG D 359 -3.25 -6.30 18.56
C ARG D 359 -2.60 -5.75 19.81
N GLU D 360 -1.45 -5.10 19.64
CA GLU D 360 -0.74 -4.56 20.79
C GLU D 360 -1.57 -3.46 21.47
N GLU D 361 -2.21 -2.62 20.65
CA GLU D 361 -2.89 -1.42 21.15
C GLU D 361 -4.29 -1.69 21.69
N ALA D 362 -4.75 -2.92 21.58
CA ALA D 362 -6.12 -3.24 21.96
C ALA D 362 -6.35 -3.10 23.45
N SER D 363 -5.30 -3.13 24.25
CA SER D 363 -5.44 -2.96 25.69
C SER D 363 -4.15 -2.37 26.30
N ASP D 364 -4.27 -1.71 27.44
CA ASP D 364 -3.10 -1.10 28.09
C ASP D 364 -2.71 -1.80 29.40
N ASP D 365 -3.40 -2.89 29.67
CA ASP D 365 -3.15 -3.72 30.85
C ASP D 365 -1.75 -4.34 30.75
N VAL D 366 -1.00 -4.31 31.83
CA VAL D 366 0.35 -4.87 31.83
C VAL D 366 0.32 -6.38 31.59
N LYS D 367 -0.67 -7.06 32.17
CA LYS D 367 -0.80 -8.50 31.95
C LYS D 367 -1.18 -8.76 30.49
N TYR D 368 -1.89 -7.84 29.87
CA TYR D 368 -2.15 -7.98 28.45
C TYR D 368 -0.89 -7.74 27.64
N ALA D 369 0.00 -6.91 28.15
CA ALA D 369 1.25 -6.64 27.45
C ALA D 369 2.17 -7.88 27.51
N ILE D 370 2.35 -8.41 28.72
CA ILE D 370 3.20 -9.58 28.90
C ILE D 370 2.63 -10.73 28.11
N ARG D 371 1.33 -10.96 28.29
CA ARG D 371 0.64 -12.05 27.62
C ARG D 371 0.93 -11.94 26.12
N TYR D 372 0.97 -10.70 25.63
CA TYR D 372 1.22 -10.45 24.21
C TYR D 372 2.58 -10.95 23.74
N GLN D 373 3.62 -10.67 24.50
CA GLN D 373 4.94 -11.07 24.02
C GLN D 373 5.12 -12.58 24.24
N ALA D 374 4.56 -13.09 25.33
CA ALA D 374 4.44 -14.54 25.51
C ALA D 374 3.85 -15.17 24.26
N ASP D 375 2.76 -14.59 23.75
CA ASP D 375 2.12 -15.06 22.51
C ASP D 375 3.07 -15.00 21.34
N TYR D 376 3.89 -13.93 21.30
CA TYR D 376 4.88 -13.74 20.23
C TYR D 376 5.90 -14.87 20.23
N VAL D 377 6.54 -15.07 21.38
CA VAL D 377 7.51 -16.15 21.54
C VAL D 377 6.88 -17.48 21.13
N LYS D 378 5.72 -17.76 21.70
CA LYS D 378 5.01 -19.02 21.40
C LYS D 378 4.81 -19.17 19.92
N GLU D 379 4.38 -18.09 19.25
CA GLU D 379 4.20 -18.11 17.81
C GLU D 379 5.47 -18.59 17.12
N LEU D 380 6.58 -17.97 17.50
CA LEU D 380 7.85 -18.22 16.84
C LEU D 380 8.42 -19.61 17.12
N VAL D 381 8.37 -20.03 18.38
CA VAL D 381 8.79 -21.36 18.74
C VAL D 381 8.08 -22.41 17.87
N ALA D 382 6.75 -22.31 17.79
CA ALA D 382 5.95 -23.28 17.03
C ALA D 382 6.34 -23.41 15.56
N GLU D 383 7.19 -22.51 15.07
CA GLU D 383 7.51 -22.48 13.63
C GLU D 383 8.91 -23.00 13.31
N THR D 384 9.63 -23.44 14.34
CA THR D 384 10.98 -23.94 14.17
C THR D 384 11.19 -25.11 15.12
N ASP D 385 12.36 -25.76 15.01
CA ASP D 385 12.63 -26.93 15.84
C ASP D 385 13.08 -26.51 17.23
N TYR D 386 12.79 -25.27 17.62
CA TYR D 386 13.21 -24.83 18.93
C TYR D 386 12.39 -25.55 19.99
N PRO D 387 13.07 -26.14 20.98
CA PRO D 387 12.38 -26.84 22.09
C PRO D 387 11.30 -25.97 22.74
N SER D 388 10.03 -26.25 22.44
CA SER D 388 8.95 -25.53 23.10
C SER D 388 9.14 -25.64 24.61
N PHE D 389 8.54 -24.73 25.37
CA PHE D 389 8.72 -24.73 26.82
C PHE D 389 7.58 -24.05 27.54
N ASP D 390 7.57 -24.18 28.87
CA ASP D 390 6.49 -23.65 29.69
C ASP D 390 6.56 -22.13 29.75
N ILE D 391 6.00 -21.49 28.72
CA ILE D 391 5.98 -20.03 28.62
C ILE D 391 5.01 -19.47 29.64
N ASP D 392 3.78 -19.97 29.63
CA ASP D 392 2.80 -19.54 30.61
C ASP D 392 3.43 -19.59 31.99
N GLY D 393 4.28 -20.59 32.22
CA GLY D 393 5.03 -20.65 33.44
C GLY D 393 5.74 -19.32 33.63
N ALA D 394 6.43 -18.87 32.58
CA ALA D 394 7.09 -17.56 32.57
C ALA D 394 6.11 -16.44 32.93
N CYS D 395 4.99 -16.38 32.22
CA CYS D 395 3.98 -15.36 32.48
C CYS D 395 3.59 -15.27 33.95
N ASP D 396 3.23 -16.40 34.54
CA ASP D 396 2.76 -16.43 35.93
C ASP D 396 3.81 -15.86 36.89
N ALA D 397 5.08 -16.13 36.61
CA ALA D 397 6.17 -15.58 37.42
C ALA D 397 6.19 -14.07 37.32
N PHE D 398 6.13 -13.57 36.08
CA PHE D 398 6.07 -12.13 35.82
C PHE D 398 4.86 -11.53 36.53
N PHE D 399 3.74 -12.25 36.48
CA PHE D 399 2.55 -11.82 37.18
C PHE D 399 2.82 -11.77 38.71
N GLU D 400 3.52 -12.76 39.23
CA GLU D 400 3.88 -12.72 40.64
C GLU D 400 4.81 -11.54 40.89
N TRP D 401 5.73 -11.36 39.96
CA TRP D 401 6.74 -10.31 40.05
C TRP D 401 6.07 -8.95 40.15
N LYS D 402 5.22 -8.62 39.17
CA LYS D 402 4.57 -7.32 39.17
C LYS D 402 3.88 -7.09 40.51
N LYS D 403 3.25 -8.15 41.03
CA LYS D 403 2.58 -8.09 42.32
C LYS D 403 3.55 -7.81 43.46
N HIS D 404 4.74 -8.39 43.39
CA HIS D 404 5.75 -8.12 44.40
C HIS D 404 6.17 -6.66 44.38
N LYS D 405 6.43 -6.12 43.19
CA LYS D 405 6.85 -4.73 43.08
C LYS D 405 5.80 -3.78 43.64
N ALA D 406 4.54 -4.01 43.28
CA ALA D 406 3.44 -3.21 43.79
C ALA D 406 3.41 -3.24 45.32
N LYS D 407 3.52 -4.45 45.87
CA LYS D 407 3.53 -4.62 47.32
C LYS D 407 4.59 -3.82 48.06
N ASP D 408 5.85 -4.24 47.92
CA ASP D 408 6.98 -3.51 48.51
C ASP D 408 8.04 -3.29 47.43
N ILE D 409 8.04 -2.09 46.89
CA ILE D 409 8.89 -1.77 45.75
C ILE D 409 10.36 -1.92 46.11
N MET D 410 10.74 -1.43 47.28
CA MET D 410 12.13 -1.47 47.71
C MET D 410 12.56 -2.88 48.09
N ALA D 411 11.58 -3.73 48.39
CA ALA D 411 11.88 -5.04 48.94
C ALA D 411 11.66 -6.18 47.96
N PHE D 412 11.15 -5.86 46.78
CA PHE D 412 10.75 -6.92 45.85
C PHE D 412 11.86 -7.88 45.49
N ARG D 413 13.10 -7.43 45.56
CA ARG D 413 14.23 -8.28 45.18
C ARG D 413 14.44 -9.42 46.16
N ASP D 414 13.88 -9.29 47.37
CA ASP D 414 13.93 -10.35 48.36
C ASP D 414 12.67 -11.22 48.28
N ASN D 415 12.62 -12.07 47.26
CA ASN D 415 11.58 -13.06 47.15
C ASN D 415 12.12 -14.23 46.34
N SER D 416 11.32 -15.29 46.24
CA SER D 416 11.68 -16.42 45.40
C SER D 416 10.50 -16.85 44.53
N TYR D 417 10.78 -17.65 43.50
CA TYR D 417 9.75 -18.09 42.57
C TYR D 417 9.91 -19.55 42.14
N LYS D 418 8.78 -20.19 41.83
CA LYS D 418 8.83 -21.53 41.27
C LYS D 418 9.87 -21.58 40.14
N SER D 419 10.68 -22.63 40.13
CA SER D 419 11.52 -22.92 38.98
C SER D 419 10.60 -23.46 37.91
N VAL D 420 11.06 -23.47 36.66
CA VAL D 420 10.22 -23.94 35.57
C VAL D 420 10.63 -25.35 35.13
N ILE D 421 11.93 -25.65 35.24
CA ILE D 421 12.44 -26.95 34.87
C ILE D 421 12.17 -27.96 35.99
N THR D 422 11.61 -27.47 37.08
CA THR D 422 11.01 -28.32 38.11
C THR D 422 9.60 -27.80 38.40
N GLY D 423 9.51 -26.84 39.31
CA GLY D 423 8.25 -26.25 39.74
C GLY D 423 8.39 -25.86 41.19
N THR D 424 9.62 -25.50 41.56
CA THR D 424 10.04 -25.35 42.96
C THR D 424 10.47 -23.93 43.34
N MET D 425 9.99 -23.45 44.49
CA MET D 425 10.38 -22.15 45.04
C MET D 425 11.88 -22.01 45.24
N ALA D 426 12.50 -21.10 44.49
CA ALA D 426 13.94 -20.83 44.58
C ALA D 426 14.38 -20.48 45.99
N PRO D 427 15.67 -20.69 46.30
CA PRO D 427 16.14 -20.47 47.67
C PRO D 427 16.20 -19.00 48.04
N VAL D 428 16.34 -18.73 49.33
CA VAL D 428 16.47 -17.36 49.82
C VAL D 428 17.93 -16.93 49.71
N HIS D 429 18.16 -15.69 49.31
CA HIS D 429 19.53 -15.19 49.31
C HIS D 429 20.04 -15.08 50.75
N HIS D 430 21.35 -15.08 50.92
CA HIS D 430 21.91 -15.00 52.25
C HIS D 430 21.71 -13.63 52.88
N THR D 431 21.55 -12.60 52.05
CA THR D 431 21.49 -11.22 52.54
C THR D 431 20.46 -10.34 51.82
N PRO D 432 19.57 -9.70 52.60
CA PRO D 432 18.60 -8.75 52.07
C PRO D 432 19.25 -7.74 51.12
N TRP D 433 18.43 -7.20 50.22
CA TRP D 433 18.96 -6.41 49.13
C TRP D 433 19.59 -5.09 49.57
N LYS D 434 18.86 -4.31 50.37
CA LYS D 434 19.36 -3.00 50.81
C LYS D 434 20.70 -3.12 51.52
N GLU D 435 20.89 -4.23 52.21
CA GLU D 435 22.12 -4.45 52.96
C GLU D 435 23.21 -5.09 52.11
N ALA D 436 22.81 -5.72 51.00
CA ALA D 436 23.76 -6.40 50.12
C ALA D 436 24.53 -5.41 49.26
N LEU D 437 25.32 -4.57 49.93
CA LEU D 437 26.10 -3.51 49.26
C LEU D 437 27.11 -4.03 48.24
N ASP D 438 27.88 -5.05 48.63
CA ASP D 438 28.90 -5.57 47.74
C ASP D 438 28.26 -6.12 46.48
N ASP D 439 28.84 -5.76 45.36
CA ASP D 439 28.30 -6.03 44.04
C ASP D 439 28.70 -7.42 43.53
N SER D 440 29.92 -7.83 43.89
CA SER D 440 30.62 -8.93 43.22
C SER D 440 29.87 -10.25 43.15
N MET D 441 30.14 -10.99 42.08
CA MET D 441 29.60 -12.34 41.92
C MET D 441 30.01 -13.26 43.07
N GLU D 442 31.25 -13.12 43.52
CA GLU D 442 31.75 -13.98 44.57
C GLU D 442 31.08 -13.71 45.91
N ALA D 443 30.80 -12.43 46.19
CA ALA D 443 30.08 -12.09 47.40
C ALA D 443 28.65 -12.62 47.29
N TYR D 444 28.35 -13.19 46.12
CA TYR D 444 27.04 -13.75 45.86
C TYR D 444 27.07 -15.28 45.91
N LEU D 445 28.18 -15.87 45.46
CA LEU D 445 28.31 -17.33 45.37
C LEU D 445 29.04 -17.99 46.54
N GLN D 446 29.74 -17.17 47.33
CA GLN D 446 30.53 -17.64 48.47
C GLN D 446 31.80 -18.36 48.01
#